data_8XKT
# 
_entry.id   8XKT 
# 
_audit_conform.dict_name       mmcif_pdbx.dic 
_audit_conform.dict_version    5.399 
_audit_conform.dict_location   http://mmcif.pdb.org/dictionaries/ascii/mmcif_pdbx.dic 
# 
loop_
_database_2.database_id 
_database_2.database_code 
_database_2.pdbx_database_accession 
_database_2.pdbx_DOI 
PDB   8XKT         pdb_00008xkt 10.2210/pdb8xkt/pdb 
WWPDB D_1300043707 ?            ?                   
# 
_pdbx_audit_revision_history.ordinal             1 
_pdbx_audit_revision_history.data_content_type   'Structure model' 
_pdbx_audit_revision_history.major_revision      1 
_pdbx_audit_revision_history.minor_revision      0 
_pdbx_audit_revision_history.revision_date       2025-01-01 
# 
_pdbx_audit_revision_details.ordinal             1 
_pdbx_audit_revision_details.revision_ordinal    1 
_pdbx_audit_revision_details.data_content_type   'Structure model' 
_pdbx_audit_revision_details.provider            repository 
_pdbx_audit_revision_details.type                'Initial release' 
_pdbx_audit_revision_details.description         ? 
_pdbx_audit_revision_details.details             ? 
# 
_pdbx_database_status.status_code                     REL 
_pdbx_database_status.status_code_sf                  REL 
_pdbx_database_status.status_code_mr                  ? 
_pdbx_database_status.entry_id                        8XKT 
_pdbx_database_status.recvd_initial_deposition_date   2023-12-24 
_pdbx_database_status.SG_entry                        N 
_pdbx_database_status.deposit_site                    PDBJ 
_pdbx_database_status.process_site                    PDBJ 
_pdbx_database_status.status_code_cs                  ? 
_pdbx_database_status.status_code_nmr_data            ? 
_pdbx_database_status.methods_development_category    ? 
_pdbx_database_status.pdb_format_compatible           Y 
# 
_pdbx_contact_author.id                 2 
_pdbx_contact_author.email              xiewei6@mail.sysu.edu.cn 
_pdbx_contact_author.name_first         Wei 
_pdbx_contact_author.name_last          Xie 
_pdbx_contact_author.name_mi            ? 
_pdbx_contact_author.role               'principal investigator/group leader' 
_pdbx_contact_author.identifier_ORCID   0000-0003-2410-2135 
# 
loop_
_audit_author.name 
_audit_author.pdbx_ordinal 
_audit_author.identifier_ORCID 
'Xie, W.'   1 0000-0003-2410-2135 
'Zhang, J.' 2 0000-0002-1629-6622 
'Jia, Q.'   3 0000-0002-8348-7744 
# 
_citation.abstract                  ? 
_citation.abstract_id_CAS           ? 
_citation.book_id_ISBN              ? 
_citation.book_publisher            ? 
_citation.book_publisher_city       ? 
_citation.book_title                ? 
_citation.coordinate_linkage        ? 
_citation.country                   ? 
_citation.database_id_Medline       ? 
_citation.details                   ? 
_citation.id                        primary 
_citation.journal_abbrev            'To be published' 
_citation.journal_id_ASTM           ? 
_citation.journal_id_CSD            0353 
_citation.journal_id_ISSN           ? 
_citation.journal_full              ? 
_citation.journal_issue             ? 
_citation.journal_volume            ? 
_citation.language                  ? 
_citation.page_first                ? 
_citation.page_last                 ? 
_citation.title                     'The structure of the Spodoptera litura chemosensory protein Csp3' 
_citation.year                      ? 
_citation.database_id_CSD           ? 
_citation.pdbx_database_id_DOI      ? 
_citation.pdbx_database_id_PubMed   ? 
_citation.pdbx_database_id_patent   ? 
_citation.unpublished_flag          ? 
# 
loop_
_citation_author.citation_id 
_citation_author.name 
_citation_author.ordinal 
_citation_author.identifier_ORCID 
primary 'Xie, W.'   1 0000-0003-2410-2135 
primary 'Zhang, J.' 2 0000-0002-1629-6622 
primary 'Jia, Q.'   3 0000-0002-8348-7744 
# 
loop_
_entity.id 
_entity.type 
_entity.src_method 
_entity.pdbx_description 
_entity.formula_weight 
_entity.pdbx_number_of_molecules 
_entity.pdbx_ec 
_entity.pdbx_mutation 
_entity.pdbx_fragment 
_entity.details 
1 polymer man 'chemosensory protein' 14415.526 1  ? ? ? ? 
2 water   nat water                  18.015    42 ? ? ? ? 
# 
_entity_poly.entity_id                      1 
_entity_poly.type                           'polypeptide(L)' 
_entity_poly.nstd_linkage                   no 
_entity_poly.nstd_monomer                   no 
_entity_poly.pdbx_seq_one_letter_code       
;MNFLVLSIVVTMAAFVAAETYTDRYDHINIDEIIENRKLLVPYIKCTLDQGRCTPEGRELKAHIKDAMQTSCSKCTEKQK
KGARKVVRHIRAKEQEYWKQILAKYDPEDQYKENYETFLAAED
;
_entity_poly.pdbx_seq_one_letter_code_can   
;MNFLVLSIVVTMAAFVAAETYTDRYDHINIDEIIENRKLLVPYIKCTLDQGRCTPEGRELKAHIKDAMQTSCSKCTEKQK
KGARKVVRHIRAKEQEYWKQILAKYDPEDQYKENYETFLAAED
;
_entity_poly.pdbx_strand_id                 A 
_entity_poly.pdbx_target_identifier         ? 
# 
_pdbx_entity_nonpoly.entity_id   2 
_pdbx_entity_nonpoly.name        water 
_pdbx_entity_nonpoly.comp_id     HOH 
# 
loop_
_entity_poly_seq.entity_id 
_entity_poly_seq.num 
_entity_poly_seq.mon_id 
_entity_poly_seq.hetero 
1 1   MET n 
1 2   ASN n 
1 3   PHE n 
1 4   LEU n 
1 5   VAL n 
1 6   LEU n 
1 7   SER n 
1 8   ILE n 
1 9   VAL n 
1 10  VAL n 
1 11  THR n 
1 12  MET n 
1 13  ALA n 
1 14  ALA n 
1 15  PHE n 
1 16  VAL n 
1 17  ALA n 
1 18  ALA n 
1 19  GLU n 
1 20  THR n 
1 21  TYR n 
1 22  THR n 
1 23  ASP n 
1 24  ARG n 
1 25  TYR n 
1 26  ASP n 
1 27  HIS n 
1 28  ILE n 
1 29  ASN n 
1 30  ILE n 
1 31  ASP n 
1 32  GLU n 
1 33  ILE n 
1 34  ILE n 
1 35  GLU n 
1 36  ASN n 
1 37  ARG n 
1 38  LYS n 
1 39  LEU n 
1 40  LEU n 
1 41  VAL n 
1 42  PRO n 
1 43  TYR n 
1 44  ILE n 
1 45  LYS n 
1 46  CYS n 
1 47  THR n 
1 48  LEU n 
1 49  ASP n 
1 50  GLN n 
1 51  GLY n 
1 52  ARG n 
1 53  CYS n 
1 54  THR n 
1 55  PRO n 
1 56  GLU n 
1 57  GLY n 
1 58  ARG n 
1 59  GLU n 
1 60  LEU n 
1 61  LYS n 
1 62  ALA n 
1 63  HIS n 
1 64  ILE n 
1 65  LYS n 
1 66  ASP n 
1 67  ALA n 
1 68  MET n 
1 69  GLN n 
1 70  THR n 
1 71  SER n 
1 72  CYS n 
1 73  SER n 
1 74  LYS n 
1 75  CYS n 
1 76  THR n 
1 77  GLU n 
1 78  LYS n 
1 79  GLN n 
1 80  LYS n 
1 81  LYS n 
1 82  GLY n 
1 83  ALA n 
1 84  ARG n 
1 85  LYS n 
1 86  VAL n 
1 87  VAL n 
1 88  ARG n 
1 89  HIS n 
1 90  ILE n 
1 91  ARG n 
1 92  ALA n 
1 93  LYS n 
1 94  GLU n 
1 95  GLN n 
1 96  GLU n 
1 97  TYR n 
1 98  TRP n 
1 99  LYS n 
1 100 GLN n 
1 101 ILE n 
1 102 LEU n 
1 103 ALA n 
1 104 LYS n 
1 105 TYR n 
1 106 ASP n 
1 107 PRO n 
1 108 GLU n 
1 109 ASP n 
1 110 GLN n 
1 111 TYR n 
1 112 LYS n 
1 113 GLU n 
1 114 ASN n 
1 115 TYR n 
1 116 GLU n 
1 117 THR n 
1 118 PHE n 
1 119 LEU n 
1 120 ALA n 
1 121 ALA n 
1 122 GLU n 
1 123 ASP n 
# 
_entity_src_gen.entity_id                          1 
_entity_src_gen.pdbx_src_id                        1 
_entity_src_gen.pdbx_alt_source_flag               sample 
_entity_src_gen.pdbx_seq_type                      'Biological sequence' 
_entity_src_gen.pdbx_beg_seq_num                   1 
_entity_src_gen.pdbx_end_seq_num                   123 
_entity_src_gen.gene_src_common_name               ? 
_entity_src_gen.gene_src_genus                     ? 
_entity_src_gen.pdbx_gene_src_gene                 'CSP3, KT261674' 
_entity_src_gen.gene_src_species                   ? 
_entity_src_gen.gene_src_strain                    ? 
_entity_src_gen.gene_src_tissue                    ? 
_entity_src_gen.gene_src_tissue_fraction           ? 
_entity_src_gen.gene_src_details                   ? 
_entity_src_gen.pdbx_gene_src_fragment             ? 
_entity_src_gen.pdbx_gene_src_scientific_name      'Spodoptera litura' 
_entity_src_gen.pdbx_gene_src_ncbi_taxonomy_id     69820 
_entity_src_gen.pdbx_gene_src_variant              ? 
_entity_src_gen.pdbx_gene_src_cell_line            ? 
_entity_src_gen.pdbx_gene_src_atcc                 ? 
_entity_src_gen.pdbx_gene_src_organ                ? 
_entity_src_gen.pdbx_gene_src_organelle            ? 
_entity_src_gen.pdbx_gene_src_cell                 ? 
_entity_src_gen.pdbx_gene_src_cellular_location    ? 
_entity_src_gen.host_org_common_name               ? 
_entity_src_gen.pdbx_host_org_scientific_name      'Escherichia coli' 
_entity_src_gen.pdbx_host_org_ncbi_taxonomy_id     562 
_entity_src_gen.host_org_genus                     ? 
_entity_src_gen.pdbx_host_org_gene                 ? 
_entity_src_gen.pdbx_host_org_organ                ? 
_entity_src_gen.host_org_species                   ? 
_entity_src_gen.pdbx_host_org_tissue               ? 
_entity_src_gen.pdbx_host_org_tissue_fraction      ? 
_entity_src_gen.pdbx_host_org_strain               ? 
_entity_src_gen.pdbx_host_org_variant              ? 
_entity_src_gen.pdbx_host_org_cell_line            ? 
_entity_src_gen.pdbx_host_org_atcc                 ? 
_entity_src_gen.pdbx_host_org_culture_collection   ? 
_entity_src_gen.pdbx_host_org_cell                 ? 
_entity_src_gen.pdbx_host_org_organelle            ? 
_entity_src_gen.pdbx_host_org_cellular_location    ? 
_entity_src_gen.pdbx_host_org_vector_type          ? 
_entity_src_gen.pdbx_host_org_vector               ? 
_entity_src_gen.host_org_details                   ? 
_entity_src_gen.expression_system_id               ? 
_entity_src_gen.plasmid_name                       ? 
_entity_src_gen.plasmid_details                    ? 
_entity_src_gen.pdbx_description                   ? 
# 
loop_
_chem_comp.id 
_chem_comp.type 
_chem_comp.mon_nstd_flag 
_chem_comp.name 
_chem_comp.pdbx_synonyms 
_chem_comp.formula 
_chem_comp.formula_weight 
ALA 'L-peptide linking' y ALANINE         ? 'C3 H7 N O2'     89.093  
ARG 'L-peptide linking' y ARGININE        ? 'C6 H15 N4 O2 1' 175.209 
ASN 'L-peptide linking' y ASPARAGINE      ? 'C4 H8 N2 O3'    132.118 
ASP 'L-peptide linking' y 'ASPARTIC ACID' ? 'C4 H7 N O4'     133.103 
CYS 'L-peptide linking' y CYSTEINE        ? 'C3 H7 N O2 S'   121.158 
GLN 'L-peptide linking' y GLUTAMINE       ? 'C5 H10 N2 O3'   146.144 
GLU 'L-peptide linking' y 'GLUTAMIC ACID' ? 'C5 H9 N O4'     147.129 
GLY 'peptide linking'   y GLYCINE         ? 'C2 H5 N O2'     75.067  
HIS 'L-peptide linking' y HISTIDINE       ? 'C6 H10 N3 O2 1' 156.162 
HOH non-polymer         . WATER           ? 'H2 O'           18.015  
ILE 'L-peptide linking' y ISOLEUCINE      ? 'C6 H13 N O2'    131.173 
LEU 'L-peptide linking' y LEUCINE         ? 'C6 H13 N O2'    131.173 
LYS 'L-peptide linking' y LYSINE          ? 'C6 H15 N2 O2 1' 147.195 
MET 'L-peptide linking' y METHIONINE      ? 'C5 H11 N O2 S'  149.211 
PHE 'L-peptide linking' y PHENYLALANINE   ? 'C9 H11 N O2'    165.189 
PRO 'L-peptide linking' y PROLINE         ? 'C5 H9 N O2'     115.130 
SER 'L-peptide linking' y SERINE          ? 'C3 H7 N O3'     105.093 
THR 'L-peptide linking' y THREONINE       ? 'C4 H9 N O3'     119.119 
TRP 'L-peptide linking' y TRYPTOPHAN      ? 'C11 H12 N2 O2'  204.225 
TYR 'L-peptide linking' y TYROSINE        ? 'C9 H11 N O3'    181.189 
VAL 'L-peptide linking' y VALINE          ? 'C5 H11 N O2'    117.146 
# 
loop_
_pdbx_poly_seq_scheme.asym_id 
_pdbx_poly_seq_scheme.entity_id 
_pdbx_poly_seq_scheme.seq_id 
_pdbx_poly_seq_scheme.mon_id 
_pdbx_poly_seq_scheme.ndb_seq_num 
_pdbx_poly_seq_scheme.pdb_seq_num 
_pdbx_poly_seq_scheme.auth_seq_num 
_pdbx_poly_seq_scheme.pdb_mon_id 
_pdbx_poly_seq_scheme.auth_mon_id 
_pdbx_poly_seq_scheme.pdb_strand_id 
_pdbx_poly_seq_scheme.pdb_ins_code 
_pdbx_poly_seq_scheme.hetero 
A 1 1   MET 1   1   ?   ?   ?   A . n 
A 1 2   ASN 2   2   ?   ?   ?   A . n 
A 1 3   PHE 3   3   ?   ?   ?   A . n 
A 1 4   LEU 4   4   ?   ?   ?   A . n 
A 1 5   VAL 5   5   ?   ?   ?   A . n 
A 1 6   LEU 6   6   ?   ?   ?   A . n 
A 1 7   SER 7   7   ?   ?   ?   A . n 
A 1 8   ILE 8   8   ?   ?   ?   A . n 
A 1 9   VAL 9   9   ?   ?   ?   A . n 
A 1 10  VAL 10  10  ?   ?   ?   A . n 
A 1 11  THR 11  11  ?   ?   ?   A . n 
A 1 12  MET 12  12  ?   ?   ?   A . n 
A 1 13  ALA 13  13  ?   ?   ?   A . n 
A 1 14  ALA 14  14  ?   ?   ?   A . n 
A 1 15  PHE 15  15  ?   ?   ?   A . n 
A 1 16  VAL 16  16  ?   ?   ?   A . n 
A 1 17  ALA 17  17  ?   ?   ?   A . n 
A 1 18  ALA 18  18  ?   ?   ?   A . n 
A 1 19  GLU 19  19  ?   ?   ?   A . n 
A 1 20  THR 20  20  ?   ?   ?   A . n 
A 1 21  TYR 21  21  ?   ?   ?   A . n 
A 1 22  THR 22  22  ?   ?   ?   A . n 
A 1 23  ASP 23  23  ?   ?   ?   A . n 
A 1 24  ARG 24  24  ?   ?   ?   A . n 
A 1 25  TYR 25  25  ?   ?   ?   A . n 
A 1 26  ASP 26  26  ?   ?   ?   A . n 
A 1 27  HIS 27  27  ?   ?   ?   A . n 
A 1 28  ILE 28  28  ?   ?   ?   A . n 
A 1 29  ASN 29  29  29  ASN ASN A . n 
A 1 30  ILE 30  30  30  ILE ILE A . n 
A 1 31  ASP 31  31  31  ASP ASP A . n 
A 1 32  GLU 32  32  32  GLU GLU A . n 
A 1 33  ILE 33  33  33  ILE ILE A . n 
A 1 34  ILE 34  34  34  ILE ILE A . n 
A 1 35  GLU 35  35  35  GLU GLU A . n 
A 1 36  ASN 36  36  36  ASN ASN A . n 
A 1 37  ARG 37  37  37  ARG ARG A . n 
A 1 38  LYS 38  38  38  LYS LYS A . n 
A 1 39  LEU 39  39  39  LEU LEU A . n 
A 1 40  LEU 40  40  40  LEU LEU A . n 
A 1 41  VAL 41  41  41  VAL VAL A . n 
A 1 42  PRO 42  42  42  PRO PRO A . n 
A 1 43  TYR 43  43  43  TYR TYR A . n 
A 1 44  ILE 44  44  44  ILE ILE A . n 
A 1 45  LYS 45  45  45  LYS LYS A . n 
A 1 46  CYS 46  46  46  CYS CYS A . n 
A 1 47  THR 47  47  47  THR THR A . n 
A 1 48  LEU 48  48  48  LEU LEU A . n 
A 1 49  ASP 49  49  49  ASP ASP A . n 
A 1 50  GLN 50  50  50  GLN GLN A . n 
A 1 51  GLY 51  51  51  GLY GLY A . n 
A 1 52  ARG 52  52  52  ARG ARG A . n 
A 1 53  CYS 53  53  53  CYS CYS A . n 
A 1 54  THR 54  54  54  THR THR A . n 
A 1 55  PRO 55  55  55  PRO PRO A . n 
A 1 56  GLU 56  56  56  GLU GLU A . n 
A 1 57  GLY 57  57  57  GLY GLY A . n 
A 1 58  ARG 58  58  58  ARG ARG A . n 
A 1 59  GLU 59  59  59  GLU GLU A . n 
A 1 60  LEU 60  60  60  LEU LEU A . n 
A 1 61  LYS 61  61  61  LYS LYS A . n 
A 1 62  ALA 62  62  62  ALA ALA A . n 
A 1 63  HIS 63  63  63  HIS HIS A . n 
A 1 64  ILE 64  64  64  ILE ILE A . n 
A 1 65  LYS 65  65  65  LYS LYS A . n 
A 1 66  ASP 66  66  66  ASP ASP A . n 
A 1 67  ALA 67  67  67  ALA ALA A . n 
A 1 68  MET 68  68  68  MET MET A . n 
A 1 69  GLN 69  69  69  GLN GLN A . n 
A 1 70  THR 70  70  70  THR THR A . n 
A 1 71  SER 71  71  71  SER SER A . n 
A 1 72  CYS 72  72  72  CYS CYS A . n 
A 1 73  SER 73  73  73  SER SER A . n 
A 1 74  LYS 74  74  74  LYS LYS A . n 
A 1 75  CYS 75  75  75  CYS CYS A . n 
A 1 76  THR 76  76  76  THR THR A . n 
A 1 77  GLU 77  77  77  GLU GLU A . n 
A 1 78  LYS 78  78  78  LYS LYS A . n 
A 1 79  GLN 79  79  79  GLN GLN A . n 
A 1 80  LYS 80  80  80  LYS LYS A . n 
A 1 81  LYS 81  81  81  LYS LYS A . n 
A 1 82  GLY 82  82  82  GLY GLY A . n 
A 1 83  ALA 83  83  83  ALA ALA A . n 
A 1 84  ARG 84  84  84  ARG ARG A . n 
A 1 85  LYS 85  85  85  LYS LYS A . n 
A 1 86  VAL 86  86  86  VAL VAL A . n 
A 1 87  VAL 87  87  87  VAL VAL A . n 
A 1 88  ARG 88  88  88  ARG ARG A . n 
A 1 89  HIS 89  89  89  HIS HIS A . n 
A 1 90  ILE 90  90  90  ILE ILE A . n 
A 1 91  ARG 91  91  91  ARG ARG A . n 
A 1 92  ALA 92  92  92  ALA ALA A . n 
A 1 93  LYS 93  93  93  LYS LYS A . n 
A 1 94  GLU 94  94  94  GLU GLU A . n 
A 1 95  GLN 95  95  95  GLN GLN A . n 
A 1 96  GLU 96  96  96  GLU GLU A . n 
A 1 97  TYR 97  97  97  TYR TYR A . n 
A 1 98  TRP 98  98  98  TRP TRP A . n 
A 1 99  LYS 99  99  99  LYS LYS A . n 
A 1 100 GLN 100 100 100 GLN GLN A . n 
A 1 101 ILE 101 101 101 ILE ILE A . n 
A 1 102 LEU 102 102 102 LEU LEU A . n 
A 1 103 ALA 103 103 103 ALA ALA A . n 
A 1 104 LYS 104 104 104 LYS LYS A . n 
A 1 105 TYR 105 105 105 TYR TYR A . n 
A 1 106 ASP 106 106 106 ASP ASP A . n 
A 1 107 PRO 107 107 107 PRO PRO A . n 
A 1 108 GLU 108 108 108 GLU GLU A . n 
A 1 109 ASP 109 109 109 ASP ASP A . n 
A 1 110 GLN 110 110 110 GLN GLN A . n 
A 1 111 TYR 111 111 111 TYR TYR A . n 
A 1 112 LYS 112 112 112 LYS LYS A . n 
A 1 113 GLU 113 113 113 GLU GLU A . n 
A 1 114 ASN 114 114 114 ASN ASN A . n 
A 1 115 TYR 115 115 115 TYR TYR A . n 
A 1 116 GLU 116 116 116 GLU GLU A . n 
A 1 117 THR 117 117 117 THR THR A . n 
A 1 118 PHE 118 118 118 PHE PHE A . n 
A 1 119 LEU 119 119 119 LEU LEU A . n 
A 1 120 ALA 120 120 120 ALA ALA A . n 
A 1 121 ALA 121 121 121 ALA ALA A . n 
A 1 122 GLU 122 122 ?   ?   ?   A . n 
A 1 123 ASP 123 123 ?   ?   ?   A . n 
# 
loop_
_pdbx_nonpoly_scheme.asym_id 
_pdbx_nonpoly_scheme.entity_id 
_pdbx_nonpoly_scheme.mon_id 
_pdbx_nonpoly_scheme.ndb_seq_num 
_pdbx_nonpoly_scheme.pdb_seq_num 
_pdbx_nonpoly_scheme.auth_seq_num 
_pdbx_nonpoly_scheme.pdb_mon_id 
_pdbx_nonpoly_scheme.auth_mon_id 
_pdbx_nonpoly_scheme.pdb_strand_id 
_pdbx_nonpoly_scheme.pdb_ins_code 
B 2 HOH 1  201 36 HOH HOH A . 
B 2 HOH 2  202 25 HOH HOH A . 
B 2 HOH 3  203 41 HOH HOH A . 
B 2 HOH 4  204 31 HOH HOH A . 
B 2 HOH 5  205 15 HOH HOH A . 
B 2 HOH 6  206 17 HOH HOH A . 
B 2 HOH 7  207 43 HOH HOH A . 
B 2 HOH 8  208 34 HOH HOH A . 
B 2 HOH 9  209 9  HOH HOH A . 
B 2 HOH 10 210 32 HOH HOH A . 
B 2 HOH 11 211 24 HOH HOH A . 
B 2 HOH 12 212 22 HOH HOH A . 
B 2 HOH 13 213 19 HOH HOH A . 
B 2 HOH 14 214 3  HOH HOH A . 
B 2 HOH 15 215 12 HOH HOH A . 
B 2 HOH 16 216 14 HOH HOH A . 
B 2 HOH 17 217 4  HOH HOH A . 
B 2 HOH 18 218 16 HOH HOH A . 
B 2 HOH 19 219 8  HOH HOH A . 
B 2 HOH 20 220 11 HOH HOH A . 
B 2 HOH 21 221 1  HOH HOH A . 
B 2 HOH 22 222 20 HOH HOH A . 
B 2 HOH 23 223 13 HOH HOH A . 
B 2 HOH 24 224 10 HOH HOH A . 
B 2 HOH 25 225 2  HOH HOH A . 
B 2 HOH 26 226 30 HOH HOH A . 
B 2 HOH 27 227 42 HOH HOH A . 
B 2 HOH 28 228 28 HOH HOH A . 
B 2 HOH 29 229 35 HOH HOH A . 
B 2 HOH 30 230 23 HOH HOH A . 
B 2 HOH 31 231 40 HOH HOH A . 
B 2 HOH 32 232 21 HOH HOH A . 
B 2 HOH 33 233 37 HOH HOH A . 
B 2 HOH 34 234 5  HOH HOH A . 
B 2 HOH 35 235 33 HOH HOH A . 
B 2 HOH 36 236 38 HOH HOH A . 
B 2 HOH 37 237 39 HOH HOH A . 
B 2 HOH 38 238 29 HOH HOH A . 
B 2 HOH 39 239 26 HOH HOH A . 
B 2 HOH 40 240 6  HOH HOH A . 
B 2 HOH 41 241 27 HOH HOH A . 
B 2 HOH 42 242 7  HOH HOH A . 
# 
loop_
_pdbx_unobs_or_zero_occ_atoms.id 
_pdbx_unobs_or_zero_occ_atoms.PDB_model_num 
_pdbx_unobs_or_zero_occ_atoms.polymer_flag 
_pdbx_unobs_or_zero_occ_atoms.occupancy_flag 
_pdbx_unobs_or_zero_occ_atoms.auth_asym_id 
_pdbx_unobs_or_zero_occ_atoms.auth_comp_id 
_pdbx_unobs_or_zero_occ_atoms.auth_seq_id 
_pdbx_unobs_or_zero_occ_atoms.PDB_ins_code 
_pdbx_unobs_or_zero_occ_atoms.auth_atom_id 
_pdbx_unobs_or_zero_occ_atoms.label_alt_id 
_pdbx_unobs_or_zero_occ_atoms.label_asym_id 
_pdbx_unobs_or_zero_occ_atoms.label_comp_id 
_pdbx_unobs_or_zero_occ_atoms.label_seq_id 
_pdbx_unobs_or_zero_occ_atoms.label_atom_id 
1  1 Y 1 A LYS 78 ? CG  ? A LYS 78 CG  
2  1 Y 1 A LYS 78 ? CD  ? A LYS 78 CD  
3  1 Y 1 A LYS 78 ? CE  ? A LYS 78 CE  
4  1 Y 1 A LYS 78 ? NZ  ? A LYS 78 NZ  
5  1 Y 1 A LYS 81 ? CG  ? A LYS 81 CG  
6  1 Y 1 A LYS 81 ? CD  ? A LYS 81 CD  
7  1 Y 1 A LYS 81 ? CE  ? A LYS 81 CE  
8  1 Y 1 A LYS 81 ? NZ  ? A LYS 81 NZ  
9  1 Y 1 A GLN 95 ? CG  ? A GLN 95 CG  
10 1 Y 1 A GLN 95 ? CD  ? A GLN 95 CD  
11 1 Y 1 A GLN 95 ? OE1 ? A GLN 95 OE1 
12 1 Y 1 A GLN 95 ? NE2 ? A GLN 95 NE2 
# 
loop_
_software.citation_id 
_software.classification 
_software.compiler_name 
_software.compiler_version 
_software.contact_author 
_software.contact_author_email 
_software.date 
_software.description 
_software.dependencies 
_software.hardware 
_software.language 
_software.location 
_software.mods 
_software.name 
_software.os 
_software.os_version 
_software.type 
_software.version 
_software.pdbx_ordinal 
? refinement       ? ? ? ? ? ? ? ? ? ? ? PHENIX   ? ? ? 1.14_3260 1 
? 'data reduction' ? ? ? ? ? ? ? ? ? ? ? HKL-3000 ? ? ? .         2 
? 'data scaling'   ? ? ? ? ? ? ? ? ? ? ? HKL-3000 ? ? ? .         3 
? phasing          ? ? ? ? ? ? ? ? ? ? ? HKL-3000 ? ? ? .         4 
# 
_cell.angle_alpha                  90.000 
_cell.angle_alpha_esd              ? 
_cell.angle_beta                   90.000 
_cell.angle_beta_esd               ? 
_cell.angle_gamma                  90.000 
_cell.angle_gamma_esd              ? 
_cell.entry_id                     8XKT 
_cell.details                      ? 
_cell.formula_units_Z              ? 
_cell.length_a                     40.196 
_cell.length_a_esd                 ? 
_cell.length_b                     40.196 
_cell.length_b_esd                 ? 
_cell.length_c                     133.821 
_cell.length_c_esd                 ? 
_cell.volume                       216221.357 
_cell.volume_esd                   ? 
_cell.Z_PDB                        8 
_cell.reciprocal_angle_alpha       ? 
_cell.reciprocal_angle_beta        ? 
_cell.reciprocal_angle_gamma       ? 
_cell.reciprocal_angle_alpha_esd   ? 
_cell.reciprocal_angle_beta_esd    ? 
_cell.reciprocal_angle_gamma_esd   ? 
_cell.reciprocal_length_a          ? 
_cell.reciprocal_length_b          ? 
_cell.reciprocal_length_c          ? 
_cell.reciprocal_length_a_esd      ? 
_cell.reciprocal_length_b_esd      ? 
_cell.reciprocal_length_c_esd      ? 
_cell.pdbx_unique_axis             ? 
_cell.pdbx_esd_method              ? 
# 
_symmetry.entry_id                         8XKT 
_symmetry.cell_setting                     ? 
_symmetry.Int_Tables_number                95 
_symmetry.space_group_name_Hall            'P 4cw 2c' 
_symmetry.space_group_name_H-M             'P 43 2 2' 
_symmetry.pdbx_full_space_group_name_H-M   ? 
# 
_exptl.absorpt_coefficient_mu     ? 
_exptl.absorpt_correction_T_max   ? 
_exptl.absorpt_correction_T_min   ? 
_exptl.absorpt_correction_type    ? 
_exptl.absorpt_process_details    ? 
_exptl.entry_id                   8XKT 
_exptl.crystals_number            1 
_exptl.details                    ? 
_exptl.method                     'X-RAY DIFFRACTION' 
_exptl.method_details             ? 
# 
_exptl_crystal.colour                       ? 
_exptl_crystal.density_diffrn               ? 
_exptl_crystal.density_Matthews             1.87 
_exptl_crystal.density_method               ? 
_exptl_crystal.density_percent_sol          34.40 
_exptl_crystal.description                  ? 
_exptl_crystal.F_000                        ? 
_exptl_crystal.id                           1 
_exptl_crystal.preparation                  ? 
_exptl_crystal.size_max                     ? 
_exptl_crystal.size_mid                     ? 
_exptl_crystal.size_min                     ? 
_exptl_crystal.size_rad                     ? 
_exptl_crystal.colour_lustre                ? 
_exptl_crystal.colour_modifier              ? 
_exptl_crystal.colour_primary               ? 
_exptl_crystal.density_meas                 ? 
_exptl_crystal.density_meas_esd             ? 
_exptl_crystal.density_meas_gt              ? 
_exptl_crystal.density_meas_lt              ? 
_exptl_crystal.density_meas_temp            ? 
_exptl_crystal.density_meas_temp_esd        ? 
_exptl_crystal.density_meas_temp_gt         ? 
_exptl_crystal.density_meas_temp_lt         ? 
_exptl_crystal.pdbx_crystal_image_url       ? 
_exptl_crystal.pdbx_crystal_image_format    ? 
_exptl_crystal.pdbx_mosaicity               ? 
_exptl_crystal.pdbx_mosaicity_esd           ? 
_exptl_crystal.pdbx_mosaic_method           ? 
_exptl_crystal.pdbx_mosaic_block_size       ? 
_exptl_crystal.pdbx_mosaic_block_size_esd   ? 
# 
_exptl_crystal_grow.apparatus       ? 
_exptl_crystal_grow.atmosphere      ? 
_exptl_crystal_grow.crystal_id      1 
_exptl_crystal_grow.details         ? 
_exptl_crystal_grow.method          'VAPOR DIFFUSION, SITTING DROP' 
_exptl_crystal_grow.method_ref      ? 
_exptl_crystal_grow.pH              6.5 
_exptl_crystal_grow.pressure        ? 
_exptl_crystal_grow.pressure_esd    ? 
_exptl_crystal_grow.seeding         ? 
_exptl_crystal_grow.seeding_ref     ? 
_exptl_crystal_grow.temp_details    ? 
_exptl_crystal_grow.temp_esd        ? 
_exptl_crystal_grow.time            ? 
_exptl_crystal_grow.pdbx_details    '3 M (NH4)2SO4, 0.1 M NaAsO2 (pH 6.5)' 
_exptl_crystal_grow.pdbx_pH_range   ? 
_exptl_crystal_grow.temp            298 
# 
_diffrn.ambient_environment              ? 
_diffrn.ambient_temp                     100 
_diffrn.ambient_temp_details             ? 
_diffrn.ambient_temp_esd                 ? 
_diffrn.crystal_id                       1 
_diffrn.crystal_support                  ? 
_diffrn.crystal_treatment                ? 
_diffrn.details                          ? 
_diffrn.id                               1 
_diffrn.ambient_pressure                 ? 
_diffrn.ambient_pressure_esd             ? 
_diffrn.ambient_pressure_gt              ? 
_diffrn.ambient_pressure_lt              ? 
_diffrn.ambient_temp_gt                  ? 
_diffrn.ambient_temp_lt                  ? 
_diffrn.pdbx_serial_crystal_experiment   N 
# 
_diffrn_detector.details                      ? 
_diffrn_detector.detector                     CCD 
_diffrn_detector.diffrn_id                    1 
_diffrn_detector.type                         'OXFORD ONYX CCD' 
_diffrn_detector.area_resol_mean              ? 
_diffrn_detector.dtime                        ? 
_diffrn_detector.pdbx_frames_total            ? 
_diffrn_detector.pdbx_collection_time_total   ? 
_diffrn_detector.pdbx_collection_date         2022-06-09 
_diffrn_detector.pdbx_frequency               ? 
_diffrn_detector.id                           ? 
_diffrn_detector.number_of_axes               ? 
# 
_diffrn_radiation.collimation                      ? 
_diffrn_radiation.diffrn_id                        1 
_diffrn_radiation.filter_edge                      ? 
_diffrn_radiation.inhomogeneity                    ? 
_diffrn_radiation.monochromator                    ? 
_diffrn_radiation.polarisn_norm                    ? 
_diffrn_radiation.polarisn_ratio                   ? 
_diffrn_radiation.probe                            ? 
_diffrn_radiation.type                             ? 
_diffrn_radiation.xray_symbol                      ? 
_diffrn_radiation.wavelength_id                    1 
_diffrn_radiation.pdbx_monochromatic_or_laue_m_l   M 
_diffrn_radiation.pdbx_wavelength_list             ? 
_diffrn_radiation.pdbx_wavelength                  ? 
_diffrn_radiation.pdbx_diffrn_protocol             'SINGLE WAVELENGTH' 
_diffrn_radiation.pdbx_analyzer                    ? 
_diffrn_radiation.pdbx_scattering_type             x-ray 
# 
_diffrn_radiation_wavelength.id           1 
_diffrn_radiation_wavelength.wavelength   1.54 
_diffrn_radiation_wavelength.wt           1.0 
# 
_diffrn_source.current                     ? 
_diffrn_source.details                     ? 
_diffrn_source.diffrn_id                   1 
_diffrn_source.power                       ? 
_diffrn_source.size                        ? 
_diffrn_source.source                      'ROTATING ANODE' 
_diffrn_source.target                      ? 
_diffrn_source.type                        RIGAKU 
_diffrn_source.voltage                     ? 
_diffrn_source.take-off_angle              ? 
_diffrn_source.pdbx_wavelength_list        1.54 
_diffrn_source.pdbx_wavelength             ? 
_diffrn_source.pdbx_synchrotron_beamline   ? 
_diffrn_source.pdbx_synchrotron_site       ? 
# 
_reflns.B_iso_Wilson_estimate                          21.40 
_reflns.entry_id                                       8XKT 
_reflns.data_reduction_details                         ? 
_reflns.data_reduction_method                          ? 
_reflns.d_resolution_high                              2.50 
_reflns.d_resolution_low                               22.30 
_reflns.details                                        ? 
_reflns.limit_h_max                                    ? 
_reflns.limit_h_min                                    ? 
_reflns.limit_k_max                                    ? 
_reflns.limit_k_min                                    ? 
_reflns.limit_l_max                                    ? 
_reflns.limit_l_min                                    ? 
_reflns.number_all                                     ? 
_reflns.number_obs                                     4252 
_reflns.observed_criterion                             ? 
_reflns.observed_criterion_F_max                       ? 
_reflns.observed_criterion_F_min                       ? 
_reflns.observed_criterion_I_max                       ? 
_reflns.observed_criterion_I_min                       ? 
_reflns.observed_criterion_sigma_F                     ? 
_reflns.observed_criterion_sigma_I                     ? 
_reflns.percent_possible_obs                           99.8 
_reflns.R_free_details                                 ? 
_reflns.Rmerge_F_all                                   ? 
_reflns.Rmerge_F_obs                                   ? 
_reflns.Friedel_coverage                               ? 
_reflns.number_gt                                      ? 
_reflns.threshold_expression                           ? 
_reflns.pdbx_redundancy                                6.2 
_reflns.pdbx_netI_over_av_sigmaI                       ? 
_reflns.pdbx_netI_over_sigmaI                          7.4 
_reflns.pdbx_res_netI_over_av_sigmaI_2                 ? 
_reflns.pdbx_res_netI_over_sigmaI_2                    ? 
_reflns.pdbx_chi_squared                               ? 
_reflns.pdbx_scaling_rejects                           ? 
_reflns.pdbx_d_res_high_opt                            ? 
_reflns.pdbx_d_res_low_opt                             ? 
_reflns.pdbx_d_res_opt_method                          ? 
_reflns.phase_calculation_details                      ? 
_reflns.pdbx_Rrim_I_all                                0.313 
_reflns.pdbx_Rpim_I_all                                ? 
_reflns.pdbx_d_opt                                     ? 
_reflns.pdbx_number_measured_all                       ? 
_reflns.pdbx_diffrn_id                                 1 
_reflns.pdbx_ordinal                                   1 
_reflns.pdbx_CC_half                                   0.978 
_reflns.pdbx_CC_star                                   ? 
_reflns.pdbx_R_split                                   ? 
_reflns.pdbx_Rmerge_I_obs                              0.288 
_reflns.pdbx_Rmerge_I_all                              ? 
_reflns.pdbx_Rsym_value                                ? 
_reflns.pdbx_CC_split_method                           ? 
_reflns.pdbx_aniso_diffraction_limit_axis_1_ortho[1]   ? 
_reflns.pdbx_aniso_diffraction_limit_axis_1_ortho[2]   ? 
_reflns.pdbx_aniso_diffraction_limit_axis_1_ortho[3]   ? 
_reflns.pdbx_aniso_diffraction_limit_axis_2_ortho[1]   ? 
_reflns.pdbx_aniso_diffraction_limit_axis_2_ortho[2]   ? 
_reflns.pdbx_aniso_diffraction_limit_axis_2_ortho[3]   ? 
_reflns.pdbx_aniso_diffraction_limit_axis_3_ortho[1]   ? 
_reflns.pdbx_aniso_diffraction_limit_axis_3_ortho[2]   ? 
_reflns.pdbx_aniso_diffraction_limit_axis_3_ortho[3]   ? 
_reflns.pdbx_aniso_diffraction_limit_1                 ? 
_reflns.pdbx_aniso_diffraction_limit_2                 ? 
_reflns.pdbx_aniso_diffraction_limit_3                 ? 
_reflns.pdbx_aniso_B_tensor_eigenvector_1_ortho[1]     ? 
_reflns.pdbx_aniso_B_tensor_eigenvector_1_ortho[2]     ? 
_reflns.pdbx_aniso_B_tensor_eigenvector_1_ortho[3]     ? 
_reflns.pdbx_aniso_B_tensor_eigenvector_2_ortho[1]     ? 
_reflns.pdbx_aniso_B_tensor_eigenvector_2_ortho[2]     ? 
_reflns.pdbx_aniso_B_tensor_eigenvector_2_ortho[3]     ? 
_reflns.pdbx_aniso_B_tensor_eigenvector_3_ortho[1]     ? 
_reflns.pdbx_aniso_B_tensor_eigenvector_3_ortho[2]     ? 
_reflns.pdbx_aniso_B_tensor_eigenvector_3_ortho[3]     ? 
_reflns.pdbx_aniso_B_tensor_eigenvalue_1               ? 
_reflns.pdbx_aniso_B_tensor_eigenvalue_2               ? 
_reflns.pdbx_aniso_B_tensor_eigenvalue_3               ? 
_reflns.pdbx_orthogonalization_convention              ? 
_reflns.pdbx_percent_possible_ellipsoidal              ? 
_reflns.pdbx_percent_possible_spherical                ? 
_reflns.pdbx_percent_possible_ellipsoidal_anomalous    ? 
_reflns.pdbx_percent_possible_spherical_anomalous      ? 
_reflns.pdbx_redundancy_anomalous                      ? 
_reflns.pdbx_CC_half_anomalous                         ? 
_reflns.pdbx_absDiff_over_sigma_anomalous              ? 
_reflns.pdbx_percent_possible_anomalous                ? 
_reflns.pdbx_observed_signal_threshold                 ? 
_reflns.pdbx_signal_type                               ? 
_reflns.pdbx_signal_details                            ? 
_reflns.pdbx_signal_software_id                        ? 
# 
_reflns_shell.d_res_high                                    2.50 
_reflns_shell.d_res_low                                     2.64 
_reflns_shell.meanI_over_sigI_all                           ? 
_reflns_shell.meanI_over_sigI_obs                           2.6 
_reflns_shell.number_measured_all                           ? 
_reflns_shell.number_measured_obs                           ? 
_reflns_shell.number_possible                               ? 
_reflns_shell.number_unique_all                             ? 
_reflns_shell.number_unique_obs                             594 
_reflns_shell.percent_possible_obs                          ? 
_reflns_shell.Rmerge_F_all                                  ? 
_reflns_shell.Rmerge_F_obs                                  ? 
_reflns_shell.meanI_over_sigI_gt                            ? 
_reflns_shell.meanI_over_uI_all                             ? 
_reflns_shell.meanI_over_uI_gt                              ? 
_reflns_shell.number_measured_gt                            ? 
_reflns_shell.number_unique_gt                              ? 
_reflns_shell.percent_possible_gt                           ? 
_reflns_shell.Rmerge_F_gt                                   ? 
_reflns_shell.Rmerge_I_gt                                   ? 
_reflns_shell.pdbx_redundancy                               6.7 
_reflns_shell.pdbx_chi_squared                              ? 
_reflns_shell.pdbx_netI_over_sigmaI_all                     ? 
_reflns_shell.pdbx_netI_over_sigmaI_obs                     ? 
_reflns_shell.pdbx_Rrim_I_all                               1.067 
_reflns_shell.pdbx_Rpim_I_all                               ? 
_reflns_shell.pdbx_rejects                                  ? 
_reflns_shell.pdbx_ordinal                                  1 
_reflns_shell.pdbx_diffrn_id                                1 
_reflns_shell.pdbx_CC_half                                  0.659 
_reflns_shell.pdbx_CC_star                                  ? 
_reflns_shell.pdbx_R_split                                  ? 
_reflns_shell.percent_possible_all                          100 
_reflns_shell.Rmerge_I_all                                  ? 
_reflns_shell.Rmerge_I_obs                                  0.987 
_reflns_shell.pdbx_Rsym_value                               ? 
_reflns_shell.pdbx_percent_possible_ellipsoidal             ? 
_reflns_shell.pdbx_percent_possible_spherical               ? 
_reflns_shell.pdbx_percent_possible_ellipsoidal_anomalous   ? 
_reflns_shell.pdbx_percent_possible_spherical_anomalous     ? 
_reflns_shell.pdbx_redundancy_anomalous                     ? 
_reflns_shell.pdbx_CC_half_anomalous                        ? 
_reflns_shell.pdbx_absDiff_over_sigma_anomalous             ? 
_reflns_shell.pdbx_percent_possible_anomalous               ? 
# 
_refine.aniso_B[1][1]                            ? 
_refine.aniso_B[1][2]                            ? 
_refine.aniso_B[1][3]                            ? 
_refine.aniso_B[2][2]                            ? 
_refine.aniso_B[2][3]                            ? 
_refine.aniso_B[3][3]                            ? 
_refine.B_iso_max                                ? 
_refine.B_iso_mean                               23.66 
_refine.B_iso_min                                ? 
_refine.correlation_coeff_Fo_to_Fc               ? 
_refine.correlation_coeff_Fo_to_Fc_free          ? 
_refine.details                                  ? 
_refine.diff_density_max                         ? 
_refine.diff_density_max_esd                     ? 
_refine.diff_density_min                         ? 
_refine.diff_density_min_esd                     ? 
_refine.diff_density_rms                         ? 
_refine.diff_density_rms_esd                     ? 
_refine.entry_id                                 8XKT 
_refine.pdbx_refine_id                           'X-RAY DIFFRACTION' 
_refine.ls_abs_structure_details                 ? 
_refine.ls_abs_structure_Flack                   ? 
_refine.ls_abs_structure_Flack_esd               ? 
_refine.ls_abs_structure_Rogers                  ? 
_refine.ls_abs_structure_Rogers_esd              ? 
_refine.ls_d_res_high                            2.50 
_refine.ls_d_res_low                             22.28 
_refine.ls_extinction_coef                       ? 
_refine.ls_extinction_coef_esd                   ? 
_refine.ls_extinction_expression                 ? 
_refine.ls_extinction_method                     ? 
_refine.ls_goodness_of_fit_all                   ? 
_refine.ls_goodness_of_fit_all_esd               ? 
_refine.ls_goodness_of_fit_obs                   ? 
_refine.ls_goodness_of_fit_obs_esd               ? 
_refine.ls_hydrogen_treatment                    ? 
_refine.ls_matrix_type                           ? 
_refine.ls_number_constraints                    ? 
_refine.ls_number_parameters                     ? 
_refine.ls_number_reflns_all                     ? 
_refine.ls_number_reflns_obs                     4209 
_refine.ls_number_reflns_R_free                  175 
_refine.ls_number_reflns_R_work                  4034 
_refine.ls_number_restraints                     ? 
_refine.ls_percent_reflns_obs                    99.67 
_refine.ls_percent_reflns_R_free                 4.16 
_refine.ls_R_factor_all                          ? 
_refine.ls_R_factor_obs                          0.2351 
_refine.ls_R_factor_R_free                       0.2462 
_refine.ls_R_factor_R_free_error                 ? 
_refine.ls_R_factor_R_free_error_details         ? 
_refine.ls_R_factor_R_work                       0.2346 
_refine.ls_R_Fsqd_factor_obs                     ? 
_refine.ls_R_I_factor_obs                        ? 
_refine.ls_redundancy_reflns_all                 ? 
_refine.ls_redundancy_reflns_obs                 ? 
_refine.ls_restrained_S_all                      ? 
_refine.ls_restrained_S_obs                      ? 
_refine.ls_shift_over_esd_max                    ? 
_refine.ls_shift_over_esd_mean                   ? 
_refine.ls_structure_factor_coef                 ? 
_refine.ls_weighting_details                     ? 
_refine.ls_weighting_scheme                      ? 
_refine.ls_wR_factor_all                         ? 
_refine.ls_wR_factor_obs                         ? 
_refine.ls_wR_factor_R_free                      ? 
_refine.ls_wR_factor_R_work                      ? 
_refine.occupancy_max                            ? 
_refine.occupancy_min                            ? 
_refine.solvent_model_details                    'FLAT BULK SOLVENT MODEL' 
_refine.solvent_model_param_bsol                 ? 
_refine.solvent_model_param_ksol                 ? 
_refine.pdbx_R_complete                          ? 
_refine.ls_R_factor_gt                           ? 
_refine.ls_goodness_of_fit_gt                    ? 
_refine.ls_goodness_of_fit_ref                   ? 
_refine.ls_shift_over_su_max                     ? 
_refine.ls_shift_over_su_max_lt                  ? 
_refine.ls_shift_over_su_mean                    ? 
_refine.ls_shift_over_su_mean_lt                 ? 
_refine.pdbx_ls_sigma_I                          ? 
_refine.pdbx_ls_sigma_F                          1.35 
_refine.pdbx_ls_sigma_Fsqd                       ? 
_refine.pdbx_data_cutoff_high_absF               ? 
_refine.pdbx_data_cutoff_high_rms_absF           ? 
_refine.pdbx_data_cutoff_low_absF                ? 
_refine.pdbx_isotropic_thermal_model             ? 
_refine.pdbx_ls_cross_valid_method               'FREE R-VALUE' 
_refine.pdbx_method_to_determine_struct          'MOLECULAR REPLACEMENT' 
_refine.pdbx_starting_model                      ? 
_refine.pdbx_stereochemistry_target_values       'CDL v1.2' 
_refine.pdbx_R_Free_selection_details            ? 
_refine.pdbx_stereochem_target_val_spec_case     ? 
_refine.pdbx_overall_ESU_R                       ? 
_refine.pdbx_overall_ESU_R_Free                  ? 
_refine.pdbx_solvent_vdw_probe_radii             1.1100 
_refine.pdbx_solvent_ion_probe_radii             ? 
_refine.pdbx_solvent_shrinkage_radii             0.9000 
_refine.pdbx_real_space_R                        ? 
_refine.pdbx_density_correlation                 ? 
_refine.pdbx_pd_number_of_powder_patterns        ? 
_refine.pdbx_pd_number_of_points                 ? 
_refine.pdbx_pd_meas_number_of_points            ? 
_refine.pdbx_pd_proc_ls_prof_R_factor            ? 
_refine.pdbx_pd_proc_ls_prof_wR_factor           ? 
_refine.pdbx_pd_Marquardt_correlation_coeff      ? 
_refine.pdbx_pd_Fsqrd_R_factor                   ? 
_refine.pdbx_pd_ls_matrix_band_width             ? 
_refine.pdbx_overall_phase_error                 18.2389 
_refine.pdbx_overall_SU_R_free_Cruickshank_DPI   ? 
_refine.pdbx_overall_SU_R_free_Blow_DPI          ? 
_refine.pdbx_overall_SU_R_Blow_DPI               ? 
_refine.pdbx_TLS_residual_ADP_flag               ? 
_refine.pdbx_diffrn_id                           1 
_refine.overall_SU_B                             ? 
_refine.overall_SU_ML                            0.2144 
_refine.overall_SU_R_Cruickshank_DPI             ? 
_refine.overall_SU_R_free                        ? 
_refine.overall_FOM_free_R_set                   ? 
_refine.overall_FOM_work_R_set                   ? 
_refine.pdbx_average_fsc_overall                 ? 
_refine.pdbx_average_fsc_work                    ? 
_refine.pdbx_average_fsc_free                    ? 
# 
_refine_hist.pdbx_refine_id                   'X-RAY DIFFRACTION' 
_refine_hist.cycle_id                         LAST 
_refine_hist.details                          ? 
_refine_hist.d_res_high                       2.50 
_refine_hist.d_res_low                        22.28 
_refine_hist.number_atoms_solvent             42 
_refine_hist.number_atoms_total               798 
_refine_hist.number_reflns_all                ? 
_refine_hist.number_reflns_obs                ? 
_refine_hist.number_reflns_R_free             ? 
_refine_hist.number_reflns_R_work             ? 
_refine_hist.R_factor_all                     ? 
_refine_hist.R_factor_obs                     ? 
_refine_hist.R_factor_R_free                  ? 
_refine_hist.R_factor_R_work                  ? 
_refine_hist.pdbx_number_residues_total       ? 
_refine_hist.pdbx_B_iso_mean_ligand           ? 
_refine_hist.pdbx_B_iso_mean_solvent          ? 
_refine_hist.pdbx_number_atoms_protein        756 
_refine_hist.pdbx_number_atoms_nucleic_acid   0 
_refine_hist.pdbx_number_atoms_ligand         0 
_refine_hist.pdbx_number_atoms_lipid          ? 
_refine_hist.pdbx_number_atoms_carb           ? 
_refine_hist.pdbx_pseudo_atom_details         ? 
# 
loop_
_refine_ls_restr.pdbx_refine_id 
_refine_ls_restr.criterion 
_refine_ls_restr.dev_ideal 
_refine_ls_restr.dev_ideal_target 
_refine_ls_restr.number 
_refine_ls_restr.rejects 
_refine_ls_restr.type 
_refine_ls_restr.weight 
_refine_ls_restr.pdbx_restraint_function 
'X-RAY DIFFRACTION' ? 0.0066 ? 770  ? f_bond_d           ? ? 
'X-RAY DIFFRACTION' ? 0.7832 ? 1035 ? f_angle_d          ? ? 
'X-RAY DIFFRACTION' ? 0.0404 ? 111  ? f_chiral_restr     ? ? 
'X-RAY DIFFRACTION' ? 0.0037 ? 133  ? f_plane_restr      ? ? 
'X-RAY DIFFRACTION' ? 2.7025 ? 482  ? f_dihedral_angle_d ? ? 
# 
_refine_ls_shell.pdbx_refine_id                   'X-RAY DIFFRACTION' 
_refine_ls_shell.d_res_high                       2.50 
_refine_ls_shell.d_res_low                        22.28 
_refine_ls_shell.number_reflns_all                ? 
_refine_ls_shell.number_reflns_obs                ? 
_refine_ls_shell.number_reflns_R_free             175 
_refine_ls_shell.number_reflns_R_work             4034 
_refine_ls_shell.percent_reflns_obs               99.67 
_refine_ls_shell.percent_reflns_R_free            ? 
_refine_ls_shell.R_factor_all                     ? 
_refine_ls_shell.R_factor_obs                     ? 
_refine_ls_shell.R_factor_R_free_error            ? 
_refine_ls_shell.R_factor_R_work                  0.2346 
_refine_ls_shell.redundancy_reflns_all            ? 
_refine_ls_shell.redundancy_reflns_obs            ? 
_refine_ls_shell.wR_factor_all                    ? 
_refine_ls_shell.wR_factor_obs                    ? 
_refine_ls_shell.wR_factor_R_free                 ? 
_refine_ls_shell.wR_factor_R_work                 ? 
_refine_ls_shell.pdbx_R_complete                  ? 
_refine_ls_shell.pdbx_total_number_of_bins_used   ? 
_refine_ls_shell.pdbx_phase_error                 ? 
_refine_ls_shell.pdbx_fsc_work                    ? 
_refine_ls_shell.pdbx_fsc_free                    ? 
_refine_ls_shell.R_factor_R_free                  0.2462 
# 
_struct.entry_id                     8XKT 
_struct.title                        'The structure of Spodoptera litura chemosensory protein' 
_struct.pdbx_model_details           ? 
_struct.pdbx_formula_weight          ? 
_struct.pdbx_formula_weight_method   ? 
_struct.pdbx_model_type_details      ? 
_struct.pdbx_CASP_flag               N 
# 
_struct_keywords.entry_id        8XKT 
_struct_keywords.text            'chemosensory protein, alpha-helical protein, STRUCTURAL PROTEIN' 
_struct_keywords.pdbx_keywords   'STRUCTURAL PROTEIN' 
# 
loop_
_struct_asym.id 
_struct_asym.pdbx_blank_PDB_chainid_flag 
_struct_asym.pdbx_modified 
_struct_asym.entity_id 
_struct_asym.details 
A N N 1 ? 
B N N 2 ? 
# 
_struct_ref.id                         1 
_struct_ref.db_name                    PDB 
_struct_ref.db_code                    8XKT 
_struct_ref.pdbx_db_accession          8XKT 
_struct_ref.pdbx_db_isoform            ? 
_struct_ref.entity_id                  1 
_struct_ref.pdbx_seq_one_letter_code   ? 
_struct_ref.pdbx_align_begin           1 
# 
_struct_ref_seq.align_id                      1 
_struct_ref_seq.ref_id                        1 
_struct_ref_seq.pdbx_PDB_id_code              8XKT 
_struct_ref_seq.pdbx_strand_id                A 
_struct_ref_seq.seq_align_beg                 1 
_struct_ref_seq.pdbx_seq_align_beg_ins_code   ? 
_struct_ref_seq.seq_align_end                 123 
_struct_ref_seq.pdbx_seq_align_end_ins_code   ? 
_struct_ref_seq.pdbx_db_accession             8XKT 
_struct_ref_seq.db_align_beg                  1 
_struct_ref_seq.pdbx_db_align_beg_ins_code    ? 
_struct_ref_seq.db_align_end                  123 
_struct_ref_seq.pdbx_db_align_end_ins_code    ? 
_struct_ref_seq.pdbx_auth_seq_align_beg       1 
_struct_ref_seq.pdbx_auth_seq_align_end       123 
# 
_pdbx_struct_assembly.id                   1 
_pdbx_struct_assembly.details              author_and_software_defined_assembly 
_pdbx_struct_assembly.method_details       ? 
_pdbx_struct_assembly.oligomeric_details   monomeric 
_pdbx_struct_assembly.oligomeric_count     1 
# 
_pdbx_struct_assembly_gen.assembly_id       1 
_pdbx_struct_assembly_gen.oper_expression   1 
_pdbx_struct_assembly_gen.asym_id_list      A,B 
# 
_pdbx_struct_oper_list.id                   1 
_pdbx_struct_oper_list.type                 'identity operation' 
_pdbx_struct_oper_list.name                 1_555 
_pdbx_struct_oper_list.symmetry_operation   x,y,z 
_pdbx_struct_oper_list.matrix[1][1]         1.0 
_pdbx_struct_oper_list.matrix[1][2]         0.0 
_pdbx_struct_oper_list.matrix[1][3]         0.0 
_pdbx_struct_oper_list.vector[1]            0.0 
_pdbx_struct_oper_list.matrix[2][1]         0.0 
_pdbx_struct_oper_list.matrix[2][2]         1.0 
_pdbx_struct_oper_list.matrix[2][3]         0.0 
_pdbx_struct_oper_list.vector[2]            0.0 
_pdbx_struct_oper_list.matrix[3][1]         0.0 
_pdbx_struct_oper_list.matrix[3][2]         0.0 
_pdbx_struct_oper_list.matrix[3][3]         1.0 
_pdbx_struct_oper_list.vector[3]            0.0 
# 
loop_
_struct_conf.conf_type_id 
_struct_conf.id 
_struct_conf.pdbx_PDB_helix_id 
_struct_conf.beg_label_comp_id 
_struct_conf.beg_label_asym_id 
_struct_conf.beg_label_seq_id 
_struct_conf.pdbx_beg_PDB_ins_code 
_struct_conf.end_label_comp_id 
_struct_conf.end_label_asym_id 
_struct_conf.end_label_seq_id 
_struct_conf.pdbx_end_PDB_ins_code 
_struct_conf.beg_auth_comp_id 
_struct_conf.beg_auth_asym_id 
_struct_conf.beg_auth_seq_id 
_struct_conf.end_auth_comp_id 
_struct_conf.end_auth_asym_id 
_struct_conf.end_auth_seq_id 
_struct_conf.pdbx_PDB_helix_class 
_struct_conf.details 
_struct_conf.pdbx_PDB_helix_length 
HELX_P HELX_P1 AA1 ASN A 29  ? ASN A 36  ? ASN A 29  ASN A 36  1 ? 8  
HELX_P HELX_P2 AA2 ASN A 36  ? LEU A 48  ? ASN A 36  LEU A 48  1 ? 13 
HELX_P HELX_P3 AA3 THR A 54  ? THR A 70  ? THR A 54  THR A 70  1 ? 17 
HELX_P HELX_P4 AA4 THR A 76  ? GLU A 94  ? THR A 76  GLU A 94  1 ? 19 
HELX_P HELX_P5 AA5 GLU A 94  ? ASP A 106 ? GLU A 94  ASP A 106 1 ? 13 
HELX_P HELX_P6 AA6 TYR A 111 ? ALA A 120 ? TYR A 111 ALA A 120 1 ? 10 
# 
_struct_conf_type.id          HELX_P 
_struct_conf_type.criteria    ? 
_struct_conf_type.reference   ? 
# 
loop_
_struct_conn.id 
_struct_conn.conn_type_id 
_struct_conn.pdbx_leaving_atom_flag 
_struct_conn.pdbx_PDB_id 
_struct_conn.ptnr1_label_asym_id 
_struct_conn.ptnr1_label_comp_id 
_struct_conn.ptnr1_label_seq_id 
_struct_conn.ptnr1_label_atom_id 
_struct_conn.pdbx_ptnr1_label_alt_id 
_struct_conn.pdbx_ptnr1_PDB_ins_code 
_struct_conn.pdbx_ptnr1_standard_comp_id 
_struct_conn.ptnr1_symmetry 
_struct_conn.ptnr2_label_asym_id 
_struct_conn.ptnr2_label_comp_id 
_struct_conn.ptnr2_label_seq_id 
_struct_conn.ptnr2_label_atom_id 
_struct_conn.pdbx_ptnr2_label_alt_id 
_struct_conn.pdbx_ptnr2_PDB_ins_code 
_struct_conn.ptnr1_auth_asym_id 
_struct_conn.ptnr1_auth_comp_id 
_struct_conn.ptnr1_auth_seq_id 
_struct_conn.ptnr2_auth_asym_id 
_struct_conn.ptnr2_auth_comp_id 
_struct_conn.ptnr2_auth_seq_id 
_struct_conn.ptnr2_symmetry 
_struct_conn.pdbx_ptnr3_label_atom_id 
_struct_conn.pdbx_ptnr3_label_seq_id 
_struct_conn.pdbx_ptnr3_label_comp_id 
_struct_conn.pdbx_ptnr3_label_asym_id 
_struct_conn.pdbx_ptnr3_label_alt_id 
_struct_conn.pdbx_ptnr3_PDB_ins_code 
_struct_conn.details 
_struct_conn.pdbx_dist_value 
_struct_conn.pdbx_value_order 
_struct_conn.pdbx_role 
disulf1 disulf ? ? A CYS 46 SG ? ? ? 1_555 A CYS 53 SG ? ? A CYS 46 A CYS 53 1_555 ? ? ? ? ? ? ? 2.036 ? ? 
disulf2 disulf ? ? A CYS 72 SG ? ? ? 1_555 A CYS 75 SG ? ? A CYS 72 A CYS 75 1_555 ? ? ? ? ? ? ? 1.875 ? ? 
# 
_struct_conn_type.id          disulf 
_struct_conn_type.criteria    ? 
_struct_conn_type.reference   ? 
# 
loop_
_pdbx_modification_feature.ordinal 
_pdbx_modification_feature.label_comp_id 
_pdbx_modification_feature.label_asym_id 
_pdbx_modification_feature.label_seq_id 
_pdbx_modification_feature.label_alt_id 
_pdbx_modification_feature.modified_residue_label_comp_id 
_pdbx_modification_feature.modified_residue_label_asym_id 
_pdbx_modification_feature.modified_residue_label_seq_id 
_pdbx_modification_feature.modified_residue_label_alt_id 
_pdbx_modification_feature.auth_comp_id 
_pdbx_modification_feature.auth_asym_id 
_pdbx_modification_feature.auth_seq_id 
_pdbx_modification_feature.PDB_ins_code 
_pdbx_modification_feature.symmetry 
_pdbx_modification_feature.modified_residue_auth_comp_id 
_pdbx_modification_feature.modified_residue_auth_asym_id 
_pdbx_modification_feature.modified_residue_auth_seq_id 
_pdbx_modification_feature.modified_residue_PDB_ins_code 
_pdbx_modification_feature.modified_residue_symmetry 
_pdbx_modification_feature.comp_id_linking_atom 
_pdbx_modification_feature.modified_residue_id_linking_atom 
_pdbx_modification_feature.modified_residue_id 
_pdbx_modification_feature.ref_pcm_id 
_pdbx_modification_feature.ref_comp_id 
_pdbx_modification_feature.type 
_pdbx_modification_feature.category 
1 CYS A 46 ? CYS A 53 ? CYS A 46 ? 1_555 CYS A 53 ? 1_555 SG SG . . . None 'Disulfide bridge' 
2 CYS A 72 ? CYS A 75 ? CYS A 72 ? 1_555 CYS A 75 ? 1_555 SG SG . . . None 'Disulfide bridge' 
# 
_pdbx_entry_details.entry_id                   8XKT 
_pdbx_entry_details.compound_details           ? 
_pdbx_entry_details.source_details             ? 
_pdbx_entry_details.nonpolymer_details         ? 
_pdbx_entry_details.sequence_details           ? 
_pdbx_entry_details.has_ligand_of_interest     ? 
_pdbx_entry_details.has_protein_modification   Y 
# 
loop_
_pdbx_validate_close_contact.id 
_pdbx_validate_close_contact.PDB_model_num 
_pdbx_validate_close_contact.auth_atom_id_1 
_pdbx_validate_close_contact.auth_asym_id_1 
_pdbx_validate_close_contact.auth_comp_id_1 
_pdbx_validate_close_contact.auth_seq_id_1 
_pdbx_validate_close_contact.PDB_ins_code_1 
_pdbx_validate_close_contact.label_alt_id_1 
_pdbx_validate_close_contact.auth_atom_id_2 
_pdbx_validate_close_contact.auth_asym_id_2 
_pdbx_validate_close_contact.auth_comp_id_2 
_pdbx_validate_close_contact.auth_seq_id_2 
_pdbx_validate_close_contact.PDB_ins_code_2 
_pdbx_validate_close_contact.label_alt_id_2 
_pdbx_validate_close_contact.dist 
1 1 OD1 A ASP 109 ? ? O   A HOH 201 ? ? 2.04 
2 1 OE1 A GLU 56  ? ? O   A HOH 202 ? ? 2.11 
3 1 OH  A TYR 43  ? ? O   A HOH 203 ? ? 2.14 
4 1 NH1 A ARG 84  ? ? O   A PHE 118 ? ? 2.17 
5 1 OD2 A ASP 66  ? ? OG1 A THR 70  ? ? 2.18 
6 1 O   A ALA 121 ? ? O   A HOH 204 ? ? 2.19 
# 
_pdbx_validate_symm_contact.id                1 
_pdbx_validate_symm_contact.PDB_model_num     1 
_pdbx_validate_symm_contact.auth_atom_id_1    OE1 
_pdbx_validate_symm_contact.auth_asym_id_1    A 
_pdbx_validate_symm_contact.auth_comp_id_1    GLU 
_pdbx_validate_symm_contact.auth_seq_id_1     32 
_pdbx_validate_symm_contact.PDB_ins_code_1    ? 
_pdbx_validate_symm_contact.label_alt_id_1    ? 
_pdbx_validate_symm_contact.site_symmetry_1   1_555 
_pdbx_validate_symm_contact.auth_atom_id_2    NZ 
_pdbx_validate_symm_contact.auth_asym_id_2    A 
_pdbx_validate_symm_contact.auth_comp_id_2    LYS 
_pdbx_validate_symm_contact.auth_seq_id_2     112 
_pdbx_validate_symm_contact.PDB_ins_code_2    ? 
_pdbx_validate_symm_contact.label_alt_id_2    ? 
_pdbx_validate_symm_contact.site_symmetry_2   7_545 
_pdbx_validate_symm_contact.dist              2.16 
# 
loop_
_space_group_symop.id 
_space_group_symop.operation_xyz 
1 x,y,z        
2 -y,x,z+3/4   
3 y,-x,z+1/4   
4 x,-y,-z+1/2  
5 -x,y,-z      
6 -x,-y,z+1/2  
7 y,x,-z+1/4   
8 -y,-x,-z+3/4 
# 
loop_
_pdbx_unobs_or_zero_occ_residues.id 
_pdbx_unobs_or_zero_occ_residues.PDB_model_num 
_pdbx_unobs_or_zero_occ_residues.polymer_flag 
_pdbx_unobs_or_zero_occ_residues.occupancy_flag 
_pdbx_unobs_or_zero_occ_residues.auth_asym_id 
_pdbx_unobs_or_zero_occ_residues.auth_comp_id 
_pdbx_unobs_or_zero_occ_residues.auth_seq_id 
_pdbx_unobs_or_zero_occ_residues.PDB_ins_code 
_pdbx_unobs_or_zero_occ_residues.label_asym_id 
_pdbx_unobs_or_zero_occ_residues.label_comp_id 
_pdbx_unobs_or_zero_occ_residues.label_seq_id 
1  1 Y 1 A MET 1   ? A MET 1   
2  1 Y 1 A ASN 2   ? A ASN 2   
3  1 Y 1 A PHE 3   ? A PHE 3   
4  1 Y 1 A LEU 4   ? A LEU 4   
5  1 Y 1 A VAL 5   ? A VAL 5   
6  1 Y 1 A LEU 6   ? A LEU 6   
7  1 Y 1 A SER 7   ? A SER 7   
8  1 Y 1 A ILE 8   ? A ILE 8   
9  1 Y 1 A VAL 9   ? A VAL 9   
10 1 Y 1 A VAL 10  ? A VAL 10  
11 1 Y 1 A THR 11  ? A THR 11  
12 1 Y 1 A MET 12  ? A MET 12  
13 1 Y 1 A ALA 13  ? A ALA 13  
14 1 Y 1 A ALA 14  ? A ALA 14  
15 1 Y 1 A PHE 15  ? A PHE 15  
16 1 Y 1 A VAL 16  ? A VAL 16  
17 1 Y 1 A ALA 17  ? A ALA 17  
18 1 Y 1 A ALA 18  ? A ALA 18  
19 1 Y 1 A GLU 19  ? A GLU 19  
20 1 Y 1 A THR 20  ? A THR 20  
21 1 Y 1 A TYR 21  ? A TYR 21  
22 1 Y 1 A THR 22  ? A THR 22  
23 1 Y 1 A ASP 23  ? A ASP 23  
24 1 Y 1 A ARG 24  ? A ARG 24  
25 1 Y 1 A TYR 25  ? A TYR 25  
26 1 Y 1 A ASP 26  ? A ASP 26  
27 1 Y 1 A HIS 27  ? A HIS 27  
28 1 Y 1 A ILE 28  ? A ILE 28  
29 1 Y 1 A GLU 122 ? A GLU 122 
30 1 Y 1 A ASP 123 ? A ASP 123 
# 
loop_
_chem_comp_atom.comp_id 
_chem_comp_atom.atom_id 
_chem_comp_atom.type_symbol 
_chem_comp_atom.pdbx_aromatic_flag 
_chem_comp_atom.pdbx_stereo_config 
_chem_comp_atom.pdbx_ordinal 
ALA N    N N N 1   
ALA CA   C N S 2   
ALA C    C N N 3   
ALA O    O N N 4   
ALA CB   C N N 5   
ALA OXT  O N N 6   
ALA H    H N N 7   
ALA H2   H N N 8   
ALA HA   H N N 9   
ALA HB1  H N N 10  
ALA HB2  H N N 11  
ALA HB3  H N N 12  
ALA HXT  H N N 13  
ARG N    N N N 14  
ARG CA   C N S 15  
ARG C    C N N 16  
ARG O    O N N 17  
ARG CB   C N N 18  
ARG CG   C N N 19  
ARG CD   C N N 20  
ARG NE   N N N 21  
ARG CZ   C N N 22  
ARG NH1  N N N 23  
ARG NH2  N N N 24  
ARG OXT  O N N 25  
ARG H    H N N 26  
ARG H2   H N N 27  
ARG HA   H N N 28  
ARG HB2  H N N 29  
ARG HB3  H N N 30  
ARG HG2  H N N 31  
ARG HG3  H N N 32  
ARG HD2  H N N 33  
ARG HD3  H N N 34  
ARG HE   H N N 35  
ARG HH11 H N N 36  
ARG HH12 H N N 37  
ARG HH21 H N N 38  
ARG HH22 H N N 39  
ARG HXT  H N N 40  
ASN N    N N N 41  
ASN CA   C N S 42  
ASN C    C N N 43  
ASN O    O N N 44  
ASN CB   C N N 45  
ASN CG   C N N 46  
ASN OD1  O N N 47  
ASN ND2  N N N 48  
ASN OXT  O N N 49  
ASN H    H N N 50  
ASN H2   H N N 51  
ASN HA   H N N 52  
ASN HB2  H N N 53  
ASN HB3  H N N 54  
ASN HD21 H N N 55  
ASN HD22 H N N 56  
ASN HXT  H N N 57  
ASP N    N N N 58  
ASP CA   C N S 59  
ASP C    C N N 60  
ASP O    O N N 61  
ASP CB   C N N 62  
ASP CG   C N N 63  
ASP OD1  O N N 64  
ASP OD2  O N N 65  
ASP OXT  O N N 66  
ASP H    H N N 67  
ASP H2   H N N 68  
ASP HA   H N N 69  
ASP HB2  H N N 70  
ASP HB3  H N N 71  
ASP HD2  H N N 72  
ASP HXT  H N N 73  
CYS N    N N N 74  
CYS CA   C N R 75  
CYS C    C N N 76  
CYS O    O N N 77  
CYS CB   C N N 78  
CYS SG   S N N 79  
CYS OXT  O N N 80  
CYS H    H N N 81  
CYS H2   H N N 82  
CYS HA   H N N 83  
CYS HB2  H N N 84  
CYS HB3  H N N 85  
CYS HG   H N N 86  
CYS HXT  H N N 87  
GLN N    N N N 88  
GLN CA   C N S 89  
GLN C    C N N 90  
GLN O    O N N 91  
GLN CB   C N N 92  
GLN CG   C N N 93  
GLN CD   C N N 94  
GLN OE1  O N N 95  
GLN NE2  N N N 96  
GLN OXT  O N N 97  
GLN H    H N N 98  
GLN H2   H N N 99  
GLN HA   H N N 100 
GLN HB2  H N N 101 
GLN HB3  H N N 102 
GLN HG2  H N N 103 
GLN HG3  H N N 104 
GLN HE21 H N N 105 
GLN HE22 H N N 106 
GLN HXT  H N N 107 
GLU N    N N N 108 
GLU CA   C N S 109 
GLU C    C N N 110 
GLU O    O N N 111 
GLU CB   C N N 112 
GLU CG   C N N 113 
GLU CD   C N N 114 
GLU OE1  O N N 115 
GLU OE2  O N N 116 
GLU OXT  O N N 117 
GLU H    H N N 118 
GLU H2   H N N 119 
GLU HA   H N N 120 
GLU HB2  H N N 121 
GLU HB3  H N N 122 
GLU HG2  H N N 123 
GLU HG3  H N N 124 
GLU HE2  H N N 125 
GLU HXT  H N N 126 
GLY N    N N N 127 
GLY CA   C N N 128 
GLY C    C N N 129 
GLY O    O N N 130 
GLY OXT  O N N 131 
GLY H    H N N 132 
GLY H2   H N N 133 
GLY HA2  H N N 134 
GLY HA3  H N N 135 
GLY HXT  H N N 136 
HIS N    N N N 137 
HIS CA   C N S 138 
HIS C    C N N 139 
HIS O    O N N 140 
HIS CB   C N N 141 
HIS CG   C Y N 142 
HIS ND1  N Y N 143 
HIS CD2  C Y N 144 
HIS CE1  C Y N 145 
HIS NE2  N Y N 146 
HIS OXT  O N N 147 
HIS H    H N N 148 
HIS H2   H N N 149 
HIS HA   H N N 150 
HIS HB2  H N N 151 
HIS HB3  H N N 152 
HIS HD1  H N N 153 
HIS HD2  H N N 154 
HIS HE1  H N N 155 
HIS HE2  H N N 156 
HIS HXT  H N N 157 
HOH O    O N N 158 
HOH H1   H N N 159 
HOH H2   H N N 160 
ILE N    N N N 161 
ILE CA   C N S 162 
ILE C    C N N 163 
ILE O    O N N 164 
ILE CB   C N S 165 
ILE CG1  C N N 166 
ILE CG2  C N N 167 
ILE CD1  C N N 168 
ILE OXT  O N N 169 
ILE H    H N N 170 
ILE H2   H N N 171 
ILE HA   H N N 172 
ILE HB   H N N 173 
ILE HG12 H N N 174 
ILE HG13 H N N 175 
ILE HG21 H N N 176 
ILE HG22 H N N 177 
ILE HG23 H N N 178 
ILE HD11 H N N 179 
ILE HD12 H N N 180 
ILE HD13 H N N 181 
ILE HXT  H N N 182 
LEU N    N N N 183 
LEU CA   C N S 184 
LEU C    C N N 185 
LEU O    O N N 186 
LEU CB   C N N 187 
LEU CG   C N N 188 
LEU CD1  C N N 189 
LEU CD2  C N N 190 
LEU OXT  O N N 191 
LEU H    H N N 192 
LEU H2   H N N 193 
LEU HA   H N N 194 
LEU HB2  H N N 195 
LEU HB3  H N N 196 
LEU HG   H N N 197 
LEU HD11 H N N 198 
LEU HD12 H N N 199 
LEU HD13 H N N 200 
LEU HD21 H N N 201 
LEU HD22 H N N 202 
LEU HD23 H N N 203 
LEU HXT  H N N 204 
LYS N    N N N 205 
LYS CA   C N S 206 
LYS C    C N N 207 
LYS O    O N N 208 
LYS CB   C N N 209 
LYS CG   C N N 210 
LYS CD   C N N 211 
LYS CE   C N N 212 
LYS NZ   N N N 213 
LYS OXT  O N N 214 
LYS H    H N N 215 
LYS H2   H N N 216 
LYS HA   H N N 217 
LYS HB2  H N N 218 
LYS HB3  H N N 219 
LYS HG2  H N N 220 
LYS HG3  H N N 221 
LYS HD2  H N N 222 
LYS HD3  H N N 223 
LYS HE2  H N N 224 
LYS HE3  H N N 225 
LYS HZ1  H N N 226 
LYS HZ2  H N N 227 
LYS HZ3  H N N 228 
LYS HXT  H N N 229 
MET N    N N N 230 
MET CA   C N S 231 
MET C    C N N 232 
MET O    O N N 233 
MET CB   C N N 234 
MET CG   C N N 235 
MET SD   S N N 236 
MET CE   C N N 237 
MET OXT  O N N 238 
MET H    H N N 239 
MET H2   H N N 240 
MET HA   H N N 241 
MET HB2  H N N 242 
MET HB3  H N N 243 
MET HG2  H N N 244 
MET HG3  H N N 245 
MET HE1  H N N 246 
MET HE2  H N N 247 
MET HE3  H N N 248 
MET HXT  H N N 249 
PHE N    N N N 250 
PHE CA   C N S 251 
PHE C    C N N 252 
PHE O    O N N 253 
PHE CB   C N N 254 
PHE CG   C Y N 255 
PHE CD1  C Y N 256 
PHE CD2  C Y N 257 
PHE CE1  C Y N 258 
PHE CE2  C Y N 259 
PHE CZ   C Y N 260 
PHE OXT  O N N 261 
PHE H    H N N 262 
PHE H2   H N N 263 
PHE HA   H N N 264 
PHE HB2  H N N 265 
PHE HB3  H N N 266 
PHE HD1  H N N 267 
PHE HD2  H N N 268 
PHE HE1  H N N 269 
PHE HE2  H N N 270 
PHE HZ   H N N 271 
PHE HXT  H N N 272 
PRO N    N N N 273 
PRO CA   C N S 274 
PRO C    C N N 275 
PRO O    O N N 276 
PRO CB   C N N 277 
PRO CG   C N N 278 
PRO CD   C N N 279 
PRO OXT  O N N 280 
PRO H    H N N 281 
PRO HA   H N N 282 
PRO HB2  H N N 283 
PRO HB3  H N N 284 
PRO HG2  H N N 285 
PRO HG3  H N N 286 
PRO HD2  H N N 287 
PRO HD3  H N N 288 
PRO HXT  H N N 289 
SER N    N N N 290 
SER CA   C N S 291 
SER C    C N N 292 
SER O    O N N 293 
SER CB   C N N 294 
SER OG   O N N 295 
SER OXT  O N N 296 
SER H    H N N 297 
SER H2   H N N 298 
SER HA   H N N 299 
SER HB2  H N N 300 
SER HB3  H N N 301 
SER HG   H N N 302 
SER HXT  H N N 303 
THR N    N N N 304 
THR CA   C N S 305 
THR C    C N N 306 
THR O    O N N 307 
THR CB   C N R 308 
THR OG1  O N N 309 
THR CG2  C N N 310 
THR OXT  O N N 311 
THR H    H N N 312 
THR H2   H N N 313 
THR HA   H N N 314 
THR HB   H N N 315 
THR HG1  H N N 316 
THR HG21 H N N 317 
THR HG22 H N N 318 
THR HG23 H N N 319 
THR HXT  H N N 320 
TRP N    N N N 321 
TRP CA   C N S 322 
TRP C    C N N 323 
TRP O    O N N 324 
TRP CB   C N N 325 
TRP CG   C Y N 326 
TRP CD1  C Y N 327 
TRP CD2  C Y N 328 
TRP NE1  N Y N 329 
TRP CE2  C Y N 330 
TRP CE3  C Y N 331 
TRP CZ2  C Y N 332 
TRP CZ3  C Y N 333 
TRP CH2  C Y N 334 
TRP OXT  O N N 335 
TRP H    H N N 336 
TRP H2   H N N 337 
TRP HA   H N N 338 
TRP HB2  H N N 339 
TRP HB3  H N N 340 
TRP HD1  H N N 341 
TRP HE1  H N N 342 
TRP HE3  H N N 343 
TRP HZ2  H N N 344 
TRP HZ3  H N N 345 
TRP HH2  H N N 346 
TRP HXT  H N N 347 
TYR N    N N N 348 
TYR CA   C N S 349 
TYR C    C N N 350 
TYR O    O N N 351 
TYR CB   C N N 352 
TYR CG   C Y N 353 
TYR CD1  C Y N 354 
TYR CD2  C Y N 355 
TYR CE1  C Y N 356 
TYR CE2  C Y N 357 
TYR CZ   C Y N 358 
TYR OH   O N N 359 
TYR OXT  O N N 360 
TYR H    H N N 361 
TYR H2   H N N 362 
TYR HA   H N N 363 
TYR HB2  H N N 364 
TYR HB3  H N N 365 
TYR HD1  H N N 366 
TYR HD2  H N N 367 
TYR HE1  H N N 368 
TYR HE2  H N N 369 
TYR HH   H N N 370 
TYR HXT  H N N 371 
VAL N    N N N 372 
VAL CA   C N S 373 
VAL C    C N N 374 
VAL O    O N N 375 
VAL CB   C N N 376 
VAL CG1  C N N 377 
VAL CG2  C N N 378 
VAL OXT  O N N 379 
VAL H    H N N 380 
VAL H2   H N N 381 
VAL HA   H N N 382 
VAL HB   H N N 383 
VAL HG11 H N N 384 
VAL HG12 H N N 385 
VAL HG13 H N N 386 
VAL HG21 H N N 387 
VAL HG22 H N N 388 
VAL HG23 H N N 389 
VAL HXT  H N N 390 
# 
loop_
_chem_comp_bond.comp_id 
_chem_comp_bond.atom_id_1 
_chem_comp_bond.atom_id_2 
_chem_comp_bond.value_order 
_chem_comp_bond.pdbx_aromatic_flag 
_chem_comp_bond.pdbx_stereo_config 
_chem_comp_bond.pdbx_ordinal 
ALA N   CA   sing N N 1   
ALA N   H    sing N N 2   
ALA N   H2   sing N N 3   
ALA CA  C    sing N N 4   
ALA CA  CB   sing N N 5   
ALA CA  HA   sing N N 6   
ALA C   O    doub N N 7   
ALA C   OXT  sing N N 8   
ALA CB  HB1  sing N N 9   
ALA CB  HB2  sing N N 10  
ALA CB  HB3  sing N N 11  
ALA OXT HXT  sing N N 12  
ARG N   CA   sing N N 13  
ARG N   H    sing N N 14  
ARG N   H2   sing N N 15  
ARG CA  C    sing N N 16  
ARG CA  CB   sing N N 17  
ARG CA  HA   sing N N 18  
ARG C   O    doub N N 19  
ARG C   OXT  sing N N 20  
ARG CB  CG   sing N N 21  
ARG CB  HB2  sing N N 22  
ARG CB  HB3  sing N N 23  
ARG CG  CD   sing N N 24  
ARG CG  HG2  sing N N 25  
ARG CG  HG3  sing N N 26  
ARG CD  NE   sing N N 27  
ARG CD  HD2  sing N N 28  
ARG CD  HD3  sing N N 29  
ARG NE  CZ   sing N N 30  
ARG NE  HE   sing N N 31  
ARG CZ  NH1  sing N N 32  
ARG CZ  NH2  doub N N 33  
ARG NH1 HH11 sing N N 34  
ARG NH1 HH12 sing N N 35  
ARG NH2 HH21 sing N N 36  
ARG NH2 HH22 sing N N 37  
ARG OXT HXT  sing N N 38  
ASN N   CA   sing N N 39  
ASN N   H    sing N N 40  
ASN N   H2   sing N N 41  
ASN CA  C    sing N N 42  
ASN CA  CB   sing N N 43  
ASN CA  HA   sing N N 44  
ASN C   O    doub N N 45  
ASN C   OXT  sing N N 46  
ASN CB  CG   sing N N 47  
ASN CB  HB2  sing N N 48  
ASN CB  HB3  sing N N 49  
ASN CG  OD1  doub N N 50  
ASN CG  ND2  sing N N 51  
ASN ND2 HD21 sing N N 52  
ASN ND2 HD22 sing N N 53  
ASN OXT HXT  sing N N 54  
ASP N   CA   sing N N 55  
ASP N   H    sing N N 56  
ASP N   H2   sing N N 57  
ASP CA  C    sing N N 58  
ASP CA  CB   sing N N 59  
ASP CA  HA   sing N N 60  
ASP C   O    doub N N 61  
ASP C   OXT  sing N N 62  
ASP CB  CG   sing N N 63  
ASP CB  HB2  sing N N 64  
ASP CB  HB3  sing N N 65  
ASP CG  OD1  doub N N 66  
ASP CG  OD2  sing N N 67  
ASP OD2 HD2  sing N N 68  
ASP OXT HXT  sing N N 69  
CYS N   CA   sing N N 70  
CYS N   H    sing N N 71  
CYS N   H2   sing N N 72  
CYS CA  C    sing N N 73  
CYS CA  CB   sing N N 74  
CYS CA  HA   sing N N 75  
CYS C   O    doub N N 76  
CYS C   OXT  sing N N 77  
CYS CB  SG   sing N N 78  
CYS CB  HB2  sing N N 79  
CYS CB  HB3  sing N N 80  
CYS SG  HG   sing N N 81  
CYS OXT HXT  sing N N 82  
GLN N   CA   sing N N 83  
GLN N   H    sing N N 84  
GLN N   H2   sing N N 85  
GLN CA  C    sing N N 86  
GLN CA  CB   sing N N 87  
GLN CA  HA   sing N N 88  
GLN C   O    doub N N 89  
GLN C   OXT  sing N N 90  
GLN CB  CG   sing N N 91  
GLN CB  HB2  sing N N 92  
GLN CB  HB3  sing N N 93  
GLN CG  CD   sing N N 94  
GLN CG  HG2  sing N N 95  
GLN CG  HG3  sing N N 96  
GLN CD  OE1  doub N N 97  
GLN CD  NE2  sing N N 98  
GLN NE2 HE21 sing N N 99  
GLN NE2 HE22 sing N N 100 
GLN OXT HXT  sing N N 101 
GLU N   CA   sing N N 102 
GLU N   H    sing N N 103 
GLU N   H2   sing N N 104 
GLU CA  C    sing N N 105 
GLU CA  CB   sing N N 106 
GLU CA  HA   sing N N 107 
GLU C   O    doub N N 108 
GLU C   OXT  sing N N 109 
GLU CB  CG   sing N N 110 
GLU CB  HB2  sing N N 111 
GLU CB  HB3  sing N N 112 
GLU CG  CD   sing N N 113 
GLU CG  HG2  sing N N 114 
GLU CG  HG3  sing N N 115 
GLU CD  OE1  doub N N 116 
GLU CD  OE2  sing N N 117 
GLU OE2 HE2  sing N N 118 
GLU OXT HXT  sing N N 119 
GLY N   CA   sing N N 120 
GLY N   H    sing N N 121 
GLY N   H2   sing N N 122 
GLY CA  C    sing N N 123 
GLY CA  HA2  sing N N 124 
GLY CA  HA3  sing N N 125 
GLY C   O    doub N N 126 
GLY C   OXT  sing N N 127 
GLY OXT HXT  sing N N 128 
HIS N   CA   sing N N 129 
HIS N   H    sing N N 130 
HIS N   H2   sing N N 131 
HIS CA  C    sing N N 132 
HIS CA  CB   sing N N 133 
HIS CA  HA   sing N N 134 
HIS C   O    doub N N 135 
HIS C   OXT  sing N N 136 
HIS CB  CG   sing N N 137 
HIS CB  HB2  sing N N 138 
HIS CB  HB3  sing N N 139 
HIS CG  ND1  sing Y N 140 
HIS CG  CD2  doub Y N 141 
HIS ND1 CE1  doub Y N 142 
HIS ND1 HD1  sing N N 143 
HIS CD2 NE2  sing Y N 144 
HIS CD2 HD2  sing N N 145 
HIS CE1 NE2  sing Y N 146 
HIS CE1 HE1  sing N N 147 
HIS NE2 HE2  sing N N 148 
HIS OXT HXT  sing N N 149 
HOH O   H1   sing N N 150 
HOH O   H2   sing N N 151 
ILE N   CA   sing N N 152 
ILE N   H    sing N N 153 
ILE N   H2   sing N N 154 
ILE CA  C    sing N N 155 
ILE CA  CB   sing N N 156 
ILE CA  HA   sing N N 157 
ILE C   O    doub N N 158 
ILE C   OXT  sing N N 159 
ILE CB  CG1  sing N N 160 
ILE CB  CG2  sing N N 161 
ILE CB  HB   sing N N 162 
ILE CG1 CD1  sing N N 163 
ILE CG1 HG12 sing N N 164 
ILE CG1 HG13 sing N N 165 
ILE CG2 HG21 sing N N 166 
ILE CG2 HG22 sing N N 167 
ILE CG2 HG23 sing N N 168 
ILE CD1 HD11 sing N N 169 
ILE CD1 HD12 sing N N 170 
ILE CD1 HD13 sing N N 171 
ILE OXT HXT  sing N N 172 
LEU N   CA   sing N N 173 
LEU N   H    sing N N 174 
LEU N   H2   sing N N 175 
LEU CA  C    sing N N 176 
LEU CA  CB   sing N N 177 
LEU CA  HA   sing N N 178 
LEU C   O    doub N N 179 
LEU C   OXT  sing N N 180 
LEU CB  CG   sing N N 181 
LEU CB  HB2  sing N N 182 
LEU CB  HB3  sing N N 183 
LEU CG  CD1  sing N N 184 
LEU CG  CD2  sing N N 185 
LEU CG  HG   sing N N 186 
LEU CD1 HD11 sing N N 187 
LEU CD1 HD12 sing N N 188 
LEU CD1 HD13 sing N N 189 
LEU CD2 HD21 sing N N 190 
LEU CD2 HD22 sing N N 191 
LEU CD2 HD23 sing N N 192 
LEU OXT HXT  sing N N 193 
LYS N   CA   sing N N 194 
LYS N   H    sing N N 195 
LYS N   H2   sing N N 196 
LYS CA  C    sing N N 197 
LYS CA  CB   sing N N 198 
LYS CA  HA   sing N N 199 
LYS C   O    doub N N 200 
LYS C   OXT  sing N N 201 
LYS CB  CG   sing N N 202 
LYS CB  HB2  sing N N 203 
LYS CB  HB3  sing N N 204 
LYS CG  CD   sing N N 205 
LYS CG  HG2  sing N N 206 
LYS CG  HG3  sing N N 207 
LYS CD  CE   sing N N 208 
LYS CD  HD2  sing N N 209 
LYS CD  HD3  sing N N 210 
LYS CE  NZ   sing N N 211 
LYS CE  HE2  sing N N 212 
LYS CE  HE3  sing N N 213 
LYS NZ  HZ1  sing N N 214 
LYS NZ  HZ2  sing N N 215 
LYS NZ  HZ3  sing N N 216 
LYS OXT HXT  sing N N 217 
MET N   CA   sing N N 218 
MET N   H    sing N N 219 
MET N   H2   sing N N 220 
MET CA  C    sing N N 221 
MET CA  CB   sing N N 222 
MET CA  HA   sing N N 223 
MET C   O    doub N N 224 
MET C   OXT  sing N N 225 
MET CB  CG   sing N N 226 
MET CB  HB2  sing N N 227 
MET CB  HB3  sing N N 228 
MET CG  SD   sing N N 229 
MET CG  HG2  sing N N 230 
MET CG  HG3  sing N N 231 
MET SD  CE   sing N N 232 
MET CE  HE1  sing N N 233 
MET CE  HE2  sing N N 234 
MET CE  HE3  sing N N 235 
MET OXT HXT  sing N N 236 
PHE N   CA   sing N N 237 
PHE N   H    sing N N 238 
PHE N   H2   sing N N 239 
PHE CA  C    sing N N 240 
PHE CA  CB   sing N N 241 
PHE CA  HA   sing N N 242 
PHE C   O    doub N N 243 
PHE C   OXT  sing N N 244 
PHE CB  CG   sing N N 245 
PHE CB  HB2  sing N N 246 
PHE CB  HB3  sing N N 247 
PHE CG  CD1  doub Y N 248 
PHE CG  CD2  sing Y N 249 
PHE CD1 CE1  sing Y N 250 
PHE CD1 HD1  sing N N 251 
PHE CD2 CE2  doub Y N 252 
PHE CD2 HD2  sing N N 253 
PHE CE1 CZ   doub Y N 254 
PHE CE1 HE1  sing N N 255 
PHE CE2 CZ   sing Y N 256 
PHE CE2 HE2  sing N N 257 
PHE CZ  HZ   sing N N 258 
PHE OXT HXT  sing N N 259 
PRO N   CA   sing N N 260 
PRO N   CD   sing N N 261 
PRO N   H    sing N N 262 
PRO CA  C    sing N N 263 
PRO CA  CB   sing N N 264 
PRO CA  HA   sing N N 265 
PRO C   O    doub N N 266 
PRO C   OXT  sing N N 267 
PRO CB  CG   sing N N 268 
PRO CB  HB2  sing N N 269 
PRO CB  HB3  sing N N 270 
PRO CG  CD   sing N N 271 
PRO CG  HG2  sing N N 272 
PRO CG  HG3  sing N N 273 
PRO CD  HD2  sing N N 274 
PRO CD  HD3  sing N N 275 
PRO OXT HXT  sing N N 276 
SER N   CA   sing N N 277 
SER N   H    sing N N 278 
SER N   H2   sing N N 279 
SER CA  C    sing N N 280 
SER CA  CB   sing N N 281 
SER CA  HA   sing N N 282 
SER C   O    doub N N 283 
SER C   OXT  sing N N 284 
SER CB  OG   sing N N 285 
SER CB  HB2  sing N N 286 
SER CB  HB3  sing N N 287 
SER OG  HG   sing N N 288 
SER OXT HXT  sing N N 289 
THR N   CA   sing N N 290 
THR N   H    sing N N 291 
THR N   H2   sing N N 292 
THR CA  C    sing N N 293 
THR CA  CB   sing N N 294 
THR CA  HA   sing N N 295 
THR C   O    doub N N 296 
THR C   OXT  sing N N 297 
THR CB  OG1  sing N N 298 
THR CB  CG2  sing N N 299 
THR CB  HB   sing N N 300 
THR OG1 HG1  sing N N 301 
THR CG2 HG21 sing N N 302 
THR CG2 HG22 sing N N 303 
THR CG2 HG23 sing N N 304 
THR OXT HXT  sing N N 305 
TRP N   CA   sing N N 306 
TRP N   H    sing N N 307 
TRP N   H2   sing N N 308 
TRP CA  C    sing N N 309 
TRP CA  CB   sing N N 310 
TRP CA  HA   sing N N 311 
TRP C   O    doub N N 312 
TRP C   OXT  sing N N 313 
TRP CB  CG   sing N N 314 
TRP CB  HB2  sing N N 315 
TRP CB  HB3  sing N N 316 
TRP CG  CD1  doub Y N 317 
TRP CG  CD2  sing Y N 318 
TRP CD1 NE1  sing Y N 319 
TRP CD1 HD1  sing N N 320 
TRP CD2 CE2  doub Y N 321 
TRP CD2 CE3  sing Y N 322 
TRP NE1 CE2  sing Y N 323 
TRP NE1 HE1  sing N N 324 
TRP CE2 CZ2  sing Y N 325 
TRP CE3 CZ3  doub Y N 326 
TRP CE3 HE3  sing N N 327 
TRP CZ2 CH2  doub Y N 328 
TRP CZ2 HZ2  sing N N 329 
TRP CZ3 CH2  sing Y N 330 
TRP CZ3 HZ3  sing N N 331 
TRP CH2 HH2  sing N N 332 
TRP OXT HXT  sing N N 333 
TYR N   CA   sing N N 334 
TYR N   H    sing N N 335 
TYR N   H2   sing N N 336 
TYR CA  C    sing N N 337 
TYR CA  CB   sing N N 338 
TYR CA  HA   sing N N 339 
TYR C   O    doub N N 340 
TYR C   OXT  sing N N 341 
TYR CB  CG   sing N N 342 
TYR CB  HB2  sing N N 343 
TYR CB  HB3  sing N N 344 
TYR CG  CD1  doub Y N 345 
TYR CG  CD2  sing Y N 346 
TYR CD1 CE1  sing Y N 347 
TYR CD1 HD1  sing N N 348 
TYR CD2 CE2  doub Y N 349 
TYR CD2 HD2  sing N N 350 
TYR CE1 CZ   doub Y N 351 
TYR CE1 HE1  sing N N 352 
TYR CE2 CZ   sing Y N 353 
TYR CE2 HE2  sing N N 354 
TYR CZ  OH   sing N N 355 
TYR OH  HH   sing N N 356 
TYR OXT HXT  sing N N 357 
VAL N   CA   sing N N 358 
VAL N   H    sing N N 359 
VAL N   H2   sing N N 360 
VAL CA  C    sing N N 361 
VAL CA  CB   sing N N 362 
VAL CA  HA   sing N N 363 
VAL C   O    doub N N 364 
VAL C   OXT  sing N N 365 
VAL CB  CG1  sing N N 366 
VAL CB  CG2  sing N N 367 
VAL CB  HB   sing N N 368 
VAL CG1 HG11 sing N N 369 
VAL CG1 HG12 sing N N 370 
VAL CG1 HG13 sing N N 371 
VAL CG2 HG21 sing N N 372 
VAL CG2 HG22 sing N N 373 
VAL CG2 HG23 sing N N 374 
VAL OXT HXT  sing N N 375 
# 
_pdbx_audit_support.funding_organization   'National Natural Science Foundation of China (NSFC)' 
_pdbx_audit_support.country                China 
_pdbx_audit_support.grant_number           31870782 
_pdbx_audit_support.ordinal                1 
# 
_pdbx_initial_refinement_model.id               1 
_pdbx_initial_refinement_model.entity_id_list   ? 
_pdbx_initial_refinement_model.type             'experimental model' 
_pdbx_initial_refinement_model.source_name      PDB 
_pdbx_initial_refinement_model.accession_code   7E8L 
_pdbx_initial_refinement_model.details          ? 
# 
_space_group.name_H-M_alt     'P 43 2 2' 
_space_group.name_Hall        'P 4cw 2c' 
_space_group.IT_number        95 
_space_group.crystal_system   tetragonal 
_space_group.id               1 
# 
_atom_sites.entry_id                    8XKT 
_atom_sites.Cartn_transf_matrix[1][1]   ? 
_atom_sites.Cartn_transf_matrix[1][2]   ? 
_atom_sites.Cartn_transf_matrix[1][3]   ? 
_atom_sites.Cartn_transf_matrix[2][1]   ? 
_atom_sites.Cartn_transf_matrix[2][2]   ? 
_atom_sites.Cartn_transf_matrix[2][3]   ? 
_atom_sites.Cartn_transf_matrix[3][1]   ? 
_atom_sites.Cartn_transf_matrix[3][2]   ? 
_atom_sites.Cartn_transf_matrix[3][3]   ? 
_atom_sites.Cartn_transf_vector[1]      ? 
_atom_sites.Cartn_transf_vector[2]      ? 
_atom_sites.Cartn_transf_vector[3]      ? 
_atom_sites.Cartn_transform_axes        ? 
_atom_sites.fract_transf_matrix[1][1]   0.01029093 
_atom_sites.fract_transf_matrix[1][2]   -0.01408183 
_atom_sites.fract_transf_matrix[1][3]   0.01774017 
_atom_sites.fract_transf_matrix[2][1]   -0.01988040 
_atom_sites.fract_transf_matrix[2][2]   -0.01495231 
_atom_sites.fract_transf_matrix[2][3]   -0.00033641 
_atom_sites.fract_transf_matrix[3][1]   0.00326000 
_atom_sites.fract_transf_matrix[3][2]   -0.00421660 
_atom_sites.fract_transf_matrix[3][3]   -0.00523817 
_atom_sites.fract_transf_vector[1]      0.428008 
_atom_sites.fract_transf_vector[2]      -0.119553 
_atom_sites.fract_transf_vector[3]      0.104994 
_atom_sites.solution_primary            ? 
_atom_sites.solution_secondary          ? 
_atom_sites.solution_hydrogens          ? 
_atom_sites.special_details             ? 
# 
loop_
_atom_type.symbol 
_atom_type.scat_dispersion_real 
_atom_type.scat_dispersion_imag 
_atom_type.scat_Cromer_Mann_a1 
_atom_type.scat_Cromer_Mann_a2 
_atom_type.scat_Cromer_Mann_a3 
_atom_type.scat_Cromer_Mann_a4 
_atom_type.scat_Cromer_Mann_b1 
_atom_type.scat_Cromer_Mann_b2 
_atom_type.scat_Cromer_Mann_b3 
_atom_type.scat_Cromer_Mann_b4 
_atom_type.scat_Cromer_Mann_c 
_atom_type.scat_source 
_atom_type.scat_dispersion_source 
C ? ? 3.54356 2.42580 ? ? 25.62398 1.50364  ? ? 0.0 
;2-Gaussian fit: Grosse-Kunstleve RW, Sauter NK, Adams PD: Newsletter of the IUCr Commission on Crystallographic Computing 2004, 3, 22-31.
;
? 
N ? ? 4.01032 2.96436 ? ? 19.97189 1.75589  ? ? 0.0 
;2-Gaussian fit: Grosse-Kunstleve RW, Sauter NK, Adams PD: Newsletter of the IUCr Commission on Crystallographic Computing 2004, 3, 22-31.
;
? 
O ? ? 4.49882 3.47563 ? ? 15.80542 1.70748  ? ? 0.0 
;2-Gaussian fit: Grosse-Kunstleve RW, Sauter NK, Adams PD: Newsletter of the IUCr Commission on Crystallographic Computing 2004, 3, 22-31.
;
? 
S ? ? 9.55732 6.39887 ? ? 1.23737  29.19336 ? ? 0.0 
;2-Gaussian fit: Grosse-Kunstleve RW, Sauter NK, Adams PD: Newsletter of the IUCr Commission on Crystallographic Computing 2004, 3, 22-31.
;
? 
# 
loop_
_atom_site.group_PDB 
_atom_site.id 
_atom_site.type_symbol 
_atom_site.label_atom_id 
_atom_site.label_alt_id 
_atom_site.label_comp_id 
_atom_site.label_asym_id 
_atom_site.label_entity_id 
_atom_site.label_seq_id 
_atom_site.pdbx_PDB_ins_code 
_atom_site.Cartn_x 
_atom_site.Cartn_y 
_atom_site.Cartn_z 
_atom_site.occupancy 
_atom_site.B_iso_or_equiv 
_atom_site.pdbx_formal_charge 
_atom_site.auth_seq_id 
_atom_site.auth_comp_id 
_atom_site.auth_asym_id 
_atom_site.auth_atom_id 
_atom_site.pdbx_PDB_model_num 
ATOM   1   N N   . ASN A 1 29  ? -5.18694  5.60267   -11.71986 1.000 43.55584 ? 29  ASN A N   1 
ATOM   2   C CA  . ASN A 1 29  ? -5.75726  4.31296   -12.09147 1.000 49.97855 ? 29  ASN A CA  1 
ATOM   3   C C   . ASN A 1 29  ? -4.89008  3.17961   -11.54304 1.000 36.56978 ? 29  ASN A C   1 
ATOM   4   O O   . ASN A 1 29  ? -3.79484  2.92178   -12.03983 1.000 25.38463 ? 29  ASN A O   1 
ATOM   5   C CB  . ASN A 1 29  ? -5.89689  4.20507   -13.61260 1.000 43.15610 ? 29  ASN A CB  1 
ATOM   6   C CG  . ASN A 1 29  ? -6.64384  2.95381   -14.05126 1.000 53.82866 ? 29  ASN A CG  1 
ATOM   7   O OD1 . ASN A 1 29  ? -6.83390  2.01581   -13.27618 1.000 55.19308 ? 29  ASN A OD1 1 
ATOM   8   N ND2 . ASN A 1 29  ? -7.08076  2.94278   -15.30502 1.000 48.09054 ? 29  ASN A ND2 1 
ATOM   9   N N   . ILE A 1 30  ? -5.42282  2.50076   -10.52513 1.000 37.66063 ? 30  ILE A N   1 
ATOM   10  C CA  . ILE A 1 30  ? -4.64871  1.51184   -9.78025  1.000 37.33435 ? 30  ILE A CA  1 
ATOM   11  C C   . ILE A 1 30  ? -4.23857  0.34783   -10.67490 1.000 33.78678 ? 30  ILE A C   1 
ATOM   12  O O   . ILE A 1 30  ? -3.09251  -0.11862  -10.62478 1.000 33.00531 ? 30  ILE A O   1 
ATOM   13  C CB  . ILE A 1 30  ? -5.45346  1.03112   -8.55828  1.000 38.39644 ? 30  ILE A CB  1 
ATOM   14  C CG1 . ILE A 1 30  ? -5.44533  2.09816   -7.45700  1.000 33.28945 ? 30  ILE A CG1 1 
ATOM   15  C CG2 . ILE A 1 30  ? -4.93539  -0.30930  -8.05604  1.000 42.33939 ? 30  ILE A CG2 1 
ATOM   16  C CD1 . ILE A 1 30  ? -4.12729  2.83172   -7.31352  1.000 32.47224 ? 30  ILE A CD1 1 
ATOM   17  N N   . ASP A 1 31  ? -5.15955  -0.13172  -11.51461 1.000 40.06625 ? 31  ASP A N   1 
ATOM   18  C CA  . ASP A 1 31  ? -4.90864  -1.35728  -12.26870 1.000 25.64860 ? 31  ASP A CA  1 
ATOM   19  C C   . ASP A 1 31  ? -3.74789  -1.19479  -13.24291 1.000 29.37759 ? 31  ASP A C   1 
ATOM   20  O O   . ASP A 1 31  ? -2.97567  -2.13542  -13.45897 1.000 27.12797 ? 31  ASP A O   1 
ATOM   21  C CB  . ASP A 1 31  ? -6.17596  -1.78764  -13.00599 1.000 39.18219 ? 31  ASP A CB  1 
ATOM   22  C CG  . ASP A 1 31  ? -7.09084  -2.63141  -12.14158 1.000 51.12716 ? 31  ASP A CG  1 
ATOM   23  O OD1 . ASP A 1 31  ? -6.58858  -3.27431  -11.19578 1.000 54.35482 ? 31  ASP A OD1 1 
ATOM   24  O OD2 . ASP A 1 31  ? -8.31102  -2.65138  -12.40541 1.000 70.56483 ? 31  ASP A OD2 1 
ATOM   25  N N   . GLU A 1 32  ? -3.60142  -0.01112  -13.83872 1.000 40.14648 ? 32  GLU A N   1 
ATOM   26  C CA  . GLU A 1 32  ? -2.48703  0.19768   -14.75610 1.000 24.21907 ? 32  GLU A CA  1 
ATOM   27  C C   . GLU A 1 32  ? -1.15427  0.24630   -14.01846 1.000 27.08058 ? 32  GLU A C   1 
ATOM   28  O O   . GLU A 1 32  ? -0.12748  -0.17280  -14.56603 1.000 30.92182 ? 32  GLU A O   1 
ATOM   29  C CB  . GLU A 1 32  ? -2.70194  1.47597   -15.56010 1.000 29.69520 ? 32  GLU A CB  1 
ATOM   30  C CG  . GLU A 1 32  ? -1.51378  1.87965   -16.40841 1.000 47.63017 ? 32  GLU A CG  1 
ATOM   31  C CD  . GLU A 1 32  ? -1.71911  3.21813   -17.06718 1.000 49.52677 ? 32  GLU A CD  1 
ATOM   32  O OE1 . GLU A 1 32  ? -2.33435  4.09334   -16.42639 1.000 34.35041 ? 32  GLU A OE1 1 
ATOM   33  O OE2 . GLU A 1 32  ? -1.26011  3.39971   -18.21403 1.000 49.51115 ? 32  GLU A OE2 1 
ATOM   34  N N   . ILE A 1 33  ? -1.14681  0.74567   -12.78144 1.000 27.23699 ? 33  ILE A N   1 
ATOM   35  C CA  . ILE A 1 33  ? 0.08597   0.75659   -12.00075 1.000 30.57625 ? 33  ILE A CA  1 
ATOM   36  C C   . ILE A 1 33  ? 0.51140   -0.66474  -11.65247 1.000 28.80080 ? 33  ILE A C   1 
ATOM   37  O O   . ILE A 1 33  ? 1.69307   -1.01431  -11.75360 1.000 27.18399 ? 33  ILE A O   1 
ATOM   38  C CB  . ILE A 1 33  ? -0.08357  1.62292   -10.73927 1.000 35.61190 ? 33  ILE A CB  1 
ATOM   39  C CG1 . ILE A 1 33  ? -0.59439  3.01543   -11.11241 1.000 35.98063 ? 33  ILE A CG1 1 
ATOM   40  C CG2 . ILE A 1 33  ? 1.23178   1.72538   -9.98306  1.000 31.43671 ? 33  ILE A CG2 1 
ATOM   41  C CD1 . ILE A 1 33  ? -0.45562  4.03383   -10.00252 1.000 42.40193 ? 33  ILE A CD1 1 
ATOM   42  N N   . ILE A 1 34  ? -0.43949  -1.51022  -11.24784 1.000 25.40695 ? 34  ILE A N   1 
ATOM   43  C CA  . ILE A 1 34  ? -0.09241  -2.87004  -10.84631 1.000 26.78625 ? 34  ILE A CA  1 
ATOM   44  C C   . ILE A 1 34  ? 0.10282   -3.80051  -12.03797 1.000 32.20373 ? 34  ILE A C   1 
ATOM   45  O O   . ILE A 1 34  ? 0.71333   -4.86594  -11.88495 1.000 34.10714 ? 34  ILE A O   1 
ATOM   46  C CB  . ILE A 1 34  ? -1.15329  -3.45091  -9.89544  1.000 30.42041 ? 34  ILE A CB  1 
ATOM   47  C CG1 . ILE A 1 34  ? -2.44729  -3.76098  -10.65066 1.000 33.32127 ? 34  ILE A CG1 1 
ATOM   48  C CG2 . ILE A 1 34  ? -1.41575  -2.49192  -8.74189  1.000 25.33813 ? 34  ILE A CG2 1 
ATOM   49  C CD1 . ILE A 1 34  ? -3.64765  -3.96688  -9.74915  1.000 36.53889 ? 34  ILE A CD1 1 
ATOM   50  N N   . GLU A 1 35  ? -0.39301  -3.43364  -13.22192 1.000 35.22917 ? 35  GLU A N   1 
ATOM   51  C CA  . GLU A 1 35  ? -0.19370  -4.26268  -14.40477 1.000 32.12400 ? 35  GLU A CA  1 
ATOM   52  C C   . GLU A 1 35  ? 1.16335   -4.03711  -15.05579 1.000 27.42177 ? 35  GLU A C   1 
ATOM   53  O O   . GLU A 1 35  ? 1.63464   -4.91021  -15.79206 1.000 20.07736 ? 35  GLU A O   1 
ATOM   54  C CB  . GLU A 1 35  ? -1.29881  -4.00299  -15.43081 1.000 32.70606 ? 35  GLU A CB  1 
ATOM   55  C CG  . GLU A 1 35  ? -2.38447  -5.06602  -15.45715 1.000 41.05765 ? 35  GLU A CG  1 
ATOM   56  C CD  . GLU A 1 35  ? -3.68176  -4.55952  -16.05694 1.000 46.16431 ? 35  GLU A CD  1 
ATOM   57  O OE1 . GLU A 1 35  ? -4.75508  -5.07200  -15.67500 1.000 51.78016 ? 35  GLU A OE1 1 
ATOM   58  O OE2 . GLU A 1 35  ? -3.62814  -3.64916  -16.91073 1.000 51.23665 ? 35  GLU A OE2 1 
ATOM   59  N N   . ASN A 1 36  ? 1.79522   -2.89278  -14.80467 1.000 29.31744 ? 36  ASN A N   1 
ATOM   60  C CA  . ASN A 1 36  ? 3.10377   -2.55964  -15.35807 1.000 27.59870 ? 36  ASN A CA  1 
ATOM   61  C C   . ASN A 1 36  ? 4.06100   -2.34758  -14.19270 1.000 31.19913 ? 36  ASN A C   1 
ATOM   62  O O   . ASN A 1 36  ? 3.97105   -1.33739  -13.48580 1.000 26.35680 ? 36  ASN A O   1 
ATOM   63  C CB  . ASN A 1 36  ? 3.02037   -1.31710  -16.24637 1.000 21.57022 ? 36  ASN A CB  1 
ATOM   64  C CG  . ASN A 1 36  ? 4.35950   -0.93404  -16.85410 1.000 26.57248 ? 36  ASN A CG  1 
ATOM   65  O OD1 . ASN A 1 36  ? 5.35245   -1.64716  -16.70894 1.000 33.10714 ? 36  ASN A OD1 1 
ATOM   66  N ND2 . ASN A 1 36  ? 4.38878   0.19985   -17.54617 1.000 37.02244 ? 36  ASN A ND2 1 
ATOM   67  N N   . ARG A 1 37  ? 4.98093   -3.29705  -13.99896 1.000 21.44249 ? 37  ARG A N   1 
ATOM   68  C CA  . ARG A 1 37  ? 5.91285   -3.21949  -12.87969 1.000 26.19088 ? 37  ARG A CA  1 
ATOM   69  C C   . ARG A 1 37  ? 6.79879   -1.98199  -12.94416 1.000 27.32268 ? 37  ARG A C   1 
ATOM   70  O O   . ARG A 1 37  ? 7.38902   -1.60251  -11.92639 1.000 26.99779 ? 37  ARG A O   1 
ATOM   71  C CB  . ARG A 1 37  ? 6.77964   -4.47952  -12.82838 1.000 25.16561 ? 37  ARG A CB  1 
ATOM   72  C CG  . ARG A 1 37  ? 7.37391   -4.75214  -11.45794 1.000 22.48993 ? 37  ARG A CG  1 
ATOM   73  C CD  . ARG A 1 37  ? 8.13115   -6.06626  -11.40863 1.000 19.08286 ? 37  ARG A CD  1 
ATOM   74  N NE  . ARG A 1 37  ? 8.68602   -6.30413  -10.07921 1.000 19.31690 ? 37  ARG A NE  1 
ATOM   75  C CZ  . ARG A 1 37  ? 9.83927   -5.80011  -9.65143  1.000 21.98526 ? 37  ARG A CZ  1 
ATOM   76  N NH1 . ARG A 1 37  ? 10.56464  -5.02924  -10.45096 1.000 28.90288 ? 37  ARG A NH1 1 
ATOM   77  N NH2 . ARG A 1 37  ? 10.26766  -6.06432  -8.42420  1.000 15.75501 ? 37  ARG A NH2 1 
ATOM   78  N N   . LYS A 1 38  ? 6.90455   -1.34328  -14.11066 1.000 20.32586 ? 38  LYS A N   1 
ATOM   79  C CA  . LYS A 1 38  ? 7.71399   -0.13851  -14.23659 1.000 30.97690 ? 38  LYS A CA  1 
ATOM   80  C C   . LYS A 1 38  ? 7.00886   1.09937   -13.70124 1.000 24.09141 ? 38  LYS A C   1 
ATOM   81  O O   . LYS A 1 38  ? 7.67179   2.11038   -13.44720 1.000 28.79239 ? 38  LYS A O   1 
ATOM   82  C CB  . LYS A 1 38  ? 8.11001   0.07478   -15.69787 1.000 30.88904 ? 38  LYS A CB  1 
ATOM   83  C CG  . LYS A 1 38  ? 9.00375   -1.02621  -16.24727 1.000 31.66872 ? 38  LYS A CG  1 
ATOM   84  C CD  . LYS A 1 38  ? 10.04844  -0.47117  -17.19740 1.000 45.01881 ? 38  LYS A CD  1 
ATOM   85  C CE  . LYS A 1 38  ? 10.75885  0.73058   -16.59665 1.000 45.96365 ? 38  LYS A CE  1 
ATOM   86  N NZ  . LYS A 1 38  ? 11.32263  1.61833   -17.64985 1.000 51.16930 ? 38  LYS A NZ  1 
ATOM   87  N N   . LEU A 1 39  ? 5.68605   1.04823   -13.54299 1.000 22.27513 ? 39  LEU A N   1 
ATOM   88  C CA  . LEU A 1 39  ? 4.95100   2.07699   -12.81804 1.000 19.07124 ? 39  LEU A CA  1 
ATOM   89  C C   . LEU A 1 39  ? 4.83754   1.74158   -11.33871 1.000 17.20117 ? 39  LEU A C   1 
ATOM   90  O O   . LEU A 1 39  ? 4.93714   2.63362   -10.49015 1.000 19.04271 ? 39  LEU A O   1 
ATOM   91  C CB  . LEU A 1 39  ? 3.54701   2.25139   -13.40520 1.000 19.21093 ? 39  LEU A CB  1 
ATOM   92  C CG  . LEU A 1 39  ? 3.37599   2.88357   -14.78594 1.000 15.02462 ? 39  LEU A CG  1 
ATOM   93  C CD1 . LEU A 1 39  ? 1.89811   2.97491   -15.13685 1.000 12.43474 ? 39  LEU A CD1 1 
ATOM   94  C CD2 . LEU A 1 39  ? 4.02668   4.25555   -14.83763 1.000 23.42243 ? 39  LEU A CD2 1 
ATOM   95  N N   . LEU A 1 40  ? 4.63829   0.45914   -11.02476 1.000 18.09256 ? 40  LEU A N   1 
ATOM   96  C CA  . LEU A 1 40  ? 4.43767   0.03866   -9.64184  1.000 23.09760 ? 40  LEU A CA  1 
ATOM   97  C C   . LEU A 1 40  ? 5.66422   0.33425   -8.78856  1.000 19.78431 ? 40  LEU A C   1 
ATOM   98  O O   . LEU A 1 40  ? 5.55374   0.92963   -7.71137  1.000 18.96458 ? 40  LEU A O   1 
ATOM   99  C CB  . LEU A 1 40  ? 4.10238   -1.45172  -9.59959  1.000 20.33640 ? 40  LEU A CB  1 
ATOM   100 C CG  . LEU A 1 40  ? 3.81930   -2.04437  -8.22083  1.000 14.83077 ? 40  LEU A CG  1 
ATOM   101 C CD1 . LEU A 1 40  ? 2.53581   -1.46553  -7.64650  1.000 18.43062 ? 40  LEU A CD1 1 
ATOM   102 C CD2 . LEU A 1 40  ? 3.74496   -3.55900  -8.29524  1.000 22.40277 ? 40  LEU A CD2 1 
ATOM   103 N N   . VAL A 1 41  ? 6.84548   -0.07914  -9.25861  1.000 18.78027 ? 41  VAL A N   1 
ATOM   104 C CA  . VAL A 1 41  ? 8.06759   0.10362   -8.47487  1.000 17.37147 ? 41  VAL A CA  1 
ATOM   105 C C   . VAL A 1 41  ? 8.27760   1.55701   -8.05353  1.000 13.72799 ? 41  VAL A C   1 
ATOM   106 O O   . VAL A 1 41  ? 8.54492   1.79587   -6.86941  1.000 25.24455 ? 41  VAL A O   1 
ATOM   107 C CB  . VAL A 1 41  ? 9.27426   -0.48773  -9.22614  1.000 18.59040 ? 41  VAL A CB  1 
ATOM   108 C CG1 . VAL A 1 41  ? 10.57553  0.03247   -8.63386  1.000 20.11820 ? 41  VAL A CG1 1 
ATOM   109 C CG2 . VAL A 1 41  ? 9.23509   -2.00544  -9.19207  1.000 21.45686 ? 41  VAL A CG2 1 
ATOM   110 N N   . PRO A 1 42  ? 8.16539   2.55656   -8.94274  1.000 23.53858 ? 42  PRO A N   1 
ATOM   111 C CA  . PRO A 1 42  ? 8.30138   3.94333   -8.46732  1.000 21.72622 ? 42  PRO A CA  1 
ATOM   112 C C   . PRO A 1 42  ? 7.27438   4.32715   -7.41828  1.000 14.57293 ? 42  PRO A C   1 
ATOM   113 O O   . PRO A 1 42  ? 7.58799   5.10295   -6.50565  1.000 15.86435 ? 42  PRO A O   1 
ATOM   114 C CB  . PRO A 1 42  ? 8.13864   4.77239   -9.75056  1.000 27.89748 ? 42  PRO A CB  1 
ATOM   115 C CG  . PRO A 1 42  ? 8.57328   3.86448   -10.83216 1.000 16.78231 ? 42  PRO A CG  1 
ATOM   116 C CD  . PRO A 1 42  ? 8.12417   2.49515   -10.41532 1.000 20.62208 ? 42  PRO A CD  1 
ATOM   117 N N   . TYR A 1 43  ? 6.05206   3.80146   -7.51627  1.000 22.78933 ? 43  TYR A N   1 
ATOM   118 C CA  . TYR A 1 43  ? 5.04554   4.09281   -6.50081  1.000 18.31115 ? 43  TYR A CA  1 
ATOM   119 C C   . TYR A 1 43  ? 5.37323   3.40042   -5.18648  1.000 17.93879 ? 43  TYR A C   1 
ATOM   120 O O   . TYR A 1 43  ? 5.15298   3.96708   -4.11016  1.000 15.52875 ? 43  TYR A O   1 
ATOM   121 C CB  . TYR A 1 43  ? 3.66374   3.67320   -6.99494  1.000 20.20637 ? 43  TYR A CB  1 
ATOM   122 C CG  . TYR A 1 43  ? 2.99029   4.72414   -7.83661  1.000 20.75887 ? 43  TYR A CG  1 
ATOM   123 C CD1 . TYR A 1 43  ? 2.09656   5.62098   -7.27413  1.000 26.67766 ? 43  TYR A CD1 1 
ATOM   124 C CD2 . TYR A 1 43  ? 3.25697   4.82698   -9.19475  1.000 27.78268 ? 43  TYR A CD2 1 
ATOM   125 C CE1 . TYR A 1 43  ? 1.48009   6.58761   -8.03969  1.000 31.08054 ? 43  TYR A CE1 1 
ATOM   126 C CE2 . TYR A 1 43  ? 2.64623   5.79071   -9.96985  1.000 40.18081 ? 43  TYR A CE2 1 
ATOM   127 C CZ  . TYR A 1 43  ? 1.75720   6.66731   -9.38636  1.000 36.09720 ? 43  TYR A CZ  1 
ATOM   128 O OH  . TYR A 1 43  ? 1.14209   7.63009   -10.15168 1.000 48.24920 ? 43  TYR A OH  1 
ATOM   129 N N   . ILE A 1 44  ? 5.89091   2.17121   -5.25545  1.000 15.29136 ? 44  ILE A N   1 
ATOM   130 C CA  . ILE A 1 44  ? 6.30639   1.46725   -4.04536  1.000 11.14901 ? 44  ILE A CA  1 
ATOM   131 C C   . ILE A 1 44  ? 7.43624   2.22169   -3.36194  1.000 14.91041 ? 44  ILE A C   1 
ATOM   132 O O   . ILE A 1 44  ? 7.39562   2.48066   -2.15347  1.000 19.13291 ? 44  ILE A O   1 
ATOM   133 C CB  . ILE A 1 44  ? 6.71976   0.02284   -4.37611  1.000 18.76191 ? 44  ILE A CB  1 
ATOM   134 C CG1 . ILE A 1 44  ? 5.50047   -0.81175  -4.76755  1.000 12.83250 ? 44  ILE A CG1 1 
ATOM   135 C CG2 . ILE A 1 44  ? 7.45518   -0.60291  -3.19466  1.000 9.42972  ? 44  ILE A CG2 1 
ATOM   136 C CD1 . ILE A 1 44  ? 5.85162   -2.21060  -5.21942  1.000 11.40873 ? 44  ILE A CD1 1 
ATOM   137 N N   . LYS A 1 45  ? 8.46057   2.59314   -4.13092  1.000 16.66348 ? 45  LYS A N   1 
ATOM   138 C CA  . LYS A 1 45  ? 9.57356   3.34436   -3.56322  1.000 17.91294 ? 45  LYS A CA  1 
ATOM   139 C C   . LYS A 1 45  ? 9.12225   4.69713   -3.02513  1.000 17.61503 ? 45  LYS A C   1 
ATOM   140 O O   . LYS A 1 45  ? 9.75286   5.24284   -2.11434  1.000 14.62282 ? 45  LYS A O   1 
ATOM   141 C CB  . LYS A 1 45  ? 10.67003  3.51239   -4.61377  1.000 14.40765 ? 45  LYS A CB  1 
ATOM   142 C CG  . LYS A 1 45  ? 11.37755  2.20963   -4.96185  1.000 18.16778 ? 45  LYS A CG  1 
ATOM   143 C CD  . LYS A 1 45  ? 12.60344  2.43587   -5.83400  1.000 19.96002 ? 45  LYS A CD  1 
ATOM   144 C CE  . LYS A 1 45  ? 13.25219  1.11148   -6.20467  1.000 19.67855 ? 45  LYS A CE  1 
ATOM   145 N NZ  . LYS A 1 45  ? 14.36527  1.27610   -7.17990  1.000 46.44806 ? 45  LYS A NZ  1 
ATOM   146 N N   . CYS A 1 46  ? 8.03509   5.24870   -3.56584  1.000 19.88773 ? 46  CYS A N   1 
ATOM   147 C CA  . CYS A 1 46  ? 7.49195   6.48755   -3.02483  1.000 13.73997 ? 46  CYS A CA  1 
ATOM   148 C C   . CYS A 1 46  ? 6.97263   6.27951   -1.60571  1.000 17.27037 ? 46  CYS A C   1 
ATOM   149 O O   . CYS A 1 46  ? 7.29289   7.05336   -0.69541  1.000 17.65551 ? 46  CYS A O   1 
ATOM   150 C CB  . CYS A 1 46  ? 6.39252   7.01053   -3.94118  1.000 11.41582 ? 46  CYS A CB  1 
ATOM   151 S SG  . CYS A 1 46  ? 5.25574   8.11224   -3.13098  1.000 9.18806  ? 46  CYS A SG  1 
ATOM   152 N N   . THR A 1 47  ? 6.19029   5.21982   -1.39004  1.000 17.62695 ? 47  THR A N   1 
ATOM   153 C CA  . THR A 1 47  ? 5.65086   4.94262   -0.06277  1.000 19.35082 ? 47  THR A CA  1 
ATOM   154 C C   . THR A 1 47  ? 6.70183   4.44379   0.91794   1.000 20.68903 ? 47  THR A C   1 
ATOM   155 O O   . THR A 1 47  ? 6.42573   4.40765   2.12061   1.000 24.28452 ? 47  THR A O   1 
ATOM   156 C CB  . THR A 1 47  ? 4.51428   3.91814   -0.14760  1.000 16.89010 ? 47  THR A CB  1 
ATOM   157 O OG1 . THR A 1 47  ? 5.05997   2.59657   -0.22622  1.000 33.53010 ? 47  THR A OG1 1 
ATOM   158 C CG2 . THR A 1 47  ? 3.65003   4.17768   -1.36241  1.000 9.79668  ? 47  THR A CG2 1 
ATOM   159 N N   . LEU A 1 48  ? 7.88465   4.06154   0.44218   1.000 15.15137 ? 48  LEU A N   1 
ATOM   160 C CA  . LEU A 1 48  ? 8.96499   3.58964   1.29711   1.000 17.05987 ? 48  LEU A CA  1 
ATOM   161 C C   . LEU A 1 48  ? 10.03289  4.65222   1.53397   1.000 16.65372 ? 48  LEU A C   1 
ATOM   162 O O   . LEU A 1 48  ? 11.09800  4.33406   2.07396   1.000 16.17229 ? 48  LEU A O   1 
ATOM   163 C CB  . LEU A 1 48  ? 9.60611   2.33766   0.69249   1.000 12.78033 ? 48  LEU A CB  1 
ATOM   164 C CG  . LEU A 1 48  ? 8.78297   1.04822   0.64564   1.000 15.26846 ? 48  LEU A CG  1 
ATOM   165 C CD1 . LEU A 1 48  ? 9.56293   -0.05486  -0.05658  1.000 8.30139  ? 48  LEU A CD1 1 
ATOM   166 C CD2 . LEU A 1 48  ? 8.37730   0.61333   2.04484   1.000 11.92070 ? 48  LEU A CD2 1 
ATOM   167 N N   . ASP A 1 49  ? 9.76870   5.90291   1.14522   1.000 14.68012 ? 49  ASP A N   1 
ATOM   168 C CA  . ASP A 1 49  ? 10.77106  6.96642   1.10167   1.000 17.23917 ? 49  ASP A CA  1 
ATOM   169 C C   . ASP A 1 49  ? 12.07111  6.49805   0.45840   1.000 21.77403 ? 49  ASP A C   1 
ATOM   170 O O   . ASP A 1 49  ? 13.15049  6.97141   0.82307   1.000 14.96382 ? 49  ASP A O   1 
ATOM   171 C CB  . ASP A 1 49  ? 11.07443  7.52119   2.49792   1.000 16.03554 ? 49  ASP A CB  1 
ATOM   172 C CG  . ASP A 1 49  ? 9.83359   7.72486   3.33754   1.000 17.96061 ? 49  ASP A CG  1 
ATOM   173 O OD1 . ASP A 1 49  ? 8.90265   8.41436   2.87368   1.000 20.32268 ? 49  ASP A OD1 1 
ATOM   174 O OD2 . ASP A 1 49  ? 9.80398   7.21690   4.47733   1.000 16.11957 ? 49  ASP A OD2 1 
ATOM   175 N N   . GLN A 1 50  ? 11.98426  5.56050   -0.48267  1.000 22.14507 ? 50  GLN A N   1 
ATOM   176 C CA  . GLN A 1 50  ? 13.14552  5.09789   -1.22734  1.000 14.64956 ? 50  GLN A CA  1 
ATOM   177 C C   . GLN A 1 50  ? 13.23753  5.73547   -2.60002  1.000 17.33252 ? 50  GLN A C   1 
ATOM   178 O O   . GLN A 1 50  ? 14.23955  5.54513   -3.29786  1.000 25.15935 ? 50  GLN A O   1 
ATOM   179 C CB  . GLN A 1 50  ? 13.10942  3.57659   -1.37547  1.000 16.47615 ? 50  GLN A CB  1 
ATOM   180 C CG  . GLN A 1 50  ? 13.29964  2.83767   -0.07143  1.000 12.83658 ? 50  GLN A CG  1 
ATOM   181 C CD  . GLN A 1 50  ? 13.18084  1.34294   -0.23832  1.000 19.53873 ? 50  GLN A CD  1 
ATOM   182 O OE1 . GLN A 1 50  ? 12.90086  0.84958   -1.33101  1.000 30.72327 ? 50  GLN A OE1 1 
ATOM   183 N NE2 . GLN A 1 50  ? 13.39252  0.60917   0.84576   1.000 24.66511 ? 50  GLN A NE2 1 
ATOM   184 N N   . GLY A 1 51  ? 12.21074  6.47484   -2.99419  1.000 22.75366 ? 51  GLY A N   1 
ATOM   185 C CA  . GLY A 1 51  ? 12.17294  7.15356   -4.26811  1.000 15.11869 ? 51  GLY A CA  1 
ATOM   186 C C   . GLY A 1 51  ? 11.20181  8.30494   -4.16344  1.000 15.52501 ? 51  GLY A C   1 
ATOM   187 O O   . GLY A 1 51  ? 10.54931  8.51408   -3.13859  1.000 20.08988 ? 51  GLY A O   1 
ATOM   188 N N   . ARG A 1 52  ? 11.09954  9.03321   -5.25919  1.000 15.46707 ? 52  ARG A N   1 
ATOM   189 C CA  . ARG A 1 52  ? 10.40680  10.30507  -5.30457  1.000 18.00402 ? 52  ARG A CA  1 
ATOM   190 C C   . ARG A 1 52  ? 8.93224   10.09508  -5.63177  1.000 21.11655 ? 52  ARG A C   1 
ATOM   191 O O   . ARG A 1 52  ? 8.55828   9.13772   -6.31386  1.000 16.98788 ? 52  ARG A O   1 
ATOM   192 C CB  . ARG A 1 52  ? 11.10325  11.18044  -6.33776  1.000 25.57613 ? 52  ARG A CB  1 
ATOM   193 C CG  . ARG A 1 52  ? 10.65078  12.58317  -6.44223  1.000 48.42287 ? 52  ARG A CG  1 
ATOM   194 C CD  . ARG A 1 52  ? 11.22552  13.11414  -7.72670  1.000 56.32867 ? 52  ARG A CD  1 
ATOM   195 N NE  . ARG A 1 52  ? 12.58152  13.61777  -7.56272  1.000 60.80791 ? 52  ARG A NE  1 
ATOM   196 C CZ  . ARG A 1 52  ? 12.87481  14.80618  -7.04906  1.000 66.02399 ? 52  ARG A CZ  1 
ATOM   197 N NH1 . ARG A 1 52  ? 11.90020  15.61250  -6.64876  1.000 57.78531 ? 52  ARG A NH1 1 
ATOM   198 N NH2 . ARG A 1 52  ? 14.13650  15.19254  -6.93837  1.000 55.70982 ? 52  ARG A NH2 1 
ATOM   199 N N   . CYS A 1 53  ? 8.09112   10.98333  -5.11135  1.000 25.52816 ? 53  CYS A N   1 
ATOM   200 C CA  . CYS A 1 53  ? 6.64477   10.80638  -5.13756  1.000 16.90320 ? 53  CYS A CA  1 
ATOM   201 C C   . CYS A 1 53  ? 6.00657   11.81696  -6.07554  1.000 20.62217 ? 53  CYS A C   1 
ATOM   202 O O   . CYS A 1 53  ? 6.19020   13.02529  -5.90674  1.000 29.74806 ? 53  CYS A O   1 
ATOM   203 C CB  . CYS A 1 53  ? 6.05437   10.96429  -3.74025  1.000 21.10150 ? 53  CYS A CB  1 
ATOM   204 S SG  . CYS A 1 53  ? 6.44075   9.67140   -2.57575  1.000 16.52584 ? 53  CYS A SG  1 
ATOM   205 N N   . THR A 1 54  ? 5.24929   11.32065  -7.04614  1.000 15.15832 ? 54  THR A N   1 
ATOM   206 C CA  . THR A 1 54  ? 4.30197   12.15498  -7.75758  1.000 16.26228 ? 54  THR A CA  1 
ATOM   207 C C   . THR A 1 54  ? 3.19195   12.58267  -6.79626  1.000 21.05772 ? 54  THR A C   1 
ATOM   208 O O   . THR A 1 54  ? 3.02398   11.98316  -5.73092  1.000 17.94569 ? 54  THR A O   1 
ATOM   209 C CB  . THR A 1 54  ? 3.72536   11.38746  -8.94327  1.000 15.05070 ? 54  THR A CB  1 
ATOM   210 O OG1 . THR A 1 54  ? 2.86374   10.34867  -8.46318  1.000 21.82868 ? 54  THR A OG1 1 
ATOM   211 C CG2 . THR A 1 54  ? 4.85116   10.76049  -9.74132  1.000 14.62623 ? 54  THR A CG2 1 
ATOM   212 N N   . PRO A 1 55  ? 2.43707   13.63706  -7.13108  1.000 25.46517 ? 55  PRO A N   1 
ATOM   213 C CA  . PRO A 1 55  ? 1.31615   14.02549  -6.25500  1.000 22.91869 ? 55  PRO A CA  1 
ATOM   214 C C   . PRO A 1 55  ? 0.37554   12.87119  -5.95217  1.000 23.02814 ? 55  PRO A C   1 
ATOM   215 O O   . PRO A 1 55  ? -0.06408  12.71181  -4.80626  1.000 23.92110 ? 55  PRO A O   1 
ATOM   216 C CB  . PRO A 1 55  ? 0.62563   15.14012  -7.05057  1.000 9.53602  ? 55  PRO A CB  1 
ATOM   217 C CG  . PRO A 1 55  ? 1.70151   15.71244  -7.90044  1.000 23.17910 ? 55  PRO A CG  1 
ATOM   218 C CD  . PRO A 1 55  ? 2.61591   14.57729  -8.25221  1.000 24.43183 ? 55  PRO A CD  1 
ATOM   219 N N   . GLU A 1 56  ? 0.07695   12.04335  -6.95545  1.000 26.00135 ? 56  GLU A N   1 
ATOM   220 C CA  . GLU A 1 56  ? -0.72114  10.84460  -6.72318  1.000 23.45597 ? 56  GLU A CA  1 
ATOM   221 C C   . GLU A 1 56  ? 0.01081   9.86698   -5.81363  1.000 22.68032 ? 56  GLU A C   1 
ATOM   222 O O   . GLU A 1 56  ? -0.60991  9.20906   -4.96985  1.000 19.96724 ? 56  GLU A O   1 
ATOM   223 C CB  . GLU A 1 56  ? -1.05965  10.17274  -8.05613  1.000 19.22878 ? 56  GLU A CB  1 
ATOM   224 C CG  . GLU A 1 56  ? -1.53661  11.12613  -9.14060  1.000 41.04604 ? 56  GLU A CG  1 
ATOM   225 C CD  . GLU A 1 56  ? -0.39067  11.80715  -9.86694  1.000 38.01301 ? 56  GLU A CD  1 
ATOM   226 O OE1 . GLU A 1 56  ? -0.51030  13.01380  -10.15956 1.000 40.17291 ? 56  GLU A OE1 1 
ATOM   227 O OE2 . GLU A 1 56  ? 0.63120   11.14158  -10.13482 1.000 41.52239 ? 56  GLU A OE2 1 
ATOM   228 N N   . GLY A 1 57  ? 1.33260   9.75763   -5.97684  1.000 19.42661 ? 57  GLY A N   1 
ATOM   229 C CA  . GLY A 1 57  ? 2.10049   8.82199   -5.16960  1.000 20.04528 ? 57  GLY A CA  1 
ATOM   230 C C   . GLY A 1 57  ? 2.01802   9.11624   -3.68382  1.000 20.88900 ? 57  GLY A C   1 
ATOM   231 O O   . GLY A 1 57  ? 1.81561   8.21003   -2.87170  1.000 19.93008 ? 57  GLY A O   1 
ATOM   232 N N   . ARG A 1 58  ? 2.17811   10.39034  -3.30574  1.000 28.17608 ? 58  ARG A N   1 
ATOM   233 C CA  . ARG A 1 58  ? 2.08897   10.75568  -1.89361  1.000 28.27778 ? 58  ARG A CA  1 
ATOM   234 C C   . ARG A 1 58  ? 0.71419   10.44326  -1.31998  1.000 23.57613 ? 58  ARG A C   1 
ATOM   235 O O   . ARG A 1 58  ? 0.58406   10.19649  -0.11467  1.000 19.18974 ? 58  ARG A O   1 
ATOM   236 C CB  . ARG A 1 58  ? 2.40294   12.24507  -1.69781  1.000 26.90040 ? 58  ARG A CB  1 
ATOM   237 C CG  . ARG A 1 58  ? 3.83085   12.64548  -2.00404  1.000 41.34387 ? 58  ARG A CG  1 
ATOM   238 C CD  . ARG A 1 58  ? 4.43680   13.58891  -0.96191  1.000 38.89941 ? 58  ARG A CD  1 
ATOM   239 N NE  . ARG A 1 58  ? 5.83466   13.25387  -0.67842  1.000 61.08309 ? 58  ARG A NE  1 
ATOM   240 C CZ  . ARG A 1 58  ? 6.22622   12.43444  0.29372   1.000 63.44239 ? 58  ARG A CZ  1 
ATOM   241 N NH1 . ARG A 1 58  ? 5.32655   11.87095  1.08663   1.000 46.07387 ? 58  ARG A NH1 1 
ATOM   242 N NH2 . ARG A 1 58  ? 7.51561   12.17702  0.47649   1.000 50.87239 ? 58  ARG A NH2 1 
ATOM   243 N N   . GLU A 1 59  ? -0.32060  10.44964  -2.16049  1.000 20.48535 ? 59  GLU A N   1 
ATOM   244 C CA  . GLU A 1 59  ? -1.65532  10.13466  -1.66990  1.000 28.14444 ? 59  GLU A CA  1 
ATOM   245 C C   . GLU A 1 59  ? -1.87304  8.62961   -1.57706  1.000 21.50202 ? 59  GLU A C   1 
ATOM   246 O O   . GLU A 1 59  ? -2.50431  8.15320   -0.62762  1.000 18.44091 ? 59  GLU A O   1 
ATOM   247 C CB  . GLU A 1 59  ? -2.70995  10.79640  -2.56057  1.000 28.66480 ? 59  GLU A CB  1 
ATOM   248 C CG  . GLU A 1 59  ? -2.60523  12.32202  -2.60366  1.000 38.74158 ? 59  GLU A CG  1 
ATOM   249 C CD  . GLU A 1 59  ? -3.01123  12.98736  -1.29572  1.000 48.74209 ? 59  GLU A CD  1 
ATOM   250 O OE1 . GLU A 1 59  ? -4.04092  13.69298  -1.28715  1.000 42.93538 ? 59  GLU A OE1 1 
ATOM   251 O OE2 . GLU A 1 59  ? -2.29995  12.81922  -0.28053  1.000 45.64469 ? 59  GLU A OE2 1 
ATOM   252 N N   . LEU A 1 60  ? -1.35254  7.86531   -2.54155  1.000 18.13853 ? 60  LEU A N   1 
ATOM   253 C CA  . LEU A 1 60  ? -1.32988  6.41445   -2.38668  1.000 25.21140 ? 60  LEU A CA  1 
ATOM   254 C C   . LEU A 1 60  ? -0.49710  6.02106   -1.17507  1.000 14.23615 ? 60  LEU A C   1 
ATOM   255 O O   . LEU A 1 60  ? -0.86487  5.10962   -0.42505  1.000 16.79515 ? 60  LEU A O   1 
ATOM   256 C CB  . LEU A 1 60  ? -0.78520  5.75467   -3.65444  1.000 25.78886 ? 60  LEU A CB  1 
ATOM   257 C CG  . LEU A 1 60  ? -0.87785  4.22888   -3.70994  1.000 22.66878 ? 60  LEU A CG  1 
ATOM   258 C CD1 . LEU A 1 60  ? -2.32823  3.78186   -3.63266  1.000 10.10901 ? 60  LEU A CD1 1 
ATOM   259 C CD2 . LEU A 1 60  ? -0.21018  3.69407   -4.96675  1.000 14.70475 ? 60  LEU A CD2 1 
ATOM   260 N N   . LYS A 1 61  ? 0.62201   6.71837   -0.96408  1.000 17.31506 ? 61  LYS A N   1 
ATOM   261 C CA  . LYS A 1 61  ? 1.42872   6.53232   0.23765   1.000 16.86594 ? 61  LYS A CA  1 
ATOM   262 C C   . LYS A 1 61  ? 0.60696   6.75874   1.50030   1.000 16.68273 ? 61  LYS A C   1 
ATOM   263 O O   . LYS A 1 61  ? 0.70720   5.98867   2.46302   1.000 16.56287 ? 61  LYS A O   1 
ATOM   264 C CB  . LYS A 1 61  ? 2.62202   7.48613   0.18895   1.000 19.54737 ? 61  LYS A CB  1 
ATOM   265 C CG  . LYS A 1 61  ? 3.56789   7.43984   1.36922   1.000 18.08863 ? 61  LYS A CG  1 
ATOM   266 C CD  . LYS A 1 61  ? 4.75646   8.35067   1.08556   1.000 26.94529 ? 61  LYS A CD  1 
ATOM   267 C CE  . LYS A 1 61  ? 5.82667   8.25512   2.15354   1.000 22.60028 ? 61  LYS A CE  1 
ATOM   268 N NZ  . LYS A 1 61  ? 5.25987   8.20135   3.52585   1.000 41.07473 ? 61  LYS A NZ  1 
ATOM   269 N N   . ALA A 1 62  ? -0.21469  7.81046   1.51318   1.000 13.51733 ? 62  ALA A N   1 
ATOM   270 C CA  . ALA A 1 62  ? -1.03195  8.09550   2.68733   1.000 14.09450 ? 62  ALA A CA  1 
ATOM   271 C C   . ALA A 1 62  ? -2.05201  6.99154   2.93454   1.000 19.13283 ? 62  ALA A C   1 
ATOM   272 O O   . ALA A 1 62  ? -2.27490  6.58748   4.08203   1.000 16.52904 ? 62  ALA A O   1 
ATOM   273 C CB  . ALA A 1 62  ? -1.73177  9.44425   2.52426   1.000 4.90261  ? 62  ALA A CB  1 
ATOM   274 N N   . HIS A 1 63  ? -2.67927  6.48654   1.86996   1.000 16.46966 ? 63  HIS A N   1 
ATOM   275 C CA  . HIS A 1 63  ? -3.71770  5.47616   2.04311   1.000 22.69587 ? 63  HIS A CA  1 
ATOM   276 C C   . HIS A 1 63  ? -3.12362  4.12175   2.40596   1.000 20.70558 ? 63  HIS A C   1 
ATOM   277 O O   . HIS A 1 63  ? -3.70874  3.37912   3.20187   1.000 23.16295 ? 63  HIS A O   1 
ATOM   278 C CB  . HIS A 1 63  ? -4.56891  5.37427   0.77967   1.000 17.31637 ? 63  HIS A CB  1 
ATOM   279 C CG  . HIS A 1 63  ? -5.16334  6.67863   0.35229   1.000 18.06311 ? 63  HIS A CG  1 
ATOM   280 N ND1 . HIS A 1 63  ? -5.69744  7.57943   1.24798   1.000 25.40897 ? 63  HIS A ND1 1 
ATOM   281 C CD2 . HIS A 1 63  ? -5.31035  7.23430   -0.87353  1.000 21.36413 ? 63  HIS A CD2 1 
ATOM   282 C CE1 . HIS A 1 63  ? -6.14408  8.63607   0.59292   1.000 32.67587 ? 63  HIS A CE1 1 
ATOM   283 N NE2 . HIS A 1 63  ? -5.92107  8.45198   -0.69590  1.000 28.54537 ? 63  HIS A NE2 1 
ATOM   284 N N   . ILE A 1 64  ? -1.96615  3.77989   1.83579   1.000 16.62234 ? 64  ILE A N   1 
ATOM   285 C CA  . ILE A 1 64  ? -1.31593  2.52014   2.18781   1.000 12.20457 ? 64  ILE A CA  1 
ATOM   286 C C   . ILE A 1 64  ? -0.92036  2.52545   3.65900   1.000 15.13378 ? 64  ILE A C   1 
ATOM   287 O O   . ILE A 1 64  ? -1.16814  1.55937   4.38956   1.000 16.17327 ? 64  ILE A O   1 
ATOM   288 C CB  . ILE A 1 64  ? -0.10583  2.26044   1.27305   1.000 16.04729 ? 64  ILE A CB  1 
ATOM   289 C CG1 . ILE A 1 64  ? -0.57430  1.81231   -0.11314  1.000 17.27381 ? 64  ILE A CG1 1 
ATOM   290 C CG2 . ILE A 1 64  ? 0.81187   1.21166   1.88689   1.000 9.90190  ? 64  ILE A CG2 1 
ATOM   291 C CD1 . ILE A 1 64  ? 0.55470   1.59075   -1.09983  1.000 9.09090  ? 64  ILE A CD1 1 
ATOM   292 N N   . LYS A 1 65  ? -0.30765  3.62065   4.11683   1.000 12.43879 ? 65  LYS A N   1 
ATOM   293 C CA  . LYS A 1 65  ? -0.00633  3.76145   5.53839   1.000 19.02852 ? 65  LYS A CA  1 
ATOM   294 C C   . LYS A 1 65  ? -1.26591  3.61434   6.38244   1.000 15.11010 ? 65  LYS A C   1 
ATOM   295 O O   . LYS A 1 65  ? -1.25720  2.94018   7.41959   1.000 14.96179 ? 65  LYS A O   1 
ATOM   296 C CB  . LYS A 1 65  ? 0.65533   5.11385   5.80184   1.000 16.41113 ? 65  LYS A CB  1 
ATOM   297 C CG  . LYS A 1 65  ? 0.69219   5.50374   7.27019   1.000 19.62170 ? 65  LYS A CG  1 
ATOM   298 C CD  . LYS A 1 65  ? 1.65700   6.64836   7.52633   1.000 27.13080 ? 65  LYS A CD  1 
ATOM   299 C CE  . LYS A 1 65  ? 1.65776   7.04383   8.99584   1.000 27.22945 ? 65  LYS A CE  1 
ATOM   300 N NZ  . LYS A 1 65  ? 2.80480   7.93189   9.33140   1.000 27.91426 ? 65  LYS A NZ  1 
ATOM   301 N N   . ASP A 1 66  ? -2.36176  4.23528   5.94506   1.000 12.62574 ? 66  ASP A N   1 
ATOM   302 C CA  . ASP A 1 66  ? -3.63139  4.10666   6.65028   1.000 16.00023 ? 66  ASP A CA  1 
ATOM   303 C C   . ASP A 1 66  ? -4.20030  2.69925   6.50392   1.000 19.23489 ? 66  ASP A C   1 
ATOM   304 O O   . ASP A 1 66  ? -4.71384  2.12677   7.47261   1.000 15.43072 ? 66  ASP A O   1 
ATOM   305 C CB  . ASP A 1 66  ? -4.61038  5.15785   6.12453   1.000 17.58762 ? 66  ASP A CB  1 
ATOM   306 C CG  . ASP A 1 66  ? -5.91290  5.19305   6.89750   1.000 19.99963 ? 66  ASP A CG  1 
ATOM   307 O OD1 . ASP A 1 66  ? -6.85443  5.86674   6.42851   1.000 18.52347 ? 66  ASP A OD1 1 
ATOM   308 O OD2 . ASP A 1 66  ? -6.00546  4.55434   7.96499   1.000 22.41075 ? 66  ASP A OD2 1 
ATOM   309 N N   . ALA A 1 67  ? -4.10731  2.12262   5.30213   1.000 14.11573 ? 67  ALA A N   1 
ATOM   310 C CA  . ALA A 1 67  ? -4.58554  0.76072   5.08730   1.000 17.95445 ? 67  ALA A CA  1 
ATOM   311 C C   . ALA A 1 67  ? -3.84037  -0.24490  5.95398   1.000 18.93212 ? 67  ALA A C   1 
ATOM   312 O O   . ALA A 1 67  ? -4.40631  -1.27689  6.33334   1.000 12.88876 ? 67  ALA A O   1 
ATOM   313 C CB  . ALA A 1 67  ? -4.44670  0.38300   3.61366   1.000 11.44285 ? 67  ALA A CB  1 
ATOM   314 N N   . MET A 1 68  ? -2.58137  0.03779   6.28443   1.000 16.27169 ? 68  MET A N   1 
ATOM   315 C CA  . MET A 1 68  ? -1.75617  -0.91328  7.01696   1.000 19.35266 ? 68  MET A CA  1 
ATOM   316 C C   . MET A 1 68  ? -1.90126  -0.79496  8.52801   1.000 19.30751 ? 68  MET A C   1 
ATOM   317 O O   . MET A 1 68  ? -1.79863  -1.80746  9.23018   1.000 16.57620 ? 68  MET A O   1 
ATOM   318 C CB  . MET A 1 68  ? -0.28311  -0.73520  6.63584   1.000 21.38840 ? 68  MET A CB  1 
ATOM   319 C CG  . MET A 1 68  ? 0.04946   -1.12831  5.20222   1.000 13.42484 ? 68  MET A CG  1 
ATOM   320 S SD  . MET A 1 68  ? 0.08228   -2.90810  4.95121   1.000 19.96026 ? 68  MET A SD  1 
ATOM   321 C CE  . MET A 1 68  ? 0.86746   -3.42974  6.46963   1.000 16.25556 ? 68  MET A CE  1 
ATOM   322 N N   . GLN A 1 69  ? -2.13805  0.40908   9.04886   1.000 16.95846 ? 69  GLN A N   1 
ATOM   323 C CA  . GLN A 1 69  ? -2.16606  0.63210   10.48896  1.000 13.86212 ? 69  GLN A CA  1 
ATOM   324 C C   . GLN A 1 69  ? -3.55307  0.87991   11.05712  1.000 14.78050 ? 69  GLN A C   1 
ATOM   325 O O   . GLN A 1 69  ? -3.82449  0.46422   12.18496  1.000 14.49863 ? 69  GLN A O   1 
ATOM   326 C CB  . GLN A 1 69  ? -1.27807  1.82548   10.86333  1.000 15.99344 ? 69  GLN A CB  1 
ATOM   327 C CG  . GLN A 1 69  ? 0.08966   1.83361   10.21080  1.000 13.17683 ? 69  GLN A CG  1 
ATOM   328 C CD  . GLN A 1 69  ? 0.89598   3.05677   10.59551  1.000 18.26618 ? 69  GLN A CD  1 
ATOM   329 O OE1 . GLN A 1 69  ? 0.33768   4.12273   10.85558  1.000 22.48825 ? 69  GLN A OE1 1 
ATOM   330 N NE2 . GLN A 1 69  ? 2.21528   2.90971   10.63858  1.000 23.14856 ? 69  GLN A NE2 1 
ATOM   331 N N   . THR A 1 70  ? -4.43396  1.55406   10.31750  1.000 20.33499 ? 70  THR A N   1 
ATOM   332 C CA  . THR A 1 70  ? -5.69867  2.01228   10.87874  1.000 17.82291 ? 70  THR A CA  1 
ATOM   333 C C   . THR A 1 70  ? -6.89988  1.55424   10.05961  1.000 16.86966 ? 70  THR A C   1 
ATOM   334 O O   . THR A 1 70  ? -7.94777  2.20425   10.09941  1.000 18.57750 ? 70  THR A O   1 
ATOM   335 C CB  . THR A 1 70  ? -5.70001  3.53757   11.01070  1.000 18.99696 ? 70  THR A CB  1 
ATOM   336 O OG1 . THR A 1 70  ? -5.05092  4.11527   9.87210   1.000 22.63836 ? 70  THR A OG1 1 
ATOM   337 C CG2 . THR A 1 70  ? -4.95655  3.95840   12.26332  1.000 19.47152 ? 70  THR A CG2 1 
ATOM   338 N N   . SER A 1 71  ? -6.76817  0.45274   9.32011   1.000 14.89417 ? 71  SER A N   1 
ATOM   339 C CA  . SER A 1 71  ? -7.87446  -0.12581  8.55235   1.000 20.64019 ? 71  SER A CA  1 
ATOM   340 C C   . SER A 1 71  ? -8.41883  0.85139   7.51340   1.000 16.12948 ? 71  SER A C   1 
ATOM   341 O O   . SER A 1 71  ? -9.61797  0.88156   7.23945   1.000 19.73998 ? 71  SER A O   1 
ATOM   342 C CB  . SER A 1 71  ? -8.99578  -0.60673  9.47400   1.000 18.80528 ? 71  SER A CB  1 
ATOM   343 O OG  . SER A 1 71  ? -8.76016  -1.93125  9.92286   1.000 32.95013 ? 71  SER A OG  1 
ATOM   344 N N   . CYS A 1 72  ? -7.52670  1.65373   6.93009   1.000 19.20609 ? 72  CYS A N   1 
ATOM   345 C CA  . CYS A 1 72  ? -7.89164  2.63026   5.90390   1.000 18.50405 ? 72  CYS A CA  1 
ATOM   346 C C   . CYS A 1 72  ? -9.02404  3.52932   6.40568   1.000 20.80420 ? 72  CYS A C   1 
ATOM   347 O O   . CYS A 1 72  ? -9.93323  3.90780   5.65989   1.000 17.86735 ? 72  CYS A O   1 
ATOM   348 C CB  . CYS A 1 72  ? -8.27771  1.90373   4.61060   1.000 15.49834 ? 72  CYS A CB  1 
ATOM   349 S SG  . CYS A 1 72  ? -8.22636  2.90445   3.10509   1.000 30.67420 ? 72  CYS A SG  1 
ATOM   350 N N   . SER A 1 73  ? -8.95351  3.87959   7.69479   1.000 25.95678 ? 73  SER A N   1 
ATOM   351 C CA  . SER A 1 73  ? -10.07538 4.52944   8.36689   1.000 19.44115 ? 73  SER A CA  1 
ATOM   352 C C   . SER A 1 73  ? -10.41422 5.87180   7.74240   1.000 20.40593 ? 73  SER A C   1 
ATOM   353 O O   . SER A 1 73  ? -11.57928 6.28398   7.75706   1.000 23.20052 ? 73  SER A O   1 
ATOM   354 C CB  . SER A 1 73  ? -9.77139  4.72107   9.85561   1.000 16.23857 ? 73  SER A CB  1 
ATOM   355 O OG  . SER A 1 73  ? -10.24240 3.62647   10.62116  1.000 21.53073 ? 73  SER A OG  1 
ATOM   356 N N   . LYS A 1 74  ? -9.42272  6.56511   7.19059   1.000 17.48896 ? 74  LYS A N   1 
ATOM   357 C CA  . LYS A 1 74  ? -9.63650  7.87266   6.59105   1.000 18.41076 ? 74  LYS A CA  1 
ATOM   358 C C   . LYS A 1 74  ? -9.76589  7.82766   5.07341   1.000 19.87027 ? 74  LYS A C   1 
ATOM   359 O O   . LYS A 1 74  ? -9.73056  8.88290   4.43645   1.000 31.23506 ? 74  LYS A O   1 
ATOM   360 C CB  . LYS A 1 74  ? -8.49973  8.82083   6.97052   1.000 19.54526 ? 74  LYS A CB  1 
ATOM   361 C CG  . LYS A 1 74  ? -8.05968  8.72758   8.41760   1.000 31.97613 ? 74  LYS A CG  1 
ATOM   362 C CD  . LYS A 1 74  ? -6.81627  9.56195   8.65314   1.000 20.35248 ? 74  LYS A CD  1 
ATOM   363 C CE  . LYS A 1 74  ? -5.56160  8.72550   8.49738   1.000 17.89696 ? 74  LYS A CE  1 
ATOM   364 N NZ  . LYS A 1 74  ? -4.33558  9.50073   8.83201   1.000 26.59631 ? 74  LYS A NZ  1 
ATOM   365 N N   . CYS A 1 75  ? -9.89287  6.64586   4.47471   1.000 27.92915 ? 75  CYS A N   1 
ATOM   366 C CA  . CYS A 1 75  ? -9.96886  6.53380   3.02376   1.000 29.34965 ? 75  CYS A CA  1 
ATOM   367 C C   . CYS A 1 75  ? -11.42261 6.48219   2.58456   1.000 23.29013 ? 75  CYS A C   1 
ATOM   368 O O   . CYS A 1 75  ? -12.25948 5.85401   3.23848   1.000 28.53116 ? 75  CYS A O   1 
ATOM   369 C CB  . CYS A 1 75  ? -9.25898  5.27572   2.51185   1.000 15.67451 ? 75  CYS A CB  1 
ATOM   370 S SG  . CYS A 1 75  ? -7.82701  4.70442   3.44454   1.000 22.94733 ? 75  CYS A SG  1 
ATOM   371 N N   . THR A 1 76  ? -11.71441 7.14390   1.47113   1.000 25.35906 ? 76  THR A N   1 
ATOM   372 C CA  . THR A 1 76  ? -12.98466 6.94299   0.79919   1.000 32.27306 ? 76  THR A CA  1 
ATOM   373 C C   . THR A 1 76  ? -13.12753 5.48387   0.37374   1.000 31.22672 ? 76  THR A C   1 
ATOM   374 O O   . THR A 1 76  ? -12.15650 4.72114   0.32459   1.000 35.15239 ? 76  THR A O   1 
ATOM   375 C CB  . THR A 1 76  ? -13.08974 7.85441   -0.42329  1.000 37.57987 ? 76  THR A CB  1 
ATOM   376 O OG1 . THR A 1 76  ? -12.21074 7.37836   -1.45074  1.000 55.80239 ? 76  THR A OG1 1 
ATOM   377 C CG2 . THR A 1 76  ? -12.70358 9.27985   -0.05623  1.000 37.52239 ? 76  THR A CG2 1 
ATOM   378 N N   . GLU A 1 77  ? -14.36704 5.09558   0.06754   1.000 35.06488 ? 77  GLU A N   1 
ATOM   379 C CA  . GLU A 1 77  ? -14.60001 3.76480   -0.48199  1.000 31.84383 ? 77  GLU A CA  1 
ATOM   380 C C   . GLU A 1 77  ? -13.79871 3.55861   -1.76046  1.000 33.22951 ? 77  GLU A C   1 
ATOM   381 O O   . GLU A 1 77  ? -13.32480 2.44971   -2.03503  1.000 29.56178 ? 77  GLU A O   1 
ATOM   382 C CB  . GLU A 1 77  ? -16.09179 3.55710   -0.73691  1.000 30.32772 ? 77  GLU A CB  1 
ATOM   383 C CG  . GLU A 1 77  ? -16.83133 2.92980   0.43134   1.000 36.92560 ? 77  GLU A CG  1 
ATOM   384 C CD  . GLU A 1 77  ? -16.69776 1.42085   0.45649   1.000 53.44679 ? 77  GLU A CD  1 
ATOM   385 O OE1 . GLU A 1 77  ? -17.56916 0.73998   -0.12287  1.000 60.15382 ? 77  GLU A OE1 1 
ATOM   386 O OE2 . GLU A 1 77  ? -15.72247 0.91474   1.05159   1.000 48.47869 ? 77  GLU A OE2 1 
ATOM   387 N N   . LYS A 1 78  ? -13.62237 4.62380   -2.54593  1.000 37.36724 ? 78  LYS A N   1 
ATOM   388 C CA  . LYS A 1 78  ? -12.78207 4.54079   -3.73535  1.000 33.63023 ? 78  LYS A CA  1 
ATOM   389 C C   . LYS A 1 78  ? -11.33576 4.24561   -3.36024  1.000 30.84512 ? 78  LYS A C   1 
ATOM   390 O O   . LYS A 1 78  ? -10.70611 3.34373   -3.92521  1.000 35.58313 ? 78  LYS A O   1 
ATOM   391 C CB  . LYS A 1 78  ? -12.87666 5.84111   -4.53493  1.000 28.60679 ? 78  LYS A CB  1 
ATOM   392 N N   . GLN A 1 79  ? -10.79254 4.99728   -2.39934  1.000 35.64356 ? 79  GLN A N   1 
ATOM   393 C CA  . GLN A 1 79  ? -9.41347  4.78647   -1.97814  1.000 29.67588 ? 79  GLN A CA  1 
ATOM   394 C C   . GLN A 1 79  ? -9.22273  3.46054   -1.25552  1.000 22.77580 ? 79  GLN A C   1 
ATOM   395 O O   . GLN A 1 79  ? -8.09912  2.95094   -1.21579  1.000 27.40478 ? 79  GLN A O   1 
ATOM   396 C CB  . GLN A 1 79  ? -8.95158  5.94058   -1.08623  1.000 27.92112 ? 79  GLN A CB  1 
ATOM   397 C CG  . GLN A 1 79  ? -9.04327  7.30616   -1.75104  1.000 28.41576 ? 79  GLN A CG  1 
ATOM   398 C CD  . GLN A 1 79  ? -9.16195  8.43958   -0.75058  1.000 39.93099 ? 79  GLN A CD  1 
ATOM   399 O OE1 . GLN A 1 79  ? -9.68764  8.26002   0.34770   1.000 30.92630 ? 79  GLN A OE1 1 
ATOM   400 N NE2 . GLN A 1 79  ? -8.67771  9.61778   -1.12906  1.000 22.77855 ? 79  GLN A NE2 1 
ATOM   401 N N   . LYS A 1 80  ? -10.28634 2.88901   -0.68796  1.000 18.99586 ? 80  LYS A N   1 
ATOM   402 C CA  . LYS A 1 80  ? -10.15747 1.59387   -0.02779  1.000 28.86978 ? 80  LYS A CA  1 
ATOM   403 C C   . LYS A 1 80  ? -9.94765  0.48028   -1.04505  1.000 31.75795 ? 80  LYS A C   1 
ATOM   404 O O   . LYS A 1 80  ? -9.04657  -0.35165  -0.89168  1.000 31.72335 ? 80  LYS A O   1 
ATOM   405 C CB  . LYS A 1 80  ? -11.39035 1.31149   0.83181   1.000 20.02374 ? 80  LYS A CB  1 
ATOM   406 C CG  . LYS A 1 80  ? -11.35750 1.96961   2.19904   1.000 24.34445 ? 80  LYS A CG  1 
ATOM   407 C CD  . LYS A 1 80  ? -12.76001 2.25774   2.71037   1.000 26.64648 ? 80  LYS A CD  1 
ATOM   408 C CE  . LYS A 1 80  ? -13.08510 1.41876   3.93578   1.000 33.61972 ? 80  LYS A CE  1 
ATOM   409 N NZ  . LYS A 1 80  ? -14.54154 1.43506   4.25075   1.000 53.88474 ? 80  LYS A NZ  1 
ATOM   410 N N   . LYS A 1 81  ? -10.77121 0.45203   -2.09562  1.000 27.59143 ? 81  LYS A N   1 
ATOM   411 C CA  . LYS A 1 81  ? -10.65616 -0.60133  -3.09894  1.000 25.53511 ? 81  LYS A CA  1 
ATOM   412 C C   . LYS A 1 81  ? -9.32919  -0.51503  -3.84287  1.000 23.67018 ? 81  LYS A C   1 
ATOM   413 O O   . LYS A 1 81  ? -8.71356  -1.54233  -4.15156  1.000 30.52552 ? 81  LYS A O   1 
ATOM   414 C CB  . LYS A 1 81  ? -11.82842 -0.52220  -4.07680  1.000 22.32088 ? 81  LYS A CB  1 
ATOM   415 N N   . GLY A 1 82  ? -8.86987  0.70270   -4.13446  1.000 14.32496 ? 82  GLY A N   1 
ATOM   416 C CA  . GLY A 1 82  ? -7.60397  0.85664   -4.83213  1.000 25.89496 ? 82  GLY A CA  1 
ATOM   417 C C   . GLY A 1 82  ? -6.40505  0.53249   -3.96048  1.000 23.14828 ? 82  GLY A C   1 
ATOM   418 O O   . GLY A 1 82  ? -5.45409  -0.11048  -4.41377  1.000 26.99547 ? 82  GLY A O   1 
ATOM   419 N N   . ALA A 1 83  ? -6.42592  0.97826   -2.70143  1.000 18.56621 ? 83  ALA A N   1 
ATOM   420 C CA  . ALA A 1 83  ? -5.33058  0.65390   -1.79281  1.000 21.32457 ? 83  ALA A CA  1 
ATOM   421 C C   . ALA A 1 83  ? -5.32506  -0.82933  -1.44806  1.000 23.41917 ? 83  ALA A C   1 
ATOM   422 O O   . ALA A 1 83  ? -4.25696  -1.42889  -1.28045  1.000 22.03576 ? 83  ALA A O   1 
ATOM   423 C CB  . ALA A 1 83  ? -5.42266  1.49997   -0.52358  1.000 12.14800 ? 83  ALA A CB  1 
ATOM   424 N N   . ARG A 1 84  ? -6.50882  -1.43605  -1.33410  1.000 20.62362 ? 84  ARG A N   1 
ATOM   425 C CA  . ARG A 1 84  ? -6.58887  -2.87425  -1.09877  1.000 25.55317 ? 84  ARG A CA  1 
ATOM   426 C C   . ARG A 1 84  ? -5.95275  -3.64696  -2.24638  1.000 22.11757 ? 84  ARG A C   1 
ATOM   427 O O   . ARG A 1 84  ? -5.15365  -4.56408  -2.02649  1.000 21.38647 ? 84  ARG A O   1 
ATOM   428 C CB  . ARG A 1 84  ? -8.04842  -3.29223  -0.91260  1.000 20.74620 ? 84  ARG A CB  1 
ATOM   429 C CG  . ARG A 1 84  ? -8.26134  -4.45448  0.03734   1.000 29.89251 ? 84  ARG A CG  1 
ATOM   430 C CD  . ARG A 1 84  ? -9.74113  -4.78750  0.15993   1.000 34.42188 ? 84  ARG A CD  1 
ATOM   431 N NE  . ARG A 1 84  ? -10.55131 -3.59520  0.39578   1.000 30.43461 ? 84  ARG A NE  1 
ATOM   432 C CZ  . ARG A 1 84  ? -11.29824 -3.40130  1.47783   1.000 32.98854 ? 84  ARG A CZ  1 
ATOM   433 N NH1 . ARG A 1 84  ? -11.34246 -4.32123  2.42846   1.000 41.30518 ? 84  ARG A NH1 1 
ATOM   434 N NH2 . ARG A 1 84  ? -12.00301 -2.28668  1.61110   1.000 37.18193 ? 84  ARG A NH2 1 
ATOM   435 N N   . LYS A 1 85  ? -6.29284  -3.27829  -3.48465  1.000 20.62295 ? 85  LYS A N   1 
ATOM   436 C CA  . LYS A 1 85  ? -5.73888  -3.96221  -4.64928  1.000 21.86619 ? 85  LYS A CA  1 
ATOM   437 C C   . LYS A 1 85  ? -4.22266  -3.82224  -4.70668  1.000 20.23353 ? 85  LYS A C   1 
ATOM   438 O O   . LYS A 1 85  ? -3.51212  -4.79618  -4.98303  1.000 21.09420 ? 85  LYS A O   1 
ATOM   439 C CB  . LYS A 1 85  ? -6.37311  -3.41001  -5.92609  1.000 26.47765 ? 85  LYS A CB  1 
ATOM   440 C CG  . LYS A 1 85  ? -7.38387  -4.33528  -6.57921  1.000 36.57486 ? 85  LYS A CG  1 
ATOM   441 C CD  . LYS A 1 85  ? -7.83951  -3.78254  -7.92069  1.000 30.45423 ? 85  LYS A CD  1 
ATOM   442 C CE  . LYS A 1 85  ? -8.50997  -2.42777  -7.75970  1.000 37.60291 ? 85  LYS A CE  1 
ATOM   443 N NZ  . LYS A 1 85  ? -9.16861  -1.97866  -9.01868  1.000 46.31844 ? 85  LYS A NZ  1 
ATOM   444 N N   . VAL A 1 86  ? -3.71037  -2.61666  -4.44627  1.000 18.72042 ? 86  VAL A N   1 
ATOM   445 C CA  . VAL A 1 86  ? -2.27009  -2.37888  -4.51900  1.000 17.25918 ? 86  VAL A CA  1 
ATOM   446 C C   . VAL A 1 86  ? -1.54250  -3.18531  -3.45028  1.000 15.39700 ? 86  VAL A C   1 
ATOM   447 O O   . VAL A 1 86  ? -0.58488  -3.91305  -3.73989  1.000 18.06012 ? 86  VAL A O   1 
ATOM   448 C CB  . VAL A 1 86  ? -1.96992  -0.87390  -4.39227  1.000 24.48080 ? 86  VAL A CB  1 
ATOM   449 C CG1 . VAL A 1 86  ? -0.50269  -0.64391  -4.09494  1.000 31.43872 ? 86  VAL A CG1 1 
ATOM   450 C CG2 . VAL A 1 86  ? -2.36241  -0.14536  -5.65994  1.000 23.93013 ? 86  VAL A CG2 1 
ATOM   451 N N   . VAL A 1 87  ? -1.99104  -3.06800  -2.19779  1.000 15.77733 ? 87  VAL A N   1 
ATOM   452 C CA  . VAL A 1 87  ? -1.33545  -3.76229  -1.09176  1.000 17.67769 ? 87  VAL A CA  1 
ATOM   453 C C   . VAL A 1 87  ? -1.33434  -5.26725  -1.32865  1.000 22.00325 ? 87  VAL A C   1 
ATOM   454 O O   . VAL A 1 87  ? -0.33988  -5.95462  -1.06448  1.000 23.37260 ? 87  VAL A O   1 
ATOM   455 C CB  . VAL A 1 87  ? -2.01938  -3.39917  0.24053   1.000 15.44428 ? 87  VAL A CB  1 
ATOM   456 C CG1 . VAL A 1 87  ? -1.55945  -4.32985  1.35101   1.000 15.05111 ? 87  VAL A CG1 1 
ATOM   457 C CG2 . VAL A 1 87  ? -1.73977  -1.95025  0.60560   1.000 12.47104 ? 87  VAL A CG2 1 
ATOM   458 N N   . ARG A 1 88  ? -2.43696  -5.79925  -1.85352  1.000 21.11354 ? 88  ARG A N   1 
ATOM   459 C CA  . ARG A 1 88  ? -2.54893  -7.24173  -2.02397  1.000 21.46759 ? 88  ARG A CA  1 
ATOM   460 C C   . ARG A 1 88  ? -1.72080  -7.74121  -3.19941  1.000 19.53624 ? 88  ARG A C   1 
ATOM   461 O O   . ARG A 1 88  ? -1.10989  -8.81275  -3.11460  1.000 22.58772 ? 88  ARG A O   1 
ATOM   462 C CB  . ARG A 1 88  ? -4.01011  -7.63050  -2.19769  1.000 28.54217 ? 88  ARG A CB  1 
ATOM   463 C CG  . ARG A 1 88  ? -4.81286  -7.49406  -0.92562  1.000 39.26609 ? 88  ARG A CG  1 
ATOM   464 C CD  . ARG A 1 88  ? -6.26676  -7.75042  -1.21110  1.000 41.95601 ? 88  ARG A CD  1 
ATOM   465 N NE  . ARG A 1 88  ? -6.39325  -9.04457  -1.86717  1.000 53.95171 ? 88  ARG A NE  1 
ATOM   466 C CZ  . ARG A 1 88  ? -6.21944  -10.21443 -1.25928  1.000 56.13331 ? 88  ARG A CZ  1 
ATOM   467 N NH1 . ARG A 1 88  ? -5.95840  -10.27226 0.04092   1.000 39.83911 ? 88  ARG A NH1 1 
ATOM   468 N NH2 . ARG A 1 88  ? -6.35205  -11.33707 -1.95121  1.000 42.70118 ? 88  ARG A NH2 1 
ATOM   469 N N   . HIS A 1 89  ? -1.69704  -6.99249  -4.30500  1.000 14.29552 ? 89  HIS A N   1 
ATOM   470 C CA  . HIS A 1 89  ? -0.80831  -7.34678  -5.40632  1.000 18.72029 ? 89  HIS A CA  1 
ATOM   471 C C   . HIS A 1 89  ? 0.64136   -7.36073  -4.94344  1.000 21.87924 ? 89  HIS A C   1 
ATOM   472 O O   . HIS A 1 89  ? 1.40411   -8.27620  -5.27343  1.000 19.18703 ? 89  HIS A O   1 
ATOM   473 C CB  . HIS A 1 89  ? -0.98292  -6.37490  -6.57209  1.000 17.08975 ? 89  HIS A CB  1 
ATOM   474 C CG  . HIS A 1 89  ? 0.01171   -6.57977  -7.67206  1.000 17.20390 ? 89  HIS A CG  1 
ATOM   475 N ND1 . HIS A 1 89  ? -0.20698  -7.44698  -8.72084  1.000 20.93732 ? 89  HIS A ND1 1 
ATOM   476 C CD2 . HIS A 1 89  ? 1.23990   -6.04620  -7.87514  1.000 19.98650 ? 89  HIS A CD2 1 
ATOM   477 C CE1 . HIS A 1 89  ? 0.83865   -7.43062  -9.52814  1.000 18.74628 ? 89  HIS A CE1 1 
ATOM   478 N NE2 . HIS A 1 89  ? 1.73120   -6.58962  -9.03727  1.000 15.87745 ? 89  HIS A NE2 1 
ATOM   479 N N   . ILE A 1 90  ? 1.03789   -6.34507  -4.17391  1.000 13.76531 ? 90  ILE A N   1 
ATOM   480 C CA  . ILE A 1 90  ? 2.38982   -6.30808  -3.62660  1.000 19.95850 ? 90  ILE A CA  1 
ATOM   481 C C   . ILE A 1 90  ? 2.61385   -7.48950  -2.69360  1.000 18.68986 ? 90  ILE A C   1 
ATOM   482 O O   . ILE A 1 90  ? 3.67618   -8.12210  -2.71004  1.000 17.91188 ? 90  ILE A O   1 
ATOM   483 C CB  . ILE A 1 90  ? 2.63843   -4.96600  -2.91290  1.000 16.97377 ? 90  ILE A CB  1 
ATOM   484 C CG1 . ILE A 1 90  ? 2.71919   -3.82528  -3.92771  1.000 12.26356 ? 90  ILE A CG1 1 
ATOM   485 C CG2 . ILE A 1 90  ? 3.90718   -5.02346  -2.08531  1.000 15.76500 ? 90  ILE A CG2 1 
ATOM   486 C CD1 . ILE A 1 90  ? 2.41577   -2.47068  -3.33556  1.000 10.25626 ? 90  ILE A CD1 1 
ATOM   487 N N   . ARG A 1 91  ? 1.61124   -7.81482  -1.87599  1.000 15.05413 ? 91  ARG A N   1 
ATOM   488 C CA  . ARG A 1 91  ? 1.74749   -8.92987  -0.94543  1.000 16.38213 ? 91  ARG A CA  1 
ATOM   489 C C   . ARG A 1 91  ? 1.94674   -10.24864 -1.68277  1.000 20.56625 ? 91  ARG A C   1 
ATOM   490 O O   . ARG A 1 91  ? 2.73218   -11.09870 -1.24789  1.000 22.08705 ? 91  ARG A O   1 
ATOM   491 C CB  . ARG A 1 91  ? 0.51974   -9.00075  -0.03807  1.000 23.99178 ? 91  ARG A CB  1 
ATOM   492 C CG  . ARG A 1 91  ? 0.68892   -9.89240  1.17591   1.000 19.76833 ? 91  ARG A CG  1 
ATOM   493 C CD  . ARG A 1 91  ? -0.52332  -9.80430  2.08564   1.000 18.74703 ? 91  ARG A CD  1 
ATOM   494 N NE  . ARG A 1 91  ? -0.39968  -10.66492 3.25785   1.000 16.08281 ? 91  ARG A NE  1 
ATOM   495 C CZ  . ARG A 1 91  ? -1.29071  -10.71307 4.24240   1.000 19.68876 ? 91  ARG A CZ  1 
ATOM   496 N NH1 . ARG A 1 91  ? -2.37405  -9.94819  4.19619   1.000 16.64653 ? 91  ARG A NH1 1 
ATOM   497 N NH2 . ARG A 1 91  ? -1.09973  -11.52326 5.27363   1.000 19.22966 ? 91  ARG A NH2 1 
ATOM   498 N N   . ALA A 1 92  ? 1.25463   -10.43297 -2.80691  1.000 16.55961 ? 92  ALA A N   1 
ATOM   499 C CA  . ALA A 1 92  ? 1.29835   -11.69586 -3.53474  1.000 19.45701 ? 92  ALA A CA  1 
ATOM   500 C C   . ALA A 1 92  ? 2.46087   -11.77287 -4.51632  1.000 15.28056 ? 92  ALA A C   1 
ATOM   501 O O   . ALA A 1 92  ? 3.06714   -12.83822 -4.66968  1.000 21.23354 ? 92  ALA A O   1 
ATOM   502 C CB  . ALA A 1 92  ? -0.01952  -11.92129 -4.27881  1.000 19.22219 ? 92  ALA A CB  1 
ATOM   503 N N   . LYS A 1 93  ? 2.79482   -10.66180 -5.17635  1.000 21.21282 ? 93  LYS A N   1 
ATOM   504 C CA  . LYS A 1 93  ? 3.77330   -10.66759 -6.25406  1.000 19.12395 ? 93  LYS A CA  1 
ATOM   505 C C   . LYS A 1 93  ? 5.04498   -9.88163  -5.96464  1.000 19.89064 ? 93  LYS A C   1 
ATOM   506 O O   . LYS A 1 93  ? 6.05005   -10.10721 -6.64390  1.000 18.98350 ? 93  LYS A O   1 
ATOM   507 C CB  . LYS A 1 93  ? 3.14825   -10.11894 -7.54467  1.000 17.12321 ? 93  LYS A CB  1 
ATOM   508 C CG  . LYS A 1 93  ? 1.81111   -10.74908 -7.89250  1.000 21.81909 ? 93  LYS A CG  1 
ATOM   509 C CD  . LYS A 1 93  ? 1.99748   -12.13142 -8.49627  1.000 20.90072 ? 93  LYS A CD  1 
ATOM   510 C CE  . LYS A 1 93  ? 0.66358   -12.82976 -8.70237  1.000 33.34055 ? 93  LYS A CE  1 
ATOM   511 N NZ  . LYS A 1 93  ? 0.59289   -13.48496 -10.03734 1.000 53.08337 ? 93  LYS A NZ  1 
ATOM   512 N N   . GLU A 1 94  ? 5.03678   -8.96939  -4.99670  1.000 26.20191 ? 94  GLU A N   1 
ATOM   513 C CA  . GLU A 1 94  ? 6.21776   -8.16963  -4.69738  1.000 24.27120 ? 94  GLU A CA  1 
ATOM   514 C C   . GLU A 1 94  ? 6.58973   -8.34011  -3.22941  1.000 17.94803 ? 94  GLU A C   1 
ATOM   515 O O   . GLU A 1 94  ? 6.57290   -7.37389  -2.46036  1.000 15.96208 ? 94  GLU A O   1 
ATOM   516 C CB  . GLU A 1 94  ? 5.97417   -6.70595  -5.04925  1.000 14.80741 ? 94  GLU A CB  1 
ATOM   517 C CG  . GLU A 1 94  ? 5.50562   -6.47854  -6.47664  1.000 14.24505 ? 94  GLU A CG  1 
ATOM   518 C CD  . GLU A 1 94  ? 6.62569   -6.64174  -7.48151  1.000 24.16069 ? 94  GLU A CD  1 
ATOM   519 O OE1 . GLU A 1 94  ? 6.32161   -6.91692  -8.65984  1.000 21.49652 ? 94  GLU A OE1 1 
ATOM   520 O OE2 . GLU A 1 94  ? 7.80970   -6.49231  -7.10361  1.000 21.45980 ? 94  GLU A OE2 1 
ATOM   521 N N   . GLN A 1 95  ? 6.89977   -9.58742  -2.84514  1.000 20.61939 ? 95  GLN A N   1 
ATOM   522 C CA  . GLN A 1 95  ? 7.00462   -9.95920  -1.43624  1.000 27.06712 ? 95  GLN A CA  1 
ATOM   523 C C   . GLN A 1 95  ? 8.11118   -9.17993  -0.75358  1.000 18.76202 ? 95  GLN A C   1 
ATOM   524 O O   . GLN A 1 95  ? 7.92735   -8.63288  0.34258   1.000 24.57239 ? 95  GLN A O   1 
ATOM   525 C CB  . GLN A 1 95  ? 7.26713   -11.45368 -1.32247  1.000 20.91046 ? 95  GLN A CB  1 
ATOM   526 N N   . GLU A 1 96  ? 9.28386   -9.17594  -1.38811  1.000 21.31133 ? 96  GLU A N   1 
ATOM   527 C CA  . GLU A 1 96  ? 10.39981  -8.32961  -1.00644  1.000 16.63204 ? 96  GLU A CA  1 
ATOM   528 C C   . GLU A 1 96  ? 9.92519   -6.92287  -0.63237  1.000 16.21382 ? 96  GLU A C   1 
ATOM   529 O O   . GLU A 1 96  ? 10.17790  -6.44940  0.48003   1.000 21.29301 ? 96  GLU A O   1 
ATOM   530 C CB  . GLU A 1 96  ? 11.40990  -8.29523  -2.15735  1.000 21.28937 ? 96  GLU A CB  1 
ATOM   531 C CG  . GLU A 1 96  ? 12.57283  -7.32610  -1.95240  1.000 36.28154 ? 96  GLU A CG  1 
ATOM   532 C CD  . GLU A 1 96  ? 12.40631  -6.11339  -2.84682  1.000 56.62239 ? 96  GLU A CD  1 
ATOM   533 O OE1 . GLU A 1 96  ? 12.84945  -4.99977  -2.49982  1.000 42.84239 ? 96  GLU A OE1 1 
ATOM   534 O OE2 . GLU A 1 96  ? 11.83037  -6.31157  -3.92420  1.000 43.66239 ? 96  GLU A OE2 1 
ATOM   535 N N   . TYR A 1 97  ? 9.20831   -6.24670  -1.54392  1.000 12.61503 ? 97  TYR A N   1 
ATOM   536 C CA  . TYR A 1 97  ? 8.65578   -4.91857  -1.25847  1.000 13.80385 ? 97  TYR A CA  1 
ATOM   537 C C   . TYR A 1 97  ? 7.53878   -4.97088  -0.21816  1.000 18.21239 ? 97  TYR A C   1 
ATOM   538 O O   . TYR A 1 97  ? 7.34073   -4.00330  0.52784   1.000 19.29589 ? 97  TYR A O   1 
ATOM   539 C CB  . TYR A 1 97  ? 8.13447   -4.27100  -2.54384  1.000 14.10239 ? 97  TYR A CB  1 
ATOM   540 C CG  . TYR A 1 97  ? 9.18241   -3.64276  -3.43504  1.000 13.77387 ? 97  TYR A CG  1 
ATOM   541 C CD1 . TYR A 1 97  ? 10.23507  -2.90405  -2.90917  1.000 11.42677 ? 97  TYR A CD1 1 
ATOM   542 C CD2 . TYR A 1 97  ? 9.12940   -3.81233  -4.81207  1.000 13.08540 ? 97  TYR A CD2 1 
ATOM   543 C CE1 . TYR A 1 97  ? 11.19440  -2.33906  -3.73285  1.000 10.86180 ? 97  TYR A CE1 1 
ATOM   544 C CE2 . TYR A 1 97  ? 10.07971  -3.25836  -5.64030  1.000 22.13738 ? 97  TYR A CE2 1 
ATOM   545 C CZ  . TYR A 1 97  ? 11.11247  -2.52200  -5.09791  1.000 21.45124 ? 97  TYR A CZ  1 
ATOM   546 O OH  . TYR A 1 97  ? 12.06736  -1.96360  -5.91937  1.000 22.25734 ? 97  TYR A OH  1 
ATOM   547 N N   . TRP A 1 98  ? 6.79280   -6.07830  -0.16100  1.000 10.80761 ? 98  TRP A N   1 
ATOM   548 C CA  . TRP A 1 98  ? 5.74217   -6.22454  0.84533   1.000 16.89890 ? 98  TRP A CA  1 
ATOM   549 C C   . TRP A 1 98  ? 6.32892   -6.25210  2.24700   1.000 12.06786 ? 98  TRP A C   1 
ATOM   550 O O   . TRP A 1 98  ? 5.79407   -5.62305  3.16761   1.000 17.49239 ? 98  TRP A O   1 
ATOM   551 C CB  . TRP A 1 98  ? 4.92840   -7.49336  0.58664   1.000 16.19679 ? 98  TRP A CB  1 
ATOM   552 C CG  . TRP A 1 98  ? 4.13354   -7.97022  1.78104   1.000 17.49620 ? 98  TRP A CG  1 
ATOM   553 C CD1 . TRP A 1 98  ? 4.31620   -9.13228  2.47646   1.000 13.17023 ? 98  TRP A CD1 1 
ATOM   554 C CD2 . TRP A 1 98  ? 3.02981   -7.30131  2.40554   1.000 9.99152  ? 98  TRP A CD2 1 
ATOM   555 N NE1 . TRP A 1 98  ? 3.40007   -9.22398  3.49674   1.000 8.84348  ? 98  TRP A NE1 1 
ATOM   556 C CE2 . TRP A 1 98  ? 2.59803   -8.11375  3.47410   1.000 15.68388 ? 98  TRP A CE2 1 
ATOM   557 C CE3 . TRP A 1 98  ? 2.36696   -6.09412  2.16686   1.000 14.48256 ? 98  TRP A CE3 1 
ATOM   558 C CZ2 . TRP A 1 98  ? 1.53458   -7.75638  4.30234   1.000 19.54739 ? 98  TRP A CZ2 1 
ATOM   559 C CZ3 . TRP A 1 98  ? 1.30939   -5.74058  2.99096   1.000 14.91881 ? 98  TRP A CZ3 1 
ATOM   560 C CH2 . TRP A 1 98  ? 0.90441   -6.56913  4.04453   1.000 17.91507 ? 98  TRP A CH2 1 
ATOM   561 N N   . LYS A 1 99  ? 7.42830   -6.98092  2.42994   1.000 13.23221 ? 99  LYS A N   1 
ATOM   562 C CA  . LYS A 1 99  ? 8.03385   -7.06517  3.75018   1.000 18.14466 ? 99  LYS A CA  1 
ATOM   563 C C   . LYS A 1 99  ? 8.68115   -5.74824  4.15030   1.000 14.72027 ? 99  LYS A C   1 
ATOM   564 O O   . LYS A 1 99  ? 8.75798   -5.43758  5.34373   1.000 18.02323 ? 99  LYS A O   1 
ATOM   565 C CB  . LYS A 1 99  ? 9.04463   -8.20694  3.77973   1.000 13.32287 ? 99  LYS A CB  1 
ATOM   566 C CG  . LYS A 1 99  ? 8.39948   -9.57180  3.97131   1.000 13.86856 ? 99  LYS A CG  1 
ATOM   567 C CD  . LYS A 1 99  ? 9.16615   -10.64601 3.23154   1.000 29.41337 ? 99  LYS A CD  1 
ATOM   568 C CE  . LYS A 1 99  ? 8.37693   -11.24527 2.08330   1.000 38.05433 ? 99  LYS A CE  1 
ATOM   569 N NZ  . LYS A 1 99  ? 9.26278   -12.03905 1.18176   1.000 30.93293 ? 99  LYS A NZ  1 
ATOM   570 N N   . GLN A 1 100 ? 9.13959   -4.95849  3.17570   1.000 20.98507 ? 100 GLN A N   1 
ATOM   571 C CA  . GLN A 1 100 ? 9.64769   -3.62836  3.49403   1.000 12.55762 ? 100 GLN A CA  1 
ATOM   572 C C   . GLN A 1 100 ? 8.51498   -2.69354  3.89271   1.000 11.87153 ? 100 GLN A C   1 
ATOM   573 O O   . GLN A 1 100 ? 8.68793   -1.83764  4.76819   1.000 14.08820 ? 100 GLN A O   1 
ATOM   574 C CB  . GLN A 1 100 ? 10.42542  -3.06074  2.30808   1.000 14.05561 ? 100 GLN A CB  1 
ATOM   575 C CG  . GLN A 1 100 ? 11.88699  -3.46484  2.28525   1.000 20.88508 ? 100 GLN A CG  1 
ATOM   576 C CD  . GLN A 1 100 ? 12.49554  -3.36441  0.90286   1.000 24.59523 ? 100 GLN A CD  1 
ATOM   577 O OE1 . GLN A 1 100 ? 12.49805  -2.29972  0.28909   1.000 21.15100 ? 100 GLN A OE1 1 
ATOM   578 N NE2 . GLN A 1 100 ? 13.01270  -4.47794  0.40334   1.000 43.57490 ? 100 GLN A NE2 1 
ATOM   579 N N   . ILE A 1 101 ? 7.34874   -2.84278  3.25948   1.000 14.42676 ? 101 ILE A N   1 
ATOM   580 C CA  . ILE A 1 101 ? 6.17033   -2.09081  3.68063   1.000 15.72105 ? 101 ILE A CA  1 
ATOM   581 C C   . ILE A 1 101 ? 5.78571   -2.47001  5.10494   1.000 13.36653 ? 101 ILE A C   1 
ATOM   582 O O   . ILE A 1 101 ? 5.45229   -1.60639  5.92596   1.000 13.35413 ? 101 ILE A O   1 
ATOM   583 C CB  . ILE A 1 101 ? 5.00938   -2.32164  2.69327   1.000 15.71611 ? 101 ILE A CB  1 
ATOM   584 C CG1 . ILE A 1 101 ? 5.22083   -1.50655  1.41671   1.000 10.99811 ? 101 ILE A CG1 1 
ATOM   585 C CG2 . ILE A 1 101 ? 3.67440   -1.96357  3.32765   1.000 12.71559 ? 101 ILE A CG2 1 
ATOM   586 C CD1 . ILE A 1 101 ? 4.33130   -1.93252  0.27088   1.000 17.43863 ? 101 ILE A CD1 1 
ATOM   587 N N   . LEU A 1 102 ? 5.83976   -3.76649  5.42425   1.000 13.54251 ? 102 LEU A N   1 
ATOM   588 C CA  . LEU A 1 102 ? 5.53413   -4.21116  6.78055   1.000 14.64677 ? 102 LEU A CA  1 
ATOM   589 C C   . LEU A 1 102 ? 6.54792   -3.67216  7.78083   1.000 12.85940 ? 102 LEU A C   1 
ATOM   590 O O   . LEU A 1 102 ? 6.18307   -3.27473  8.89329   1.000 13.09820 ? 102 LEU A O   1 
ATOM   591 C CB  . LEU A 1 102 ? 5.49146   -5.73781  6.83599   1.000 16.15364 ? 102 LEU A CB  1 
ATOM   592 C CG  . LEU A 1 102 ? 4.14554   -6.40147  6.54434   1.000 18.57377 ? 102 LEU A CG  1 
ATOM   593 C CD1 . LEU A 1 102 ? 4.29198   -7.91064  6.55568   1.000 19.46868 ? 102 LEU A CD1 1 
ATOM   594 C CD2 . LEU A 1 102 ? 3.10656   -5.95973  7.55661   1.000 18.47652 ? 102 LEU A CD2 1 
ATOM   595 N N   . ALA A 1 103 ? 7.82805   -3.65387  7.40580   1.000 11.06662 ? 103 ALA A N   1 
ATOM   596 C CA  . ALA A 1 103 ? 8.84441   -3.10904  8.29850   1.000 11.78107 ? 103 ALA A CA  1 
ATOM   597 C C   . ALA A 1 103 ? 8.63169   -1.62001  8.53282   1.000 13.97863 ? 103 ALA A C   1 
ATOM   598 O O   . ALA A 1 103 ? 8.83996   -1.12197  9.64528   1.000 15.21235 ? 103 ALA A O   1 
ATOM   599 C CB  . ALA A 1 103 ? 10.23517  -3.36544  7.72758   1.000 11.64919 ? 103 ALA A CB  1 
ATOM   600 N N   . LYS A 1 104 ? 8.21330   -0.89203  7.49717   1.000 10.84160 ? 104 LYS A N   1 
ATOM   601 C CA  . LYS A 1 104 ? 7.99031   0.54038   7.64978   1.000 8.22628  ? 104 LYS A CA  1 
ATOM   602 C C   . LYS A 1 104 ? 6.75282   0.82128   8.49342   1.000 17.34351 ? 104 LYS A C   1 
ATOM   603 O O   . LYS A 1 104 ? 6.80687   1.60007   9.45220   1.000 14.28742 ? 104 LYS A O   1 
ATOM   604 C CB  . LYS A 1 104 ? 7.86377   1.20395   6.27754   1.000 11.35647 ? 104 LYS A CB  1 
ATOM   605 C CG  . LYS A 1 104 ? 8.33801   2.64752   6.25174   1.000 11.51862 ? 104 LYS A CG  1 
ATOM   606 C CD  . LYS A 1 104 ? 7.61593   3.46595   5.19081   1.000 25.02389 ? 104 LYS A CD  1 
ATOM   607 C CE  . LYS A 1 104 ? 7.72462   4.95685   5.48275   1.000 21.70922 ? 104 LYS A CE  1 
ATOM   608 N NZ  . LYS A 1 104 ? 6.51320   5.71331   5.05618   1.000 34.08938 ? 104 LYS A NZ  1 
ATOM   609 N N   . TYR A 1 105 ? 5.62842   0.18533   8.16279   1.000 10.59498 ? 105 TYR A N   1 
ATOM   610 C CA  . TYR A 1 105 ? 4.34458   0.61035   8.70289   1.000 13.15425 ? 105 TYR A CA  1 
ATOM   611 C C   . TYR A 1 105 ? 3.85172   -0.21858  9.88080   1.000 12.61489 ? 105 TYR A C   1 
ATOM   612 O O   . TYR A 1 105 ? 2.95926   0.24041   10.60114  1.000 14.34523 ? 105 TYR A O   1 
ATOM   613 C CB  . TYR A 1 105 ? 3.29409   0.61966   7.58902   1.000 13.58820 ? 105 TYR A CB  1 
ATOM   614 C CG  . TYR A 1 105 ? 3.54483   1.75345   6.62918   1.000 19.13805 ? 105 TYR A CG  1 
ATOM   615 C CD1 . TYR A 1 105 ? 3.63899   3.05728   7.09472   1.000 19.17174 ? 105 TYR A CD1 1 
ATOM   616 C CD2 . TYR A 1 105 ? 3.73075   1.52443   5.27310   1.000 15.63906 ? 105 TYR A CD2 1 
ATOM   617 C CE1 . TYR A 1 105 ? 3.88973   4.10480   6.23873   1.000 20.36495 ? 105 TYR A CE1 1 
ATOM   618 C CE2 . TYR A 1 105 ? 3.97868   2.57144   4.40371   1.000 17.92347 ? 105 TYR A CE2 1 
ATOM   619 C CZ  . TYR A 1 105 ? 4.05512   3.85928   4.89492   1.000 18.11614 ? 105 TYR A CZ  1 
ATOM   620 O OH  . TYR A 1 105 ? 4.30258   4.91000   4.04432   1.000 20.13413 ? 105 TYR A OH  1 
ATOM   621 N N   . ASP A 1 106 ? 4.40697   -1.40599  10.11481  1.000 8.74964  ? 106 ASP A N   1 
ATOM   622 C CA  . ASP A 1 106 ? 4.09583   -2.18119  11.31826  1.000 14.52566 ? 106 ASP A CA  1 
ATOM   623 C C   . ASP A 1 106 ? 5.35658   -2.86805  11.83025  1.000 13.36997 ? 106 ASP A C   1 
ATOM   624 O O   . ASP A 1 106 ? 5.45324   -4.09838  11.83854  1.000 16.14706 ? 106 ASP A O   1 
ATOM   625 C CB  . ASP A 1 106 ? 2.98593   -3.19514  11.04055  1.000 10.66738 ? 106 ASP A CB  1 
ATOM   626 C CG  . ASP A 1 106 ? 2.35295   -3.72869  12.31229  1.000 14.25653 ? 106 ASP A CG  1 
ATOM   627 O OD1 . ASP A 1 106 ? 2.58631   -3.13838  13.38894  1.000 17.80198 ? 106 ASP A OD1 1 
ATOM   628 O OD2 . ASP A 1 106 ? 1.62051   -4.73728  12.23817  1.000 12.99882 ? 106 ASP A OD2 1 
ATOM   629 N N   . PRO A 1 107 ? 6.35072   -2.09155  12.27968  1.000 13.11083 ? 107 PRO A N   1 
ATOM   630 C CA  . PRO A 1 107 ? 7.57850   -2.72827  12.78753  1.000 17.24969 ? 107 PRO A CA  1 
ATOM   631 C C   . PRO A 1 107 ? 7.34631   -3.60142  14.01038  1.000 14.34724 ? 107 PRO A C   1 
ATOM   632 O O   . PRO A 1 107 ? 7.96254   -4.66568  14.12658  1.000 15.89945 ? 107 PRO A O   1 
ATOM   633 C CB  . PRO A 1 107 ? 8.49463   -1.53295  13.09411  1.000 18.55116 ? 107 PRO A CB  1 
ATOM   634 C CG  . PRO A 1 107 ? 7.57926   -0.35980  13.21985  1.000 15.26436 ? 107 PRO A CG  1 
ATOM   635 C CD  . PRO A 1 107 ? 6.45770   -0.62170  12.27058  1.000 13.89561 ? 107 PRO A CD  1 
ATOM   636 N N   . GLU A 1 108 ? 6.46514   -3.20163  14.92173  1.000 15.16941 ? 108 GLU A N   1 
ATOM   637 C CA  . GLU A 1 108 ? 6.19356   -4.00221  16.10804  1.000 17.63891 ? 108 GLU A CA  1 
ATOM   638 C C   . GLU A 1 108 ? 5.16737   -5.10145  15.86003  1.000 21.50639 ? 108 GLU A C   1 
ATOM   639 O O   . GLU A 1 108 ? 4.80665   -5.81529  16.80236  1.000 26.19709 ? 108 GLU A O   1 
ATOM   640 C CB  . GLU A 1 108 ? 5.72992   -3.10448  17.25666  1.000 17.04923 ? 108 GLU A CB  1 
ATOM   641 C CG  . GLU A 1 108 ? 6.80545   -2.15900  17.75680  1.000 25.28377 ? 108 GLU A CG  1 
ATOM   642 C CD  . GLU A 1 108 ? 6.23377   -0.87000  18.29967  1.000 26.27071 ? 108 GLU A CD  1 
ATOM   643 O OE1 . GLU A 1 108 ? 6.46156   0.19175   17.68199  1.000 42.43804 ? 108 GLU A OE1 1 
ATOM   644 O OE2 . GLU A 1 108 ? 5.55529   -0.91996  19.34588  1.000 24.76651 ? 108 GLU A OE2 1 
ATOM   645 N N   . ASP A 1 109 ? 4.71202   -5.26020  14.62037  1.000 15.81233 ? 109 ASP A N   1 
ATOM   646 C CA  . ASP A 1 109 ? 3.66899   -6.21675  14.24843  1.000 19.04619 ? 109 ASP A CA  1 
ATOM   647 C C   . ASP A 1 109 ? 2.48699   -6.13943  15.21440  1.000 17.69168 ? 109 ASP A C   1 
ATOM   648 O O   . ASP A 1 109 ? 2.11413   -7.10536  15.87933  1.000 19.40807 ? 109 ASP A O   1 
ATOM   649 C CB  . ASP A 1 109 ? 4.22194   -7.63627  14.16239  1.000 19.25615 ? 109 ASP A CB  1 
ATOM   650 C CG  . ASP A 1 109 ? 3.53398   -8.46028  13.09008  1.000 50.02436 ? 109 ASP A CG  1 
ATOM   651 O OD1 . ASP A 1 109 ? 3.22907   -7.90094  12.01704  1.000 42.65313 ? 109 ASP A OD1 1 
ATOM   652 O OD2 . ASP A 1 109 ? 3.29118   -9.66241  13.32067  1.000 45.91567 ? 109 ASP A OD2 1 
ATOM   653 N N   . GLN A 1 110 ? 1.90002   -4.94614  15.27799  1.000 16.97239 ? 110 GLN A N   1 
ATOM   654 C CA  . GLN A 1 110 ? 0.76857   -4.67101  16.14916  1.000 19.28299 ? 110 GLN A CA  1 
ATOM   655 C C   . GLN A 1 110 ? -0.49931  -4.33032  15.38231  1.000 12.52607 ? 110 GLN A C   1 
ATOM   656 O O   . GLN A 1 110 ? -1.53653  -4.08483  16.00863  1.000 20.19168 ? 110 GLN A O   1 
ATOM   657 C CB  . GLN A 1 110 ? 1.10719   -3.51872  17.10300  1.000 18.99631 ? 110 GLN A CB  1 
ATOM   658 C CG  . GLN A 1 110 ? 1.52946   -2.24952  16.37982  1.000 25.49242 ? 110 GLN A CG  1 
ATOM   659 C CD  . GLN A 1 110 ? 1.98367   -1.15549  17.32183  1.000 22.07480 ? 110 GLN A CD  1 
ATOM   660 O OE1 . GLN A 1 110 ? 1.43488   -0.99078  18.41074  1.000 35.84711 ? 110 GLN A OE1 1 
ATOM   661 N NE2 . GLN A 1 110 ? 2.99410   -0.39945  16.90655  1.000 16.52507 ? 110 GLN A NE2 1 
ATOM   662 N N   . TYR A 1 111 ? -0.44889  -4.30472  14.05129  1.000 18.89951 ? 111 TYR A N   1 
ATOM   663 C CA  . TYR A 1 111 ? -1.56851  -3.86441  13.23101  1.000 15.40060 ? 111 TYR A CA  1 
ATOM   664 C C   . TYR A 1 111 ? -2.14109  -4.97998  12.37120  1.000 12.45608 ? 111 TYR A C   1 
ATOM   665 O O   . TYR A 1 111 ? -2.92357  -4.70136  11.45685  1.000 12.41380 ? 111 TYR A O   1 
ATOM   666 C CB  . TYR A 1 111 ? -1.13746  -2.69301  12.34601  1.000 15.51727 ? 111 TYR A CB  1 
ATOM   667 C CG  . TYR A 1 111 ? -0.64062  -1.50336  13.12934  1.000 9.05324  ? 111 TYR A CG  1 
ATOM   668 C CD1 . TYR A 1 111 ? -1.35455  -1.02234  14.21779  1.000 13.07938 ? 111 TYR A CD1 1 
ATOM   669 C CD2 . TYR A 1 111 ? 0.54262   -0.86476  12.78729  1.000 11.55891 ? 111 TYR A CD2 1 
ATOM   670 C CE1 . TYR A 1 111 ? -0.90660  0.06342   14.94243  1.000 16.69563 ? 111 TYR A CE1 1 
ATOM   671 C CE2 . TYR A 1 111 ? 1.00023   0.22393   13.50638  1.000 14.76293 ? 111 TYR A CE2 1 
ATOM   672 C CZ  . TYR A 1 111 ? 0.27105   0.68247   14.58316  1.000 14.73246 ? 111 TYR A CZ  1 
ATOM   673 O OH  . TYR A 1 111 ? 0.71872   1.76402   15.30441  1.000 16.34676 ? 111 TYR A OH  1 
ATOM   674 N N   . LYS A 1 112 ? -1.78116  -6.23575  12.64839  1.000 17.12358 ? 112 LYS A N   1 
ATOM   675 C CA  . LYS A 1 112 ? -2.19510  -7.32956  11.77565  1.000 21.87105 ? 112 LYS A CA  1 
ATOM   676 C C   . LYS A 1 112 ? -3.71013  -7.47025  11.73164  1.000 17.03214 ? 112 LYS A C   1 
ATOM   677 O O   . LYS A 1 112 ? -4.28958  -7.62168  10.65168  1.000 30.03239 ? 112 LYS A O   1 
ATOM   678 C CB  . LYS A 1 112 ? -1.54594  -8.63717  12.21957  1.000 22.38648 ? 112 LYS A CB  1 
ATOM   679 C CG  . LYS A 1 112 ? -1.40046  -9.64051  11.09302  1.000 27.52397 ? 112 LYS A CG  1 
ATOM   680 C CD  . LYS A 1 112 ? -0.80421  -10.93616 11.59128  1.000 30.32742 ? 112 LYS A CD  1 
ATOM   681 C CE  . LYS A 1 112 ? 0.62238   -10.71448 12.04740  1.000 38.78004 ? 112 LYS A CE  1 
ATOM   682 N NZ  . LYS A 1 112 ? 1.19941   -11.92439 12.68544  1.000 34.46081 ? 112 LYS A NZ  1 
ATOM   683 N N   . GLU A 1 113 ? -4.37153  -7.41838  12.89014  1.000 17.28626 ? 113 GLU A N   1 
ATOM   684 C CA  . GLU A 1 113 ? -5.82998  -7.47939  12.89742  1.000 18.16763 ? 113 GLU A CA  1 
ATOM   685 C C   . GLU A 1 113 ? -6.42979  -6.39171  12.01653  1.000 20.47886 ? 113 GLU A C   1 
ATOM   686 O O   . GLU A 1 113 ? -7.41023  -6.62955  11.30176  1.000 26.62995 ? 113 GLU A O   1 
ATOM   687 C CB  . GLU A 1 113 ? -6.36183  -7.35503  14.32251  1.000 16.65051 ? 113 GLU A CB  1 
ATOM   688 C CG  . GLU A 1 113 ? -7.86866  -7.14447  14.39016  1.000 28.83315 ? 113 GLU A CG  1 
ATOM   689 C CD  . GLU A 1 113 ? -8.32885  -6.63775  15.73986  1.000 45.63825 ? 113 GLU A CD  1 
ATOM   690 O OE1 . GLU A 1 113 ? -8.03165  -7.29998  16.75745  1.000 33.19748 ? 113 GLU A OE1 1 
ATOM   691 O OE2 . GLU A 1 113 ? -8.98951  -5.57724  15.78029  1.000 40.60591 ? 113 GLU A OE2 1 
ATOM   692 N N   . ASN A 1 114 ? -5.83730  -5.19740  12.03403  1.000 17.20221 ? 114 ASN A N   1 
ATOM   693 C CA  . ASN A 1 114 ? -6.39182  -4.08706  11.26897  1.000 17.64121 ? 114 ASN A CA  1 
ATOM   694 C C   . ASN A 1 114 ? -6.23852  -4.31306  9.77009   1.000 21.17589 ? 114 ASN A C   1 
ATOM   695 O O   . ASN A 1 114 ? -7.22416  -4.26087  9.02554   1.000 22.36261 ? 114 ASN A O   1 
ATOM   696 C CB  . ASN A 1 114 ? -5.73252  -2.77495  11.69413  1.000 18.87469 ? 114 ASN A CB  1 
ATOM   697 C CG  . ASN A 1 114 ? -6.21802  -2.29784  13.04798  1.000 19.14341 ? 114 ASN A CG  1 
ATOM   698 O OD1 . ASN A 1 114 ? -7.22800  -2.78202  13.56039  1.000 15.19247 ? 114 ASN A OD1 1 
ATOM   699 N ND2 . ASN A 1 114 ? -5.49830  -1.35107  13.63889  1.000 7.40651  ? 114 ASN A ND2 1 
ATOM   700 N N   . TYR A 1 115 ? -5.01452  -4.57175  9.30062   1.000 18.80677 ? 115 TYR A N   1 
ATOM   701 C CA  . TYR A 1 115 ? -4.83663  -4.68697  7.85881   1.000 19.18019 ? 115 TYR A CA  1 
ATOM   702 C C   . TYR A 1 115 ? -5.28465  -6.03517  7.31234   1.000 20.70556 ? 115 TYR A C   1 
ATOM   703 O O   . TYR A 1 115 ? -5.56449  -6.13041  6.11619   1.000 14.03439 ? 115 TYR A O   1 
ATOM   704 C CB  . TYR A 1 115 ? -3.38391  -4.38797  7.44669   1.000 18.20640 ? 115 TYR A CB  1 
ATOM   705 C CG  . TYR A 1 115 ? -2.30352  -5.37236  7.86211   1.000 12.11582 ? 115 TYR A CG  1 
ATOM   706 C CD1 . TYR A 1 115 ? -1.35912  -5.02139  8.81412   1.000 13.80397 ? 115 TYR A CD1 1 
ATOM   707 C CD2 . TYR A 1 115 ? -2.18764  -6.62196  7.25936   1.000 19.98385 ? 115 TYR A CD2 1 
ATOM   708 C CE1 . TYR A 1 115 ? -0.35994  -5.89086  9.18457   1.000 15.06998 ? 115 TYR A CE1 1 
ATOM   709 C CE2 . TYR A 1 115 ? -1.18776  -7.50467  7.62781   1.000 16.34960 ? 115 TYR A CE2 1 
ATOM   710 C CZ  . TYR A 1 115 ? -0.27637  -7.13238  8.59184   1.000 20.07811 ? 115 TYR A CZ  1 
ATOM   711 O OH  . TYR A 1 115 ? 0.72587   -7.99852  8.96674   1.000 13.07560 ? 115 TYR A OH  1 
ATOM   712 N N   . GLU A 1 116 ? -5.38315  -7.07348  8.14331   1.000 21.68204 ? 116 GLU A N   1 
ATOM   713 C CA  . GLU A 1 116 ? -5.91800  -8.32493  7.61831   1.000 24.82376 ? 116 GLU A CA  1 
ATOM   714 C C   . GLU A 1 116 ? -7.42889  -8.25083  7.45240   1.000 21.92041 ? 116 GLU A C   1 
ATOM   715 O O   . GLU A 1 116 ? -7.96807  -8.73168  6.45081   1.000 22.20125 ? 116 GLU A O   1 
ATOM   716 C CB  . GLU A 1 116 ? -5.52824  -9.50364  8.51149   1.000 23.39309 ? 116 GLU A CB  1 
ATOM   717 C CG  . GLU A 1 116 ? -4.03204  -9.80898  8.52218   1.000 20.34092 ? 116 GLU A CG  1 
ATOM   718 C CD  . GLU A 1 116 ? -3.54050  -10.50959 7.26574   1.000 14.51469 ? 116 GLU A CD  1 
ATOM   719 O OE1 . GLU A 1 116 ? -2.54833  -11.26035 7.36383   1.000 16.60641 ? 116 GLU A OE1 1 
ATOM   720 O OE2 . GLU A 1 116 ? -4.12732  -10.31336 6.18061   1.000 22.67276 ? 116 GLU A OE2 1 
ATOM   721 N N   . THR A 1 117 ? -8.12448  -7.64040  8.41243   1.000 22.87412 ? 117 THR A N   1 
ATOM   722 C CA  . THR A 1 117 ? -9.55878  -7.43190  8.25702   1.000 22.35928 ? 117 THR A CA  1 
ATOM   723 C C   . THR A 1 117 ? -9.84397  -6.46832  7.11213   1.000 23.09809 ? 117 THR A C   1 
ATOM   724 O O   . THR A 1 117 ? -10.82872 -6.63070  6.38285   1.000 26.17988 ? 117 THR A O   1 
ATOM   725 C CB  . THR A 1 117 ? -10.15286 -6.91007  9.56160   1.000 23.05315 ? 117 THR A CB  1 
ATOM   726 O OG1 . THR A 1 117 ? -9.28965  -5.90143  10.10168  1.000 49.00807 ? 117 THR A OG1 1 
ATOM   727 C CG2 . THR A 1 117 ? -10.29886 -8.05955  10.56803  1.000 17.68675 ? 117 THR A CG2 1 
ATOM   728 N N   . PHE A 1 118 ? -8.98467  -5.46286  6.93086   1.000 18.43922 ? 118 PHE A N   1 
ATOM   729 C CA  . PHE A 1 118 ? -9.13190  -4.56844  5.78885   1.000 20.65114 ? 118 PHE A CA  1 
ATOM   730 C C   . PHE A 1 118 ? -8.90282  -5.31335  4.47948   1.000 21.66426 ? 118 PHE A C   1 
ATOM   731 O O   . PHE A 1 118 ? -9.69773  -5.20137  3.54076   1.000 25.91493 ? 118 PHE A O   1 
ATOM   732 C CB  . PHE A 1 118 ? -8.16751  -3.38999  5.90716   1.000 18.32958 ? 118 PHE A CB  1 
ATOM   733 C CG  . PHE A 1 118 ? -8.09151  -2.55966  4.66193   1.000 19.32438 ? 118 PHE A CG  1 
ATOM   734 C CD1 . PHE A 1 118 ? -6.95088  -2.56278  3.87554   1.000 13.01597 ? 118 PHE A CD1 1 
ATOM   735 C CD2 . PHE A 1 118 ? -9.17074  -1.78888  4.26621   1.000 25.54524 ? 118 PHE A CD2 1 
ATOM   736 C CE1 . PHE A 1 118 ? -6.89015  -1.80508  2.71824   1.000 20.37422 ? 118 PHE A CE1 1 
ATOM   737 C CE2 . PHE A 1 118 ? -9.11622  -1.02909  3.11291   1.000 19.33153 ? 118 PHE A CE2 1 
ATOM   738 C CZ  . PHE A 1 118 ? -7.97270  -1.03307  2.33987   1.000 18.40830 ? 118 PHE A CZ  1 
ATOM   739 N N   . LEU A 1 119 ? -7.81574  -6.08356  4.39733   1.000 23.53989 ? 119 LEU A N   1 
ATOM   740 C CA  . LEU A 1 119 ? -7.49985  -6.77825  3.15513   1.000 27.21920 ? 119 LEU A CA  1 
ATOM   741 C C   . LEU A 1 119 ? -8.44705  -7.93802  2.87585   1.000 28.51629 ? 119 LEU A C   1 
ATOM   742 O O   . LEU A 1 119 ? -8.49444  -8.41667  1.73844   1.000 37.09053 ? 119 LEU A O   1 
ATOM   743 C CB  . LEU A 1 119 ? -6.05665  -7.28441  3.17963   1.000 24.34426 ? 119 LEU A CB  1 
ATOM   744 C CG  . LEU A 1 119 ? -4.96391  -6.21209  3.14867   1.000 19.14702 ? 119 LEU A CG  1 
ATOM   745 C CD1 . LEU A 1 119 ? -3.59383  -6.82545  3.40926   1.000 18.40125 ? 119 LEU A CD1 1 
ATOM   746 C CD2 . LEU A 1 119 ? -4.98257  -5.43413  1.84722   1.000 24.65719 ? 119 LEU A CD2 1 
ATOM   747 N N   . ALA A 1 120 ? -9.20116  -8.39650  3.87376   1.000 27.79069 ? 120 ALA A N   1 
ATOM   748 C CA  . ALA A 1 120 ? -10.11834 -9.51630  3.70426   1.000 34.12782 ? 120 ALA A CA  1 
ATOM   749 C C   . ALA A 1 120 ? -11.52140 -9.08438  3.29801   1.000 36.64068 ? 120 ALA A C   1 
ATOM   750 O O   . ALA A 1 120 ? -12.41811 -9.93101  3.22712   1.000 41.51720 ? 120 ALA A O   1 
ATOM   751 C CB  . ALA A 1 120 ? -10.19305 -10.34366 4.99057   1.000 21.21665 ? 120 ALA A CB  1 
ATOM   752 N N   . ALA A 1 121 ? -11.73434 -7.80070  3.02974   1.000 37.32719 ? 121 ALA A N   1 
ATOM   753 C CA  . ALA A 1 121 ? -13.06626 -7.31239  2.68929   1.000 38.87946 ? 121 ALA A CA  1 
ATOM   754 C C   . ALA A 1 121 ? -13.07641 -6.61165  1.33539   1.000 27.32762 ? 121 ALA A C   1 
ATOM   755 O O   . ALA A 1 121 ? -14.12645 -6.47032  0.70984   1.000 48.92186 ? 121 ALA A O   1 
ATOM   756 C CB  . ALA A 1 121 ? -13.57797 -6.37679  3.77443   1.000 35.95126 ? 121 ALA A CB  1 
HETATM 757 O O   . HOH B 2 .   ? 1.79386   -7.09643  10.81327  1.000 21.30865 ? 201 HOH A O   1 
HETATM 758 O O   . HOH B 2 .   ? -0.13039  14.27605  -11.80919 1.000 31.63014 ? 202 HOH A O   1 
HETATM 759 O O   . HOH B 2 .   ? 2.47321   9.13958   -10.88740 1.000 29.15015 ? 203 HOH A O   1 
HETATM 760 O O   . HOH B 2 .   ? -15.35077 -5.85575  -1.00167  1.000 39.04934 ? 204 HOH A O   1 
HETATM 761 O O   . HOH B 2 .   ? 14.36165  -6.24764  0.40664   1.000 38.49330 ? 205 HOH A O   1 
HETATM 762 O O   . HOH B 2 .   ? -5.01067  -1.48248  8.48415   1.000 28.98239 ? 206 HOH A O   1 
HETATM 763 O O   . HOH B 2 .   ? 3.06607   -5.10554  -12.11425 1.000 34.23698 ? 207 HOH A O   1 
HETATM 764 O O   . HOH B 2 .   ? 14.47566  -3.17232  -2.26640  1.000 49.98607 ? 208 HOH A O   1 
HETATM 765 O O   . HOH B 2 .   ? 9.59640   6.93101   -6.73217  1.000 20.42003 ? 209 HOH A O   1 
HETATM 766 O O   . HOH B 2 .   ? -3.63674  -10.29432 0.93759   1.000 26.51702 ? 210 HOH A O   1 
HETATM 767 O O   . HOH B 2 .   ? -2.37277  7.99737   8.50569   1.000 12.78500 ? 211 HOH A O   1 
HETATM 768 O O   . HOH B 2 .   ? 5.45155   -6.40068  10.85493  1.000 31.35653 ? 212 HOH A O   1 
HETATM 769 O O   . HOH B 2 .   ? 2.59761   3.35129   14.60698  1.000 9.67741  ? 213 HOH A O   1 
HETATM 770 O O   . HOH B 2 .   ? 3.18734   5.62831   -4.14996  1.000 29.01239 ? 214 HOH A O   1 
HETATM 771 O O   . HOH B 2 .   ? 4.19694   -6.33518  -10.03826 1.000 14.93718 ? 215 HOH A O   1 
HETATM 772 O O   . HOH B 2 .   ? -14.50729 -1.90138  1.02524   1.000 25.07918 ? 216 HOH A O   1 
HETATM 773 O O   . HOH B 2 .   ? 11.09710  -0.68654  4.93765   1.000 12.92677 ? 217 HOH A O   1 
HETATM 774 O O   . HOH B 2 .   ? 9.28596   -7.09218  7.39909   1.000 23.10239 ? 218 HOH A O   1 
HETATM 775 O O   . HOH B 2 .   ? -2.33510  8.21868   6.22412   1.000 15.12521 ? 219 HOH A O   1 
HETATM 776 O O   . HOH B 2 .   ? -0.33398  14.67964  -2.96911  1.000 26.71965 ? 220 HOH A O   1 
HETATM 777 O O   . HOH B 2 .   ? 4.18536   -1.06074  14.46025  1.000 15.53845 ? 221 HOH A O   1 
HETATM 778 O O   . HOH B 2 .   ? -6.15423  11.81758  -0.85025  1.000 22.50426 ? 222 HOH A O   1 
HETATM 779 O O   . HOH B 2 .   ? 9.22828   -7.21036  -4.72538  1.000 25.07607 ? 223 HOH A O   1 
HETATM 780 O O   . HOH B 2 .   ? 16.63529  4.06479   -3.97225  1.000 20.94370 ? 224 HOH A O   1 
HETATM 781 O O   . HOH B 2 .   ? 3.66906   -12.90070 0.83028   1.000 18.75261 ? 225 HOH A O   1 
HETATM 782 O O   . HOH B 2 .   ? 1.72645   -10.57247 8.04120   1.000 25.46950 ? 226 HOH A O   1 
HETATM 783 O O   . HOH B 2 .   ? 6.42729   -12.07699 -4.49453  1.000 25.78575 ? 227 HOH A O   1 
HETATM 784 O O   . HOH B 2 .   ? -5.77597  7.77641   4.24158   1.000 31.06373 ? 228 HOH A O   1 
HETATM 785 O O   . HOH B 2 .   ? 13.01156  -3.84256  -8.10257  1.000 19.07239 ? 229 HOH A O   1 
HETATM 786 O O   . HOH B 2 .   ? 5.51571   2.72145   11.98857  1.000 21.99049 ? 230 HOH A O   1 
HETATM 787 O O   . HOH B 2 .   ? 5.44222   -5.17649  -16.40060 1.000 33.56642 ? 231 HOH A O   1 
HETATM 788 O O   . HOH B 2 .   ? 1.37131   5.95447   13.13890  1.000 24.50084 ? 232 HOH A O   1 
HETATM 789 O O   . HOH B 2 .   ? 9.26576   13.30496  -3.39197  1.000 19.07239 ? 233 HOH A O   1 
HETATM 790 O O   . HOH B 2 .   ? 2.99089   -11.66715 5.44275   1.000 27.58650 ? 234 HOH A O   1 
HETATM 791 O O   . HOH B 2 .   ? 4.15745   5.40643   11.22815  1.000 33.10092 ? 235 HOH A O   1 
HETATM 792 O O   . HOH B 2 .   ? 5.36538   8.07874   7.33322   1.000 29.87630 ? 236 HOH A O   1 
HETATM 793 O O   . HOH B 2 .   ? -16.66597 7.44785   -0.08444  1.000 34.24382 ? 237 HOH A O   1 
HETATM 794 O O   . HOH B 2 .   ? 9.91272   -10.41663 -4.48118  1.000 28.35064 ? 238 HOH A O   1 
HETATM 795 O O   . HOH B 2 .   ? -2.71961  -11.00265 -1.05035  1.000 21.70997 ? 239 HOH A O   1 
HETATM 796 O O   . HOH B 2 .   ? 4.07384   1.53908   13.78385  1.000 10.48694 ? 240 HOH A O   1 
HETATM 797 O O   . HOH B 2 .   ? 11.29590  2.20249   -13.16840 1.000 33.70898 ? 241 HOH A O   1 
HETATM 798 O O   . HOH B 2 .   ? 3.69901   7.69308   12.97390  1.000 22.23381 ? 242 HOH A O   1 
# 
